data_2DXC
#
_entry.id   2DXC
#
_cell.length_a   114.874
_cell.length_b   170.531
_cell.length_c   175.152
_cell.angle_alpha   90.00
_cell.angle_beta   90.00
_cell.angle_gamma   90.00
#
_symmetry.space_group_name_H-M   'P 21 21 21'
#
loop_
_entity.id
_entity.type
_entity.pdbx_description
1 polymer 'Thiocyanate hydrolase subunit alpha'
2 polymer 'Thiocyanate hydrolase subunit beta'
3 polymer 'Thiocyanate hydrolase subunit gamma'
4 non-polymer 'COBALT (III) ION'
5 non-polymer 'L(+)-TARTARIC ACID'
6 water water
#
loop_
_entity_poly.entity_id
_entity_poly.type
_entity_poly.pdbx_seq_one_letter_code
_entity_poly.pdbx_strand_id
1 'polypeptide(L)'
;MSDSHHKPVWDRTHHAKMATGIGDPQCFKGMAGKSKFNVGDRVRIKDLPDLFYTRTMTYTRGATGTIVRLVYESPAAEDE
AFGNEENVEWFYSIVFAQKDLWPEYSDTFANDTLETEIPERYLEKA
;
A,D,G,J
2 'polypeptide(L)'
;MSSSIREEVHRHLGTVALMQPALHQQTHAPAPTEITHTLFRAYTRVPHDVGGEADVPIEYHEKEEEIWELNTFATCECLA
WRGVWTAEERRRKQNCDVGQTVYLGMPYYGRWLLTAARILVDKQFVTLTELHNKIVEMRERVASGQGLGEYLPPKAK
;
B,E,H,K
3 'polypeptide(L)'
;MSADHDHDHDHDHDHKPAPMVEEVSDFEILEMAVRELAIEKGLFSAEDHRVWKDYVHTLGPLPAARLVAKAWLDPEYKKL
CIEDGVEASKAVGVNWVTSPPTQFGTPSDYCNLRVLADSPTLKHVVVCTL(CSD)S(CSO)YPRPILGQSPEWYRSPNYR
RRLVRWPRQVLAEFGLQLPSEVQIRVADSNQKTRYIVMPVRPEGTDGWTEDQLAEIVTRDCLIGVAVPKPGITVNAKRPV
LKANRPVHHDH
;
C,F,I,L
#
loop_
_chem_comp.id
_chem_comp.type
_chem_comp.name
_chem_comp.formula
3CO non-polymer 'COBALT (III) ION' 'Co 3'
TLA non-polymer 'L(+)-TARTARIC ACID' 'C4 H6 O6'
#
# COMPACT_ATOMS: atom_id res chain seq x y z
N PRO A 8 29.77 -17.38 -29.74
CA PRO A 8 30.06 -17.54 -28.29
C PRO A 8 29.77 -18.96 -27.83
N VAL A 9 30.80 -19.68 -27.42
CA VAL A 9 30.63 -21.06 -26.97
C VAL A 9 30.87 -21.19 -25.47
N TRP A 10 30.01 -21.95 -24.80
CA TRP A 10 30.15 -22.15 -23.38
C TRP A 10 30.71 -23.54 -23.09
N ASP A 11 31.76 -23.60 -22.28
CA ASP A 11 32.40 -24.86 -21.92
C ASP A 11 31.49 -25.57 -20.91
N ARG A 12 30.86 -26.65 -21.35
CA ARG A 12 29.95 -27.38 -20.48
C ARG A 12 30.57 -28.63 -19.85
N THR A 13 31.88 -28.79 -20.01
CA THR A 13 32.56 -29.97 -19.45
C THR A 13 33.59 -29.61 -18.39
N HIS A 14 33.94 -28.33 -18.30
CA HIS A 14 34.96 -27.89 -17.34
C HIS A 14 34.74 -28.32 -15.88
N HIS A 15 33.58 -27.96 -15.32
CA HIS A 15 33.29 -28.29 -13.92
C HIS A 15 33.33 -29.80 -13.65
N ALA A 16 32.65 -30.57 -14.49
CA ALA A 16 32.61 -32.01 -14.33
C ALA A 16 34.00 -32.65 -14.39
N LYS A 17 34.76 -32.32 -15.42
CA LYS A 17 36.10 -32.87 -15.59
C LYS A 17 36.98 -32.55 -14.38
N MET A 18 36.75 -31.39 -13.79
CA MET A 18 37.52 -30.95 -12.63
C MET A 18 37.08 -31.54 -11.29
N ALA A 19 35.78 -31.69 -11.07
CA ALA A 19 35.30 -32.19 -9.79
C ALA A 19 34.90 -33.65 -9.69
N THR A 20 34.79 -34.35 -10.82
CA THR A 20 34.38 -35.75 -10.77
C THR A 20 35.31 -36.62 -9.92
N GLY A 21 34.70 -37.39 -9.02
CA GLY A 21 35.47 -38.26 -8.14
C GLY A 21 36.17 -37.52 -7.02
N ILE A 22 36.04 -36.20 -6.99
CA ILE A 22 36.67 -35.37 -5.97
C ILE A 22 35.65 -34.59 -5.15
N GLY A 23 34.73 -33.92 -5.83
CA GLY A 23 33.71 -33.15 -5.14
C GLY A 23 33.98 -31.66 -5.15
N ASP A 24 32.96 -30.90 -4.75
CA ASP A 24 32.99 -29.44 -4.69
C ASP A 24 32.59 -29.12 -3.24
N PRO A 25 33.39 -28.32 -2.52
CA PRO A 25 34.63 -27.62 -2.87
C PRO A 25 35.97 -28.37 -2.80
N GLN A 26 35.94 -29.69 -2.60
CA GLN A 26 37.19 -30.45 -2.53
C GLN A 26 38.10 -30.19 -3.74
N CYS A 27 37.50 -29.98 -4.91
CA CYS A 27 38.28 -29.74 -6.12
C CYS A 27 39.11 -28.47 -6.12
N PHE A 28 38.86 -27.58 -5.16
CA PHE A 28 39.61 -26.32 -5.08
C PHE A 28 40.68 -26.34 -4.00
N LYS A 29 40.82 -27.47 -3.32
CA LYS A 29 41.78 -27.62 -2.24
C LYS A 29 43.20 -27.23 -2.66
N GLY A 30 43.82 -26.38 -1.84
CA GLY A 30 45.18 -25.94 -2.10
C GLY A 30 45.34 -24.74 -3.01
N MET A 31 44.28 -24.40 -3.74
CA MET A 31 44.35 -23.28 -4.67
C MET A 31 44.32 -21.89 -4.05
N ALA A 32 43.99 -21.80 -2.76
CA ALA A 32 43.93 -20.50 -2.09
C ALA A 32 45.27 -20.10 -1.48
N GLY A 33 46.20 -21.05 -1.38
CA GLY A 33 47.49 -20.75 -0.79
C GLY A 33 47.38 -20.64 0.72
N LYS A 34 48.23 -19.81 1.33
CA LYS A 34 48.20 -19.64 2.78
C LYS A 34 47.04 -18.80 3.27
N SER A 35 46.38 -19.27 4.34
CA SER A 35 45.26 -18.55 4.93
C SER A 35 45.75 -17.29 5.64
N LYS A 36 44.97 -16.23 5.55
CA LYS A 36 45.32 -14.96 6.18
C LYS A 36 44.98 -14.94 7.67
N PHE A 37 44.03 -15.78 8.07
CA PHE A 37 43.60 -15.85 9.46
C PHE A 37 43.60 -17.29 9.97
N ASN A 38 43.53 -17.45 11.29
CA ASN A 38 43.51 -18.78 11.89
C ASN A 38 42.39 -18.90 12.92
N VAL A 39 42.09 -20.13 13.31
CA VAL A 39 41.07 -20.39 14.30
C VAL A 39 41.38 -19.61 15.56
N GLY A 40 40.36 -18.94 16.11
CA GLY A 40 40.56 -18.17 17.32
C GLY A 40 40.70 -16.67 17.08
N ASP A 41 41.08 -16.27 15.87
CA ASP A 41 41.23 -14.86 15.56
C ASP A 41 39.92 -14.09 15.60
N ARG A 42 39.99 -12.84 16.05
CA ARG A 42 38.82 -11.97 16.12
C ARG A 42 38.83 -11.16 14.83
N VAL A 43 37.75 -11.23 14.06
CA VAL A 43 37.67 -10.49 12.81
C VAL A 43 36.40 -9.65 12.69
N ARG A 44 36.53 -8.53 11.98
CA ARG A 44 35.41 -7.63 11.75
C ARG A 44 35.03 -7.79 10.29
N ILE A 45 33.73 -7.77 10.00
CA ILE A 45 33.25 -7.93 8.64
C ILE A 45 33.24 -6.61 7.89
N LYS A 46 34.02 -6.52 6.81
CA LYS A 46 34.08 -5.29 6.02
C LYS A 46 32.79 -5.13 5.24
N ASP A 47 32.31 -3.90 5.14
CA ASP A 47 31.09 -3.62 4.40
C ASP A 47 31.45 -3.32 2.95
N LEU A 48 31.84 -4.37 2.22
CA LEU A 48 32.22 -4.23 0.83
C LEU A 48 30.96 -3.97 -0.01
N PRO A 49 31.11 -3.30 -1.16
CA PRO A 49 29.96 -3.02 -2.02
C PRO A 49 29.19 -4.32 -2.31
N ASP A 50 27.86 -4.22 -2.31
CA ASP A 50 26.97 -5.37 -2.53
C ASP A 50 26.30 -5.37 -3.89
N LEU A 51 26.55 -4.37 -4.72
CA LEU A 51 25.90 -4.27 -6.03
C LEU A 51 25.84 -5.61 -6.78
N PHE A 52 24.64 -5.94 -7.25
CA PHE A 52 24.38 -7.15 -8.04
C PHE A 52 24.37 -8.49 -7.30
N TYR A 53 25.36 -8.74 -6.46
CA TYR A 53 25.39 -10.02 -5.75
C TYR A 53 26.38 -10.08 -4.60
N THR A 54 26.02 -10.86 -3.58
CA THR A 54 26.85 -11.09 -2.41
C THR A 54 26.19 -12.16 -1.56
N ARG A 55 26.99 -12.96 -0.86
CA ARG A 55 26.46 -13.99 0.01
C ARG A 55 26.91 -13.72 1.45
N THR A 56 27.35 -12.48 1.70
CA THR A 56 27.75 -12.05 3.03
C THR A 56 26.63 -11.12 3.47
N MET A 57 25.68 -11.68 4.22
CA MET A 57 24.50 -10.96 4.69
C MET A 57 24.74 -9.57 5.26
N THR A 58 23.81 -8.67 4.95
CA THR A 58 23.89 -7.30 5.42
C THR A 58 23.91 -7.26 6.95
N TYR A 59 23.17 -8.16 7.60
CA TYR A 59 23.13 -8.14 9.06
C TYR A 59 24.47 -8.39 9.75
N THR A 60 25.47 -8.85 9.00
CA THR A 60 26.80 -9.10 9.59
C THR A 60 27.79 -7.97 9.36
N ARG A 61 27.48 -7.06 8.44
CA ARG A 61 28.41 -5.98 8.12
C ARG A 61 28.82 -5.12 9.33
N GLY A 62 30.13 -4.97 9.51
CA GLY A 62 30.63 -4.17 10.62
C GLY A 62 30.66 -4.86 11.97
N ALA A 63 30.15 -6.08 12.04
CA ALA A 63 30.14 -6.81 13.30
C ALA A 63 31.45 -7.58 13.45
N THR A 64 31.81 -7.88 14.70
CA THR A 64 33.04 -8.62 14.98
C THR A 64 32.70 -10.00 15.52
N GLY A 65 33.42 -11.01 15.03
CA GLY A 65 33.18 -12.37 15.48
C GLY A 65 34.48 -13.15 15.67
N THR A 66 34.32 -14.42 16.02
CA THR A 66 35.46 -15.30 16.24
C THR A 66 35.50 -16.42 15.20
N ILE A 67 36.65 -16.61 14.57
CA ILE A 67 36.81 -17.67 13.57
C ILE A 67 36.90 -18.97 14.37
N VAL A 68 36.07 -19.94 14.02
CA VAL A 68 36.09 -21.22 14.74
C VAL A 68 36.53 -22.36 13.82
N ARG A 69 36.71 -22.07 12.54
CA ARG A 69 37.13 -23.09 11.60
C ARG A 69 37.38 -22.58 10.19
N LEU A 70 38.40 -23.13 9.54
CA LEU A 70 38.70 -22.81 8.14
C LEU A 70 38.00 -23.99 7.49
N VAL A 71 36.81 -23.75 6.97
CA VAL A 71 36.01 -24.82 6.38
C VAL A 71 36.48 -25.42 5.07
N TYR A 72 36.97 -24.59 4.16
CA TYR A 72 37.45 -25.06 2.86
C TYR A 72 37.94 -23.91 2.02
N GLU A 73 38.34 -24.22 0.79
CA GLU A 73 38.82 -23.22 -0.16
C GLU A 73 37.86 -23.27 -1.33
N SER A 74 37.59 -22.11 -1.94
CA SER A 74 36.67 -22.05 -3.06
C SER A 74 36.63 -20.65 -3.62
N PRO A 75 36.20 -20.51 -4.89
CA PRO A 75 36.14 -19.16 -5.42
C PRO A 75 34.99 -18.49 -4.67
N ALA A 76 35.06 -17.18 -4.49
CA ALA A 76 33.99 -16.48 -3.79
C ALA A 76 32.72 -16.62 -4.62
N ALA A 77 31.56 -16.62 -3.95
CA ALA A 77 30.30 -16.74 -4.66
C ALA A 77 30.11 -15.55 -5.60
N GLU A 78 30.65 -14.41 -5.21
CA GLU A 78 30.56 -13.19 -6.00
C GLU A 78 31.19 -13.39 -7.39
N ASP A 79 32.14 -14.30 -7.48
CA ASP A 79 32.80 -14.58 -8.75
C ASP A 79 32.19 -15.82 -9.41
N GLU A 80 31.99 -16.87 -8.63
CA GLU A 80 31.42 -18.11 -9.13
C GLU A 80 30.04 -17.90 -9.79
N ALA A 81 29.21 -17.05 -9.18
CA ALA A 81 27.87 -16.78 -9.69
C ALA A 81 27.88 -16.06 -11.03
N PHE A 82 29.05 -15.64 -11.48
CA PHE A 82 29.17 -14.96 -12.76
C PHE A 82 30.14 -15.70 -13.69
N GLY A 83 30.43 -16.94 -13.35
CA GLY A 83 31.29 -17.78 -14.17
C GLY A 83 32.78 -17.48 -14.08
N ASN A 84 33.19 -16.82 -13.00
CA ASN A 84 34.61 -16.49 -12.81
C ASN A 84 35.18 -17.33 -11.67
N GLU A 85 35.90 -18.38 -12.03
CA GLU A 85 36.48 -19.27 -11.02
C GLU A 85 38.00 -19.27 -10.98
N GLU A 86 38.62 -18.29 -11.63
CA GLU A 86 40.07 -18.19 -11.68
C GLU A 86 40.72 -17.98 -10.31
N ASN A 87 40.01 -17.30 -9.41
CA ASN A 87 40.55 -17.04 -8.08
C ASN A 87 39.83 -17.82 -6.98
N VAL A 88 40.62 -18.45 -6.11
CA VAL A 88 40.10 -19.23 -5.00
C VAL A 88 40.64 -18.65 -3.69
N GLU A 89 39.79 -18.62 -2.67
CA GLU A 89 40.22 -18.10 -1.38
C GLU A 89 39.67 -18.93 -0.24
N TRP A 90 40.18 -18.66 0.96
CA TRP A 90 39.74 -19.38 2.14
C TRP A 90 38.40 -18.90 2.67
N PHE A 91 37.59 -19.85 3.12
CA PHE A 91 36.28 -19.57 3.70
C PHE A 91 36.41 -19.89 5.19
N TYR A 92 35.85 -19.02 6.03
CA TYR A 92 35.93 -19.19 7.48
C TYR A 92 34.56 -19.24 8.12
N SER A 93 34.40 -20.08 9.13
CA SER A 93 33.13 -20.16 9.85
C SER A 93 33.34 -19.23 11.05
N ILE A 94 32.49 -18.22 11.16
CA ILE A 94 32.59 -17.21 12.22
C ILE A 94 31.41 -17.23 13.19
N VAL A 95 31.70 -17.08 14.48
CA VAL A 95 30.66 -17.06 15.50
C VAL A 95 30.51 -15.65 16.06
N PHE A 96 29.30 -15.13 16.00
CA PHE A 96 28.98 -13.79 16.50
C PHE A 96 28.10 -13.89 17.73
N ALA A 97 28.28 -12.96 18.67
CA ALA A 97 27.44 -12.92 19.86
C ALA A 97 26.18 -12.21 19.37
N GLN A 98 25.01 -12.76 19.65
CA GLN A 98 23.76 -12.17 19.20
C GLN A 98 23.63 -10.70 19.60
N LYS A 99 24.08 -10.36 20.80
CA LYS A 99 24.00 -8.99 21.28
C LYS A 99 24.82 -8.05 20.39
N ASP A 100 25.81 -8.58 19.67
CA ASP A 100 26.62 -7.73 18.79
C ASP A 100 25.95 -7.50 17.45
N LEU A 101 24.90 -8.25 17.17
CA LEU A 101 24.19 -8.10 15.90
C LEU A 101 22.90 -7.31 16.09
N TRP A 102 22.13 -7.68 17.11
CA TRP A 102 20.85 -7.06 17.40
C TRP A 102 20.86 -6.24 18.68
N PRO A 103 20.74 -4.91 18.55
CA PRO A 103 20.75 -3.98 19.68
C PRO A 103 19.79 -4.34 20.80
N GLU A 104 18.64 -4.91 20.44
CA GLU A 104 17.63 -5.25 21.43
C GLU A 104 17.75 -6.60 22.11
N TYR A 105 18.74 -7.41 21.74
CA TYR A 105 18.87 -8.73 22.36
C TYR A 105 18.94 -8.63 23.89
N SER A 106 18.19 -9.49 24.57
CA SER A 106 18.12 -9.49 26.03
C SER A 106 19.35 -10.08 26.73
N ASP A 107 19.78 -9.42 27.80
CA ASP A 107 20.93 -9.87 28.58
C ASP A 107 20.60 -11.19 29.26
N THR A 108 19.31 -11.52 29.31
CA THR A 108 18.86 -12.77 29.92
C THR A 108 19.41 -13.95 29.12
N PHE A 109 19.51 -13.76 27.80
CA PHE A 109 20.00 -14.80 26.90
C PHE A 109 21.38 -14.38 26.37
N ALA A 110 22.25 -13.99 27.30
CA ALA A 110 23.58 -13.50 26.95
C ALA A 110 24.57 -14.48 26.32
N ASN A 111 24.24 -15.76 26.26
CA ASN A 111 25.15 -16.75 25.68
C ASN A 111 24.82 -17.11 24.23
N ASP A 112 23.68 -16.64 23.73
CA ASP A 112 23.26 -16.95 22.37
C ASP A 112 24.20 -16.43 21.29
N THR A 113 24.35 -17.22 20.23
CA THR A 113 25.24 -16.86 19.13
C THR A 113 24.66 -17.19 17.75
N LEU A 114 25.39 -16.78 16.73
CA LEU A 114 25.04 -17.03 15.33
C LEU A 114 26.33 -17.39 14.63
N GLU A 115 26.32 -18.51 13.90
CA GLU A 115 27.50 -18.96 13.17
C GLU A 115 27.17 -18.98 11.68
N THR A 116 28.09 -18.48 10.87
CA THR A 116 27.88 -18.45 9.43
C THR A 116 29.25 -18.36 8.74
N GLU A 117 29.29 -18.62 7.44
CA GLU A 117 30.57 -18.59 6.73
C GLU A 117 30.80 -17.36 5.87
N ILE A 118 32.04 -16.89 5.88
CA ILE A 118 32.41 -15.70 5.11
C ILE A 118 33.77 -15.87 4.45
N PRO A 119 33.87 -15.48 3.16
CA PRO A 119 35.15 -15.61 2.47
C PRO A 119 36.15 -14.60 3.02
N GLU A 120 37.43 -14.93 2.91
CA GLU A 120 38.52 -14.10 3.41
C GLU A 120 38.47 -12.62 3.05
N ARG A 121 38.00 -12.30 1.84
CA ARG A 121 37.94 -10.92 1.38
C ARG A 121 37.15 -9.96 2.27
N TYR A 122 36.20 -10.49 3.04
CA TYR A 122 35.37 -9.65 3.91
C TYR A 122 35.93 -9.49 5.32
N LEU A 123 37.05 -10.15 5.61
CA LEU A 123 37.62 -10.10 6.95
C LEU A 123 38.82 -9.20 7.16
N GLU A 124 38.89 -8.62 8.36
CA GLU A 124 39.99 -7.77 8.78
C GLU A 124 40.18 -7.98 10.28
N LYS A 125 41.43 -7.99 10.73
CA LYS A 125 41.75 -8.18 12.14
C LYS A 125 40.89 -7.23 12.98
N ALA A 126 40.27 -7.75 14.03
CA ALA A 126 39.44 -6.92 14.90
C ALA A 126 40.30 -5.93 15.66
N SER B 3 -15.63 -24.95 14.50
CA SER B 3 -16.48 -23.78 14.85
C SER B 3 -16.54 -22.75 13.73
N SER B 4 -17.74 -22.51 13.21
CA SER B 4 -17.91 -21.54 12.14
C SER B 4 -17.62 -20.14 12.68
N ILE B 5 -17.93 -19.90 13.95
CA ILE B 5 -17.68 -18.59 14.55
C ILE B 5 -16.17 -18.34 14.63
N ARG B 6 -15.43 -19.31 15.15
CA ARG B 6 -13.98 -19.15 15.26
C ARG B 6 -13.37 -18.91 13.89
N GLU B 7 -13.83 -19.66 12.89
CA GLU B 7 -13.31 -19.50 11.54
C GLU B 7 -13.54 -18.05 11.09
N GLU B 8 -14.70 -17.50 11.41
CA GLU B 8 -14.98 -16.13 11.02
C GLU B 8 -14.10 -15.14 11.80
N VAL B 9 -13.85 -15.45 13.06
CA VAL B 9 -13.00 -14.60 13.90
C VAL B 9 -11.59 -14.53 13.31
N HIS B 10 -11.02 -15.67 12.98
CA HIS B 10 -9.68 -15.70 12.42
C HIS B 10 -9.62 -15.08 11.02
N ARG B 11 -10.68 -15.26 10.24
CA ARG B 11 -10.73 -14.67 8.90
C ARG B 11 -10.75 -13.15 9.08
N HIS B 12 -11.44 -12.69 10.13
CA HIS B 12 -11.54 -11.27 10.43
C HIS B 12 -10.17 -10.71 10.81
N LEU B 13 -9.49 -11.36 11.74
CA LEU B 13 -8.17 -10.93 12.17
C LEU B 13 -7.18 -10.82 11.01
N GLY B 14 -7.35 -11.68 10.01
CA GLY B 14 -6.46 -11.63 8.86
C GLY B 14 -6.87 -10.53 7.89
N THR B 15 -8.16 -10.29 7.79
CA THR B 15 -8.69 -9.28 6.87
C THR B 15 -8.41 -7.84 7.28
N VAL B 16 -8.51 -7.52 8.57
CA VAL B 16 -8.27 -6.15 9.01
C VAL B 16 -6.84 -5.69 8.72
N ALA B 17 -5.93 -6.63 8.55
CA ALA B 17 -4.54 -6.30 8.25
C ALA B 17 -4.45 -5.56 6.91
N LEU B 18 -5.40 -5.85 6.02
CA LEU B 18 -5.43 -5.22 4.70
C LEU B 18 -5.72 -3.73 4.84
N MET B 19 -6.40 -3.37 5.91
CA MET B 19 -6.79 -1.99 6.15
C MET B 19 -5.85 -1.21 7.06
N GLN B 20 -4.72 -1.80 7.41
CA GLN B 20 -3.75 -1.12 8.26
C GLN B 20 -3.40 0.22 7.62
N PRO B 21 -3.63 1.33 8.34
CA PRO B 21 -3.33 2.66 7.79
C PRO B 21 -1.84 2.82 7.46
N ALA B 22 -1.56 3.60 6.43
CA ALA B 22 -0.19 3.81 6.01
C ALA B 22 -0.07 5.06 5.16
N LEU B 23 1.15 5.56 5.03
CA LEU B 23 1.42 6.71 4.18
C LEU B 23 2.01 6.01 2.96
N HIS B 24 1.16 5.85 1.95
CA HIS B 24 1.51 5.15 0.71
C HIS B 24 1.98 6.11 -0.37
N GLN B 25 3.29 6.12 -0.61
CA GLN B 25 3.87 7.00 -1.61
C GLN B 25 4.26 6.24 -2.88
N GLN B 26 3.44 6.36 -3.91
CA GLN B 26 3.72 5.71 -5.18
C GLN B 26 4.98 6.34 -5.75
N THR B 27 5.81 5.52 -6.39
CA THR B 27 7.05 6.01 -6.99
C THR B 27 6.98 5.84 -8.50
N HIS B 28 7.06 6.96 -9.23
CA HIS B 28 7.02 6.94 -10.69
C HIS B 28 8.27 7.55 -11.30
N ALA B 29 9.36 6.78 -11.31
CA ALA B 29 10.63 7.25 -11.87
C ALA B 29 11.05 8.61 -11.33
N PRO B 30 11.26 8.71 -10.01
CA PRO B 30 11.66 9.98 -9.41
C PRO B 30 13.05 10.44 -9.91
N ALA B 31 13.28 11.75 -9.83
CA ALA B 31 14.55 12.33 -10.27
C ALA B 31 15.67 11.92 -9.32
N PRO B 32 16.94 11.99 -9.80
CA PRO B 32 18.09 11.61 -8.97
C PRO B 32 18.12 12.38 -7.64
N THR B 33 17.62 13.61 -7.67
CA THR B 33 17.61 14.44 -6.47
C THR B 33 16.68 13.90 -5.38
N GLU B 34 15.82 12.96 -5.74
CA GLU B 34 14.89 12.38 -4.78
C GLU B 34 15.39 11.06 -4.19
N ILE B 35 16.57 10.63 -4.64
CA ILE B 35 17.16 9.39 -4.15
C ILE B 35 18.29 9.67 -3.17
N THR B 36 18.08 9.33 -1.91
CA THR B 36 19.08 9.53 -0.87
C THR B 36 19.97 8.29 -0.88
N HIS B 37 21.09 8.32 -0.15
CA HIS B 37 21.97 7.16 -0.12
C HIS B 37 21.22 5.97 0.48
N THR B 38 20.39 6.24 1.49
CA THR B 38 19.63 5.18 2.13
C THR B 38 18.73 4.48 1.12
N LEU B 39 18.04 5.26 0.28
CA LEU B 39 17.16 4.70 -0.73
C LEU B 39 17.95 3.99 -1.82
N PHE B 40 19.10 4.53 -2.18
CA PHE B 40 19.94 3.92 -3.20
C PHE B 40 20.35 2.51 -2.75
N ARG B 41 20.82 2.40 -1.51
CA ARG B 41 21.23 1.10 -0.98
C ARG B 41 20.06 0.14 -0.89
N ALA B 42 18.89 0.66 -0.55
CA ALA B 42 17.70 -0.18 -0.44
C ALA B 42 17.24 -0.69 -1.81
N TYR B 43 17.26 0.18 -2.82
CA TYR B 43 16.84 -0.19 -4.17
C TYR B 43 17.81 -1.12 -4.87
N THR B 44 19.11 -0.94 -4.63
CA THR B 44 20.12 -1.77 -5.28
C THR B 44 20.54 -2.97 -4.44
N ARG B 45 19.80 -3.23 -3.36
CA ARG B 45 20.08 -4.37 -2.48
C ARG B 45 19.90 -5.65 -3.28
N VAL B 46 20.44 -6.75 -2.76
CA VAL B 46 20.26 -8.05 -3.41
C VAL B 46 19.04 -8.62 -2.66
N PRO B 47 17.92 -8.81 -3.39
CA PRO B 47 16.65 -9.32 -2.87
C PRO B 47 16.64 -10.48 -1.86
N HIS B 48 17.52 -11.45 -2.04
CA HIS B 48 17.54 -12.62 -1.15
C HIS B 48 18.06 -12.39 0.25
N ASP B 49 18.71 -11.27 0.47
CA ASP B 49 19.30 -10.94 1.78
C ASP B 49 18.24 -10.37 2.73
N VAL B 50 17.46 -11.24 3.35
CA VAL B 50 16.39 -10.81 4.25
C VAL B 50 16.58 -11.04 5.75
N GLY B 51 17.69 -11.65 6.14
CA GLY B 51 17.91 -11.91 7.56
C GLY B 51 17.90 -10.67 8.43
N GLY B 52 17.10 -10.69 9.49
CA GLY B 52 17.03 -9.55 10.38
C GLY B 52 15.85 -8.63 10.15
N GLU B 53 15.18 -8.80 9.00
CA GLU B 53 14.02 -7.96 8.70
C GLU B 53 12.87 -8.37 9.62
N ALA B 54 12.12 -7.38 10.09
CA ALA B 54 11.00 -7.65 10.97
C ALA B 54 9.88 -8.33 10.19
N ASP B 55 9.21 -9.29 10.83
CA ASP B 55 8.11 -10.00 10.22
C ASP B 55 7.24 -10.50 11.37
N VAL B 56 6.00 -10.89 11.04
CA VAL B 56 5.05 -11.36 12.05
C VAL B 56 5.10 -12.87 12.25
N PRO B 57 4.42 -13.36 13.30
CA PRO B 57 4.41 -14.80 13.53
C PRO B 57 3.36 -15.40 12.61
N ILE B 58 3.67 -16.50 11.94
CA ILE B 58 2.70 -17.15 11.07
C ILE B 58 2.68 -18.62 11.46
N GLU B 59 1.52 -19.25 11.32
CA GLU B 59 1.41 -20.66 11.65
C GLU B 59 2.04 -21.42 10.49
N TYR B 60 3.28 -21.83 10.67
CA TYR B 60 4.01 -22.55 9.62
C TYR B 60 3.29 -23.80 9.16
N HIS B 61 3.27 -24.00 7.85
CA HIS B 61 2.62 -25.17 7.28
C HIS B 61 3.55 -25.96 6.38
N GLU B 62 3.16 -27.19 6.07
CA GLU B 62 3.91 -28.04 5.17
C GLU B 62 3.14 -27.85 3.87
N LYS B 63 3.72 -28.19 2.74
CA LYS B 63 3.01 -28.06 1.48
C LYS B 63 3.33 -29.26 0.60
N GLU B 64 2.30 -29.89 0.05
CA GLU B 64 2.50 -31.03 -0.83
C GLU B 64 3.28 -30.57 -2.05
N GLU B 65 4.13 -31.44 -2.55
CA GLU B 65 4.95 -31.13 -3.71
C GLU B 65 4.13 -31.31 -4.99
N GLU B 66 4.20 -30.31 -5.88
CA GLU B 66 3.48 -30.38 -7.16
C GLU B 66 4.38 -31.21 -8.09
N ILE B 67 3.77 -31.93 -9.01
CA ILE B 67 4.53 -32.71 -9.95
C ILE B 67 5.48 -31.79 -10.72
N TRP B 68 5.00 -30.60 -11.11
CA TRP B 68 5.86 -29.70 -11.86
C TRP B 68 7.01 -29.16 -11.03
N GLU B 69 6.84 -29.11 -9.71
CA GLU B 69 7.90 -28.64 -8.84
C GLU B 69 9.02 -29.69 -8.82
N LEU B 70 8.65 -30.95 -8.73
CA LEU B 70 9.65 -32.02 -8.73
C LEU B 70 10.39 -32.03 -10.06
N ASN B 71 9.65 -31.84 -11.15
CA ASN B 71 10.25 -31.81 -12.47
C ASN B 71 11.18 -30.60 -12.64
N THR B 72 10.78 -29.46 -12.08
CA THR B 72 11.60 -28.25 -12.17
C THR B 72 12.91 -28.43 -11.41
N PHE B 73 12.84 -29.00 -10.21
CA PHE B 73 14.04 -29.23 -9.42
C PHE B 73 15.01 -30.14 -10.18
N ALA B 74 14.49 -31.23 -10.74
CA ALA B 74 15.31 -32.17 -11.49
C ALA B 74 15.97 -31.48 -12.67
N THR B 75 15.20 -30.66 -13.39
CA THR B 75 15.71 -29.93 -14.55
C THR B 75 16.86 -29.00 -14.16
N CYS B 76 16.68 -28.25 -13.09
CA CYS B 76 17.71 -27.32 -12.63
C CYS B 76 18.99 -28.04 -12.24
N GLU B 77 18.87 -29.15 -11.52
CA GLU B 77 20.05 -29.91 -11.11
C GLU B 77 20.70 -30.60 -12.33
N CYS B 78 19.89 -31.06 -13.26
CA CYS B 78 20.44 -31.71 -14.46
C CYS B 78 21.18 -30.70 -15.33
N LEU B 79 20.66 -29.48 -15.43
CA LEU B 79 21.31 -28.44 -16.21
C LEU B 79 22.68 -28.14 -15.61
N ALA B 80 22.77 -28.18 -14.28
CA ALA B 80 24.04 -27.92 -13.60
C ALA B 80 24.96 -29.12 -13.77
N TRP B 81 24.39 -30.32 -13.62
CA TRP B 81 25.12 -31.57 -13.77
C TRP B 81 25.84 -31.57 -15.12
N ARG B 82 25.13 -31.14 -16.16
CA ARG B 82 25.70 -31.13 -17.51
C ARG B 82 26.40 -29.84 -17.96
N GLY B 83 26.79 -29.00 -17.01
CA GLY B 83 27.52 -27.80 -17.32
C GLY B 83 26.86 -26.56 -17.89
N VAL B 84 25.54 -26.49 -17.92
CA VAL B 84 24.89 -25.29 -18.44
C VAL B 84 25.14 -24.14 -17.47
N TRP B 85 25.20 -24.46 -16.17
CA TRP B 85 25.48 -23.47 -15.14
C TRP B 85 25.89 -24.15 -13.84
N THR B 86 26.40 -23.36 -12.90
CA THR B 86 26.75 -23.90 -11.59
C THR B 86 25.59 -23.46 -10.71
N ALA B 87 25.45 -24.06 -9.54
CA ALA B 87 24.34 -23.70 -8.66
C ALA B 87 24.43 -22.23 -8.24
N GLU B 88 25.65 -21.71 -8.10
CA GLU B 88 25.80 -20.32 -7.71
C GLU B 88 25.26 -19.38 -8.78
N GLU B 89 25.49 -19.72 -10.04
CA GLU B 89 24.97 -18.91 -11.12
C GLU B 89 23.45 -18.94 -11.02
N ARG B 90 22.90 -20.12 -10.72
CA ARG B 90 21.45 -20.26 -10.59
C ARG B 90 20.90 -19.36 -9.48
N ARG B 91 21.52 -19.43 -8.30
CA ARG B 91 21.06 -18.62 -7.17
C ARG B 91 21.05 -17.14 -7.49
N ARG B 92 22.13 -16.65 -8.08
CA ARG B 92 22.25 -15.25 -8.44
C ARG B 92 21.13 -14.83 -9.38
N LYS B 93 20.87 -15.64 -10.41
CA LYS B 93 19.81 -15.33 -11.38
C LYS B 93 18.42 -15.51 -10.78
N GLN B 94 18.25 -16.58 -10.04
CA GLN B 94 16.97 -16.96 -9.45
C GLN B 94 16.51 -16.17 -8.22
N ASN B 95 17.41 -15.92 -7.28
CA ASN B 95 17.07 -15.25 -6.05
C ASN B 95 17.41 -13.77 -5.97
N CYS B 96 18.11 -13.26 -6.99
CA CYS B 96 18.50 -11.86 -7.00
C CYS B 96 18.09 -11.12 -8.27
N ASP B 97 18.53 -11.61 -9.42
CA ASP B 97 18.23 -10.96 -10.70
C ASP B 97 16.73 -10.80 -10.98
N VAL B 98 15.90 -11.65 -10.41
CA VAL B 98 14.46 -11.53 -10.66
C VAL B 98 13.86 -10.23 -10.14
N GLY B 99 14.56 -9.58 -9.22
CA GLY B 99 14.08 -8.31 -8.70
C GLY B 99 13.09 -8.46 -7.55
N GLN B 100 13.00 -7.41 -6.74
CA GLN B 100 12.14 -7.37 -5.56
C GLN B 100 10.70 -7.85 -5.72
N THR B 101 9.98 -7.30 -6.69
CA THR B 101 8.58 -7.68 -6.90
C THR B 101 8.35 -9.16 -7.18
N VAL B 102 9.03 -9.70 -8.18
CA VAL B 102 8.87 -11.12 -8.51
C VAL B 102 9.39 -12.00 -7.37
N TYR B 103 10.48 -11.57 -6.75
CA TYR B 103 11.08 -12.34 -5.66
C TYR B 103 10.09 -12.71 -4.56
N LEU B 104 9.20 -11.79 -4.19
CA LEU B 104 8.23 -12.08 -3.14
C LEU B 104 6.79 -12.24 -3.62
N GLY B 105 6.53 -11.85 -4.86
CA GLY B 105 5.18 -11.95 -5.40
C GLY B 105 4.86 -13.31 -5.99
N MET B 106 5.88 -13.98 -6.52
CA MET B 106 5.72 -15.29 -7.14
C MET B 106 6.13 -16.43 -6.20
N PRO B 107 5.74 -17.66 -6.54
CA PRO B 107 6.10 -18.82 -5.70
C PRO B 107 7.57 -19.21 -5.82
N TYR B 108 8.07 -19.85 -4.77
CA TYR B 108 9.44 -20.36 -4.68
C TYR B 108 9.83 -21.07 -5.97
N TYR B 109 9.18 -22.19 -6.26
CA TYR B 109 9.50 -22.95 -7.47
C TYR B 109 9.13 -22.23 -8.75
N GLY B 110 8.30 -21.20 -8.65
CA GLY B 110 7.94 -20.44 -9.84
C GLY B 110 9.20 -19.72 -10.30
N ARG B 111 9.99 -19.26 -9.34
CA ARG B 111 11.23 -18.55 -9.65
C ARG B 111 12.29 -19.52 -10.16
N TRP B 112 12.31 -20.72 -9.62
CA TRP B 112 13.26 -21.74 -10.08
C TRP B 112 13.01 -22.03 -11.56
N LEU B 113 11.73 -22.22 -11.90
CA LEU B 113 11.34 -22.55 -13.26
C LEU B 113 11.57 -21.41 -14.24
N LEU B 114 11.16 -20.20 -13.87
CA LEU B 114 11.37 -19.04 -14.72
C LEU B 114 12.86 -18.88 -15.01
N THR B 115 13.68 -19.15 -14.00
CA THR B 115 15.12 -19.00 -14.13
C THR B 115 15.76 -20.08 -14.99
N ALA B 116 15.17 -21.27 -15.00
CA ALA B 116 15.69 -22.35 -15.82
C ALA B 116 15.44 -21.94 -17.27
N ALA B 117 14.28 -21.34 -17.53
CA ALA B 117 13.96 -20.89 -18.88
C ALA B 117 14.91 -19.76 -19.25
N ARG B 118 15.23 -18.93 -18.26
CA ARG B 118 16.12 -17.79 -18.47
C ARG B 118 17.55 -18.17 -18.86
N ILE B 119 18.14 -19.16 -18.21
CA ILE B 119 19.50 -19.54 -18.55
C ILE B 119 19.59 -20.10 -19.97
N LEU B 120 18.53 -20.77 -20.42
CA LEU B 120 18.51 -21.31 -21.79
C LEU B 120 18.63 -20.16 -22.79
N VAL B 121 17.92 -19.08 -22.51
CA VAL B 121 17.91 -17.91 -23.37
C VAL B 121 19.16 -17.04 -23.25
N ASP B 122 19.57 -16.75 -22.01
CA ASP B 122 20.75 -15.91 -21.80
C ASP B 122 22.05 -16.49 -22.34
N LYS B 123 22.21 -17.81 -22.30
CA LYS B 123 23.41 -18.43 -22.82
C LYS B 123 23.21 -18.87 -24.27
N GLN B 124 22.11 -18.39 -24.85
CA GLN B 124 21.75 -18.65 -26.23
C GLN B 124 21.64 -20.11 -26.69
N PHE B 125 21.21 -21.00 -25.80
CA PHE B 125 21.04 -22.40 -26.17
C PHE B 125 19.71 -22.51 -26.91
N VAL B 126 18.85 -21.52 -26.65
CA VAL B 126 17.53 -21.42 -27.27
C VAL B 126 17.31 -19.93 -27.54
N THR B 127 16.65 -19.59 -28.64
CA THR B 127 16.37 -18.18 -28.89
C THR B 127 15.10 -17.89 -28.11
N LEU B 128 14.82 -16.62 -27.84
CA LEU B 128 13.61 -16.29 -27.11
C LEU B 128 12.41 -16.71 -27.95
N THR B 129 12.60 -16.64 -29.27
CA THR B 129 11.55 -17.01 -30.22
C THR B 129 11.21 -18.50 -30.08
N GLU B 130 12.22 -19.33 -29.92
CA GLU B 130 11.99 -20.76 -29.76
C GLU B 130 11.19 -21.01 -28.48
N LEU B 131 11.52 -20.27 -27.41
CA LEU B 131 10.80 -20.43 -26.15
C LEU B 131 9.34 -19.99 -26.33
N HIS B 132 9.14 -18.82 -26.93
CA HIS B 132 7.79 -18.32 -27.17
C HIS B 132 6.98 -19.31 -28.03
N ASN B 133 7.62 -19.84 -29.07
CA ASN B 133 6.94 -20.80 -29.95
C ASN B 133 6.60 -22.09 -29.21
N LYS B 134 7.50 -22.55 -28.34
CA LYS B 134 7.27 -23.77 -27.59
C LYS B 134 6.08 -23.60 -26.64
N ILE B 135 5.96 -22.42 -26.03
CA ILE B 135 4.86 -22.15 -25.13
C ILE B 135 3.54 -22.20 -25.90
N VAL B 136 3.53 -21.62 -27.10
CA VAL B 136 2.35 -21.62 -27.94
C VAL B 136 1.97 -23.05 -28.30
N GLU B 137 2.99 -23.84 -28.67
CA GLU B 137 2.78 -25.24 -29.02
C GLU B 137 2.20 -26.05 -27.87
N MET B 138 2.71 -25.81 -26.65
CA MET B 138 2.22 -26.51 -25.47
C MET B 138 0.76 -26.21 -25.19
N ARG B 139 0.40 -24.92 -25.31
CA ARG B 139 -0.97 -24.51 -25.07
C ARG B 139 -1.92 -25.18 -26.07
N GLU B 140 -1.52 -25.21 -27.34
CA GLU B 140 -2.35 -25.84 -28.36
C GLU B 140 -2.46 -27.33 -28.08
N ARG B 141 -1.36 -27.93 -27.64
CA ARG B 141 -1.34 -29.36 -27.35
C ARG B 141 -2.41 -29.68 -26.30
N VAL B 142 -2.47 -28.84 -25.26
CA VAL B 142 -3.44 -29.01 -24.18
C VAL B 142 -4.86 -28.80 -24.69
N ALA B 143 -5.07 -27.74 -25.47
CA ALA B 143 -6.38 -27.41 -26.02
C ALA B 143 -6.93 -28.48 -26.96
N SER B 144 -6.06 -29.08 -27.76
CA SER B 144 -6.46 -30.09 -28.73
C SER B 144 -6.89 -31.41 -28.11
N GLY B 145 -6.55 -31.61 -26.83
CA GLY B 145 -6.91 -32.84 -26.17
C GLY B 145 -5.83 -33.88 -26.36
N GLN B 146 -4.67 -33.42 -26.80
CA GLN B 146 -3.53 -34.28 -27.06
C GLN B 146 -2.82 -34.71 -25.78
N GLY B 147 -3.12 -34.03 -24.68
CA GLY B 147 -2.51 -34.36 -23.41
C GLY B 147 -1.22 -33.60 -23.15
N LEU B 148 -0.77 -33.61 -21.89
CA LEU B 148 0.45 -32.91 -21.51
C LEU B 148 1.23 -33.70 -20.46
N GLY B 149 2.22 -34.47 -20.90
CA GLY B 149 3.02 -35.26 -19.98
C GLY B 149 2.15 -35.95 -18.95
N GLU B 150 2.68 -36.13 -17.74
CA GLU B 150 1.81 -36.83 -16.80
C GLU B 150 1.01 -35.85 -15.95
N TYR B 151 0.82 -34.60 -16.57
CA TYR B 151 -0.04 -33.57 -16.00
C TYR B 151 -1.46 -33.77 -16.49
N LEU B 152 -1.60 -34.10 -17.77
CA LEU B 152 -2.91 -34.29 -18.37
C LEU B 152 -2.87 -35.43 -19.39
N PRO B 153 -3.64 -36.51 -19.14
CA PRO B 153 -3.65 -37.64 -20.08
C PRO B 153 -4.41 -37.23 -21.34
N PRO B 154 -4.05 -37.78 -22.50
CA PRO B 154 -4.78 -37.40 -23.72
C PRO B 154 -6.25 -37.78 -23.61
N GLU C 23 -7.55 -28.17 -15.07
CA GLU C 23 -6.76 -27.60 -16.20
C GLU C 23 -5.29 -27.42 -15.81
N VAL C 24 -4.43 -27.38 -16.82
CA VAL C 24 -3.00 -27.21 -16.58
C VAL C 24 -2.74 -25.74 -16.28
N SER C 25 -1.81 -25.49 -15.37
CA SER C 25 -1.46 -24.12 -14.99
C SER C 25 -0.36 -23.57 -15.88
N ASP C 26 -0.11 -22.28 -15.76
CA ASP C 26 0.94 -21.63 -16.53
C ASP C 26 2.29 -22.25 -16.18
N PHE C 27 2.42 -22.73 -14.95
CA PHE C 27 3.66 -23.33 -14.48
C PHE C 27 3.90 -24.68 -15.15
N GLU C 28 2.86 -25.50 -15.24
CA GLU C 28 3.01 -26.80 -15.87
C GLU C 28 3.33 -26.63 -17.36
N ILE C 29 2.71 -25.65 -18.00
CA ILE C 29 2.99 -25.40 -19.41
C ILE C 29 4.46 -25.05 -19.60
N LEU C 30 4.95 -24.11 -18.79
CA LEU C 30 6.33 -23.69 -18.88
C LEU C 30 7.32 -24.79 -18.50
N GLU C 31 6.96 -25.62 -17.53
CA GLU C 31 7.87 -26.70 -17.12
C GLU C 31 8.13 -27.62 -18.32
N MET C 32 7.06 -28.04 -18.99
CA MET C 32 7.18 -28.91 -20.15
C MET C 32 7.98 -28.23 -21.25
N ALA C 33 7.71 -26.96 -21.49
CA ALA C 33 8.41 -26.21 -22.53
C ALA C 33 9.92 -26.21 -22.26
N VAL C 34 10.30 -25.84 -21.04
CA VAL C 34 11.70 -25.79 -20.66
C VAL C 34 12.39 -27.16 -20.76
N ARG C 35 11.76 -28.18 -20.21
CA ARG C 35 12.33 -29.52 -20.23
C ARG C 35 12.50 -30.05 -21.66
N GLU C 36 11.47 -29.91 -22.48
CA GLU C 36 11.57 -30.38 -23.86
C GLU C 36 12.65 -29.64 -24.64
N LEU C 37 12.74 -28.33 -24.45
CA LEU C 37 13.76 -27.54 -25.15
C LEU C 37 15.17 -27.95 -24.72
N ALA C 38 15.36 -28.13 -23.41
CA ALA C 38 16.67 -28.51 -22.89
C ALA C 38 17.13 -29.84 -23.47
N ILE C 39 16.21 -30.81 -23.54
CA ILE C 39 16.53 -32.13 -24.08
C ILE C 39 16.76 -32.05 -25.59
N GLU C 40 15.92 -31.26 -26.25
CA GLU C 40 16.00 -31.06 -27.69
C GLU C 40 17.37 -30.50 -28.09
N LYS C 41 17.87 -29.57 -27.27
CA LYS C 41 19.16 -28.93 -27.53
C LYS C 41 20.35 -29.72 -26.97
N GLY C 42 20.06 -30.86 -26.36
CA GLY C 42 21.12 -31.70 -25.81
C GLY C 42 21.80 -31.17 -24.56
N LEU C 43 21.10 -30.37 -23.76
CA LEU C 43 21.70 -29.83 -22.54
C LEU C 43 21.79 -30.95 -21.50
N PHE C 44 20.75 -31.77 -21.44
CA PHE C 44 20.73 -32.94 -20.58
C PHE C 44 19.78 -33.94 -21.25
N SER C 45 19.95 -35.22 -20.96
CA SER C 45 19.13 -36.25 -21.58
C SER C 45 17.86 -36.57 -20.81
N ALA C 46 16.91 -37.21 -21.48
CA ALA C 46 15.66 -37.60 -20.85
C ALA C 46 16.03 -38.58 -19.75
N GLU C 47 17.09 -39.34 -19.99
CA GLU C 47 17.56 -40.30 -18.99
C GLU C 47 18.06 -39.55 -17.77
N ASP C 48 18.87 -38.51 -18.00
CA ASP C 48 19.40 -37.70 -16.90
C ASP C 48 18.28 -37.25 -15.98
N HIS C 49 17.19 -36.75 -16.56
CA HIS C 49 16.06 -36.27 -15.79
C HIS C 49 15.41 -37.40 -14.98
N ARG C 50 15.20 -38.55 -15.61
CA ARG C 50 14.60 -39.68 -14.89
C ARG C 50 15.52 -40.09 -13.75
N VAL C 51 16.80 -40.17 -14.05
CA VAL C 51 17.80 -40.56 -13.06
C VAL C 51 17.80 -39.60 -11.87
N TRP C 52 17.68 -38.30 -12.14
CA TRP C 52 17.68 -37.37 -11.04
C TRP C 52 16.44 -37.49 -10.18
N LYS C 53 15.28 -37.64 -10.83
CA LYS C 53 14.04 -37.79 -10.08
C LYS C 53 14.08 -39.05 -9.24
N ASP C 54 14.70 -40.12 -9.76
CA ASP C 54 14.80 -41.37 -9.01
C ASP C 54 15.69 -41.15 -7.79
N TYR C 55 16.79 -40.44 -7.97
CA TYR C 55 17.70 -40.15 -6.86
C TYR C 55 16.96 -39.37 -5.78
N VAL C 56 16.27 -38.31 -6.17
CA VAL C 56 15.53 -37.49 -5.23
C VAL C 56 14.51 -38.34 -4.47
N HIS C 57 13.90 -39.29 -5.18
CA HIS C 57 12.90 -40.16 -4.57
C HIS C 57 13.47 -41.05 -3.47
N THR C 58 14.77 -41.32 -3.52
CA THR C 58 15.39 -42.17 -2.50
C THR C 58 15.86 -41.36 -1.30
N LEU C 59 15.79 -40.04 -1.39
CA LEU C 59 16.25 -39.19 -0.30
C LEU C 59 15.23 -39.07 0.82
N GLY C 60 15.73 -38.87 2.04
CA GLY C 60 14.86 -38.74 3.19
C GLY C 60 15.67 -38.49 4.45
N PRO C 61 15.01 -38.37 5.60
CA PRO C 61 15.71 -38.12 6.86
C PRO C 61 16.27 -39.33 7.61
N LEU C 62 15.99 -40.54 7.11
CA LEU C 62 16.44 -41.75 7.79
C LEU C 62 17.96 -41.88 7.99
N PRO C 63 18.76 -41.58 6.97
CA PRO C 63 20.21 -41.69 7.12
C PRO C 63 20.75 -40.72 8.18
N ALA C 64 20.24 -39.50 8.18
CA ALA C 64 20.68 -38.50 9.15
C ALA C 64 20.29 -38.94 10.56
N ALA C 65 19.12 -39.54 10.69
CA ALA C 65 18.64 -40.01 11.99
C ALA C 65 19.54 -41.15 12.49
N ARG C 66 19.98 -42.01 11.58
CA ARG C 66 20.85 -43.11 11.97
C ARG C 66 22.21 -42.58 12.37
N LEU C 67 22.67 -41.52 11.71
CA LEU C 67 23.96 -40.94 12.04
C LEU C 67 23.93 -40.46 13.49
N VAL C 68 22.84 -39.80 13.88
CA VAL C 68 22.71 -39.30 15.25
C VAL C 68 22.66 -40.46 16.24
N ALA C 69 21.85 -41.46 15.96
CA ALA C 69 21.73 -42.62 16.85
C ALA C 69 23.09 -43.29 17.00
N LYS C 70 23.80 -43.48 15.90
CA LYS C 70 25.11 -44.10 15.93
C LYS C 70 26.10 -43.28 16.77
N ALA C 71 26.01 -41.96 16.65
CA ALA C 71 26.87 -41.07 17.42
C ALA C 71 26.58 -41.21 18.91
N TRP C 72 25.31 -41.30 19.25
CA TRP C 72 24.90 -41.44 20.65
C TRP C 72 25.48 -42.72 21.25
N LEU C 73 25.56 -43.76 20.43
CA LEU C 73 26.06 -45.06 20.89
C LEU C 73 27.54 -45.31 20.70
N ASP C 74 28.26 -44.39 20.07
CA ASP C 74 29.69 -44.56 19.81
C ASP C 74 30.43 -43.24 19.93
N PRO C 75 31.02 -42.96 21.10
CA PRO C 75 31.76 -41.71 21.33
C PRO C 75 32.83 -41.42 20.25
N GLU C 76 33.49 -42.48 19.77
CA GLU C 76 34.51 -42.35 18.75
C GLU C 76 33.86 -41.80 17.49
N TYR C 77 32.73 -42.38 17.11
CA TYR C 77 32.01 -41.95 15.93
C TYR C 77 31.46 -40.54 16.10
N LYS C 78 31.01 -40.21 17.31
CA LYS C 78 30.48 -38.87 17.56
C LYS C 78 31.58 -37.83 17.29
N LYS C 79 32.80 -38.10 17.74
CA LYS C 79 33.91 -37.19 17.52
C LYS C 79 34.13 -37.01 16.02
N LEU C 80 34.02 -38.09 15.27
CA LEU C 80 34.19 -38.05 13.83
C LEU C 80 33.11 -37.17 13.19
N CYS C 81 31.86 -37.36 13.62
CA CYS C 81 30.76 -36.57 13.09
C CYS C 81 31.02 -35.07 13.24
N ILE C 82 31.45 -34.69 14.45
CA ILE C 82 31.72 -33.30 14.77
C ILE C 82 32.89 -32.69 14.00
N GLU C 83 33.92 -33.47 13.74
CA GLU C 83 35.09 -32.96 13.04
C GLU C 83 35.07 -33.10 11.52
N ASP C 84 34.46 -34.19 11.04
CA ASP C 84 34.43 -34.46 9.61
C ASP C 84 33.09 -35.05 9.18
N GLY C 85 32.08 -34.20 9.04
CA GLY C 85 30.76 -34.67 8.64
C GLY C 85 30.72 -35.54 7.38
N VAL C 86 31.47 -35.13 6.35
CA VAL C 86 31.49 -35.88 5.09
C VAL C 86 31.92 -37.33 5.30
N GLU C 87 33.00 -37.54 6.03
CA GLU C 87 33.52 -38.88 6.30
C GLU C 87 32.51 -39.68 7.13
N ALA C 88 31.95 -39.03 8.15
CA ALA C 88 30.97 -39.68 9.02
C ALA C 88 29.74 -40.13 8.24
N SER C 89 29.32 -39.31 7.29
CA SER C 89 28.14 -39.61 6.48
C SER C 89 28.24 -40.95 5.75
N LYS C 90 29.44 -41.35 5.37
CA LYS C 90 29.63 -42.61 4.65
C LYS C 90 29.12 -43.80 5.46
N ALA C 91 29.17 -43.68 6.79
CA ALA C 91 28.72 -44.76 7.67
C ALA C 91 27.23 -45.05 7.60
N VAL C 92 26.46 -44.09 7.09
CA VAL C 92 25.02 -44.30 6.97
C VAL C 92 24.61 -44.43 5.50
N GLY C 93 25.58 -44.83 4.68
CA GLY C 93 25.31 -45.04 3.26
C GLY C 93 25.20 -43.81 2.38
N VAL C 94 25.52 -42.63 2.91
CA VAL C 94 25.43 -41.42 2.10
C VAL C 94 26.81 -40.82 1.85
N ASN C 95 27.34 -41.08 0.65
CA ASN C 95 28.63 -40.53 0.26
C ASN C 95 28.30 -39.25 -0.49
N TRP C 96 28.63 -38.11 0.11
CA TRP C 96 28.32 -36.83 -0.50
C TRP C 96 28.92 -36.61 -1.87
N VAL C 97 30.00 -37.31 -2.18
CA VAL C 97 30.62 -37.17 -3.49
C VAL C 97 30.12 -38.17 -4.52
N THR C 98 30.01 -39.44 -4.12
CA THR C 98 29.60 -40.49 -5.04
C THR C 98 28.16 -41.00 -5.02
N SER C 99 27.37 -40.66 -4.01
CA SER C 99 25.98 -41.13 -3.97
C SER C 99 25.11 -40.44 -5.03
N PRO C 100 25.32 -39.13 -5.25
CA PRO C 100 24.52 -38.45 -6.27
C PRO C 100 24.94 -38.93 -7.65
N PRO C 101 24.07 -38.76 -8.66
CA PRO C 101 24.36 -39.19 -10.04
C PRO C 101 25.57 -38.52 -10.72
N THR C 102 25.95 -37.34 -10.23
CA THR C 102 27.05 -36.58 -10.81
C THR C 102 28.46 -37.13 -10.61
N GLN C 103 28.67 -37.80 -9.48
CA GLN C 103 29.97 -38.34 -9.11
C GLN C 103 30.87 -37.20 -8.63
N PHE C 104 30.26 -36.04 -8.37
CA PHE C 104 30.99 -34.91 -7.83
C PHE C 104 30.10 -34.13 -6.87
N GLY C 105 29.14 -34.86 -6.28
CA GLY C 105 28.19 -34.29 -5.35
C GLY C 105 27.06 -33.58 -6.07
N THR C 106 25.94 -33.34 -5.40
CA THR C 106 24.84 -32.64 -6.07
C THR C 106 25.35 -31.24 -6.36
N PRO C 107 24.90 -30.64 -7.47
CA PRO C 107 25.33 -29.28 -7.83
C PRO C 107 24.95 -28.22 -6.78
N SER C 108 23.79 -28.39 -6.16
CA SER C 108 23.32 -27.41 -5.18
C SER C 108 23.63 -27.66 -3.72
N ASP C 109 23.86 -28.91 -3.33
CA ASP C 109 24.15 -29.20 -1.93
C ASP C 109 25.64 -29.31 -1.61
N TYR C 110 26.46 -29.41 -2.67
CA TYR C 110 27.91 -29.51 -2.53
C TYR C 110 28.37 -30.69 -1.67
N CYS C 111 29.63 -30.66 -1.25
CA CYS C 111 30.18 -31.76 -0.48
C CYS C 111 30.89 -31.38 0.82
N ASN C 112 30.23 -30.57 1.64
CA ASN C 112 30.81 -30.17 2.92
C ASN C 112 29.76 -30.14 4.04
N LEU C 113 29.32 -31.33 4.43
CA LEU C 113 28.35 -31.46 5.51
C LEU C 113 29.07 -31.29 6.85
N ARG C 114 28.46 -30.53 7.75
CA ARG C 114 29.02 -30.35 9.08
C ARG C 114 27.91 -30.75 10.05
N VAL C 115 28.26 -31.51 11.08
CA VAL C 115 27.30 -31.93 12.07
C VAL C 115 27.46 -31.06 13.32
N LEU C 116 26.38 -30.42 13.74
CA LEU C 116 26.41 -29.54 14.91
C LEU C 116 25.95 -30.33 16.15
N ALA C 117 26.86 -30.51 17.10
CA ALA C 117 26.54 -31.27 18.30
C ALA C 117 26.01 -30.46 19.47
N ASP C 118 24.75 -30.71 19.83
CA ASP C 118 24.16 -30.02 20.97
C ASP C 118 24.83 -30.58 22.22
N SER C 119 24.68 -29.88 23.34
CA SER C 119 25.24 -30.31 24.62
C SER C 119 24.38 -29.68 25.70
N PRO C 120 24.64 -30.02 26.97
CA PRO C 120 23.84 -29.42 28.05
C PRO C 120 23.94 -27.89 28.11
N THR C 121 24.88 -27.32 27.36
CA THR C 121 25.05 -25.87 27.37
C THR C 121 24.98 -25.25 25.97
N LEU C 122 24.59 -26.04 24.97
CA LEU C 122 24.52 -25.54 23.60
C LEU C 122 23.46 -26.27 22.78
N LYS C 123 22.62 -25.51 22.08
CA LYS C 123 21.57 -26.09 21.24
C LYS C 123 21.51 -25.35 19.91
N HIS C 124 21.64 -26.08 18.81
CA HIS C 124 21.64 -25.49 17.47
C HIS C 124 20.32 -25.55 16.72
N VAL C 125 20.14 -24.60 15.81
CA VAL C 125 18.97 -24.54 14.94
C VAL C 125 19.52 -23.96 13.62
N VAL C 126 19.10 -24.55 12.50
CA VAL C 126 19.61 -24.15 11.20
C VAL C 126 18.61 -23.43 10.28
N VAL C 127 19.16 -22.57 9.42
CA VAL C 127 18.38 -21.82 8.44
C VAL C 127 19.30 -21.35 7.32
N CYS C 128 18.71 -20.93 6.21
CA CYS C 128 19.45 -20.38 5.08
C CYS C 128 18.72 -19.08 4.80
N THR C 129 19.19 -17.98 5.40
CA THR C 129 18.52 -16.70 5.22
C THR C 129 18.50 -16.25 3.76
N LEU C 130 19.51 -16.63 2.99
CA LEU C 130 19.59 -16.22 1.59
C LEU C 130 18.69 -17.03 0.66
N CSD C 131 18.30 -18.22 1.09
CA CSD C 131 17.44 -19.08 0.30
CB CSD C 131 17.98 -19.42 -1.09
SG CSD C 131 19.68 -20.11 -1.05
C CSD C 131 16.79 -20.28 0.98
O CSD C 131 15.81 -20.13 1.70
OD1 CSD C 131 20.61 -19.10 -0.68
OD2 CSD C 131 20.03 -20.61 -2.43
N SER C 132 17.35 -21.46 0.76
CA SER C 132 16.78 -22.66 1.36
C SER C 132 17.80 -23.77 1.44
N CSO C 133 19.09 -23.40 1.38
CA CSO C 133 20.15 -24.38 1.47
CB CSO C 133 21.54 -23.77 1.58
SG CSO C 133 21.77 -22.43 0.36
C CSO C 133 19.85 -25.43 2.52
O CSO C 133 19.60 -25.11 3.68
OD CSO C 133 21.50 -23.20 -0.90
N TYR C 134 19.88 -26.69 2.11
CA TYR C 134 19.51 -27.81 2.97
C TYR C 134 20.41 -29.02 2.66
N PRO C 135 20.69 -29.87 3.65
CA PRO C 135 21.54 -31.06 3.45
C PRO C 135 20.76 -32.20 2.78
N ARG C 136 20.26 -31.94 1.58
CA ARG C 136 19.45 -32.91 0.83
C ARG C 136 19.94 -34.36 0.73
N PRO C 137 21.22 -34.57 0.40
CA PRO C 137 21.70 -35.95 0.29
C PRO C 137 21.44 -36.86 1.50
N ILE C 138 21.53 -36.28 2.70
CA ILE C 138 21.34 -37.08 3.91
C ILE C 138 20.03 -36.82 4.65
N LEU C 139 19.33 -35.74 4.31
CA LEU C 139 18.10 -35.39 5.00
C LEU C 139 16.83 -35.31 4.15
N GLY C 140 16.98 -35.27 2.83
CA GLY C 140 15.82 -35.19 1.96
C GLY C 140 15.51 -33.77 1.55
N GLN C 141 14.27 -33.51 1.15
CA GLN C 141 13.87 -32.18 0.71
C GLN C 141 13.48 -31.28 1.88
N SER C 142 13.69 -29.98 1.71
CA SER C 142 13.40 -29.00 2.75
C SER C 142 11.91 -28.78 2.95
N PRO C 143 11.49 -28.44 4.18
CA PRO C 143 10.08 -28.19 4.51
C PRO C 143 9.64 -26.88 3.85
N GLU C 144 8.36 -26.75 3.55
CA GLU C 144 7.85 -25.53 2.94
C GLU C 144 8.18 -24.31 3.81
N TRP C 145 7.93 -24.43 5.12
CA TRP C 145 8.18 -23.31 6.02
C TRP C 145 9.66 -22.92 6.12
N TYR C 146 10.55 -23.88 5.90
CA TYR C 146 11.99 -23.62 5.95
C TYR C 146 12.40 -22.66 4.84
N ARG C 147 11.66 -22.70 3.73
CA ARG C 147 11.94 -21.84 2.57
C ARG C 147 11.28 -20.48 2.65
N SER C 148 10.37 -20.30 3.61
CA SER C 148 9.63 -19.05 3.72
C SER C 148 10.44 -17.82 4.09
N PRO C 149 10.08 -16.66 3.49
CA PRO C 149 10.77 -15.41 3.78
C PRO C 149 10.66 -15.16 5.29
N ASN C 150 9.53 -15.56 5.84
CA ASN C 150 9.27 -15.37 7.27
C ASN C 150 10.29 -16.06 8.18
N TYR C 151 10.52 -17.34 7.97
CA TYR C 151 11.47 -18.09 8.78
C TYR C 151 12.89 -17.56 8.55
N ARG C 152 13.19 -17.23 7.30
CA ARG C 152 14.50 -16.72 6.92
C ARG C 152 14.79 -15.32 7.47
N ARG C 153 13.73 -14.56 7.74
CA ARG C 153 13.88 -13.22 8.29
C ARG C 153 14.06 -13.26 9.81
N ARG C 154 13.17 -13.99 10.48
CA ARG C 154 13.13 -14.06 11.94
C ARG C 154 14.06 -14.96 12.75
N LEU C 155 14.32 -16.18 12.30
CA LEU C 155 15.16 -17.09 13.08
C LEU C 155 16.50 -16.55 13.56
N VAL C 156 17.24 -15.89 12.69
CA VAL C 156 18.54 -15.38 13.08
C VAL C 156 18.51 -14.28 14.12
N ARG C 157 17.38 -13.56 14.18
CA ARG C 157 17.25 -12.45 15.11
C ARG C 157 16.44 -12.74 16.37
N TRP C 158 15.40 -13.55 16.25
CA TRP C 158 14.53 -13.89 17.38
C TRP C 158 14.40 -15.41 17.49
N PRO C 159 15.53 -16.13 17.61
CA PRO C 159 15.46 -17.59 17.72
C PRO C 159 14.66 -18.09 18.91
N ARG C 160 14.78 -17.42 20.05
CA ARG C 160 14.04 -17.80 21.25
C ARG C 160 12.53 -17.78 20.99
N GLN C 161 12.07 -16.72 20.34
CA GLN C 161 10.65 -16.59 20.04
C GLN C 161 10.18 -17.58 18.97
N VAL C 162 10.97 -17.75 17.91
CA VAL C 162 10.60 -18.67 16.84
C VAL C 162 10.52 -20.11 17.35
N LEU C 163 11.55 -20.53 18.10
CA LEU C 163 11.55 -21.89 18.64
C LEU C 163 10.38 -22.11 19.58
N ALA C 164 10.03 -21.09 20.36
CA ALA C 164 8.90 -21.20 21.28
C ALA C 164 7.64 -21.48 20.47
N GLU C 165 7.50 -20.81 19.33
CA GLU C 165 6.34 -21.01 18.46
C GLU C 165 6.29 -22.47 18.02
N PHE C 166 7.46 -23.09 17.85
CA PHE C 166 7.53 -24.48 17.46
C PHE C 166 7.33 -25.42 18.65
N GLY C 167 7.23 -24.85 19.84
CA GLY C 167 7.03 -25.64 21.03
C GLY C 167 8.34 -26.01 21.72
N LEU C 168 9.42 -25.34 21.36
CA LEU C 168 10.73 -25.63 21.94
C LEU C 168 11.28 -24.48 22.78
N GLN C 169 11.62 -24.79 24.03
CA GLN C 169 12.17 -23.79 24.92
C GLN C 169 13.38 -24.37 25.65
N LEU C 170 14.41 -23.56 25.83
CA LEU C 170 15.61 -24.02 26.53
C LEU C 170 15.99 -23.05 27.64
N PRO C 171 16.73 -23.53 28.65
CA PRO C 171 17.15 -22.66 29.75
C PRO C 171 17.81 -21.39 29.22
N SER C 172 17.55 -20.27 29.89
CA SER C 172 18.10 -19.00 29.46
C SER C 172 19.63 -18.99 29.40
N GLU C 173 20.28 -19.78 30.24
CA GLU C 173 21.74 -19.82 30.26
C GLU C 173 22.32 -20.68 29.15
N VAL C 174 21.50 -21.56 28.58
CA VAL C 174 21.96 -22.43 27.49
C VAL C 174 22.24 -21.58 26.27
N GLN C 175 23.32 -21.90 25.56
CA GLN C 175 23.66 -21.17 24.35
C GLN C 175 22.88 -21.67 23.15
N ILE C 176 21.99 -20.86 22.62
CA ILE C 176 21.24 -21.24 21.43
C ILE C 176 22.11 -20.69 20.30
N ARG C 177 22.51 -21.54 19.37
CA ARG C 177 23.32 -21.08 18.25
C ARG C 177 22.55 -21.29 16.95
N VAL C 178 22.36 -20.21 16.21
CA VAL C 178 21.68 -20.29 14.93
C VAL C 178 22.77 -20.41 13.89
N ALA C 179 22.67 -21.42 13.03
CA ALA C 179 23.65 -21.61 11.98
C ALA C 179 23.01 -21.18 10.67
N ASP C 180 23.62 -20.19 10.00
CA ASP C 180 23.08 -19.71 8.73
C ASP C 180 23.89 -20.33 7.61
N SER C 181 23.29 -21.30 6.89
CA SER C 181 23.96 -21.99 5.79
C SER C 181 23.98 -21.08 4.56
N ASN C 182 24.94 -20.16 4.51
CA ASN C 182 25.00 -19.22 3.40
C ASN C 182 26.03 -19.50 2.31
N GLN C 183 26.95 -20.43 2.56
CA GLN C 183 27.93 -20.75 1.53
C GLN C 183 27.82 -22.22 1.13
N LYS C 184 28.93 -22.93 1.01
CA LYS C 184 28.87 -24.32 0.57
C LYS C 184 28.67 -25.38 1.66
N THR C 185 28.64 -24.97 2.92
CA THR C 185 28.44 -25.92 4.01
C THR C 185 26.95 -26.15 4.27
N ARG C 186 26.59 -27.39 4.59
CA ARG C 186 25.22 -27.75 4.91
C ARG C 186 25.31 -28.39 6.30
N TYR C 187 24.29 -28.18 7.13
CA TYR C 187 24.31 -28.70 8.50
C TYR C 187 23.16 -29.62 8.86
N ILE C 188 23.41 -30.47 9.86
CA ILE C 188 22.38 -31.32 10.44
C ILE C 188 22.68 -31.19 11.93
N VAL C 189 21.63 -31.16 12.74
CA VAL C 189 21.82 -31.03 14.17
C VAL C 189 21.81 -32.37 14.88
N MET C 190 22.80 -32.59 15.74
CA MET C 190 22.88 -33.81 16.53
C MET C 190 22.40 -33.36 17.91
N PRO C 191 21.12 -33.59 18.22
CA PRO C 191 20.61 -33.19 19.53
C PRO C 191 21.13 -34.11 20.63
N VAL C 192 21.03 -33.67 21.88
CA VAL C 192 21.50 -34.51 22.97
C VAL C 192 20.51 -35.67 23.11
N ARG C 193 21.02 -36.82 23.55
CA ARG C 193 20.18 -38.00 23.72
C ARG C 193 19.21 -37.72 24.86
N PRO C 194 17.91 -37.91 24.63
CA PRO C 194 16.93 -37.66 25.68
C PRO C 194 16.89 -38.71 26.79
N GLU C 195 16.41 -38.30 27.95
CA GLU C 195 16.28 -39.18 29.09
C GLU C 195 15.19 -40.20 28.73
N GLY C 196 15.19 -41.35 29.38
CA GLY C 196 14.18 -42.35 29.10
C GLY C 196 14.45 -43.26 27.91
N THR C 197 15.70 -43.38 27.50
CA THR C 197 16.06 -44.23 26.37
C THR C 197 17.16 -45.21 26.76
N ASP C 198 17.28 -45.46 28.06
CA ASP C 198 18.28 -46.37 28.60
C ASP C 198 18.22 -47.75 27.92
N GLY C 199 19.37 -48.20 27.43
CA GLY C 199 19.44 -49.51 26.78
C GLY C 199 18.77 -49.60 25.42
N TRP C 200 18.28 -48.49 24.88
CA TRP C 200 17.63 -48.50 23.57
C TRP C 200 18.59 -48.91 22.47
N THR C 201 18.08 -49.61 21.46
CA THR C 201 18.88 -50.03 20.33
C THR C 201 19.06 -48.86 19.37
N GLU C 202 19.93 -49.02 18.39
CA GLU C 202 20.16 -47.97 17.40
C GLU C 202 18.85 -47.65 16.69
N ASP C 203 18.11 -48.69 16.31
CA ASP C 203 16.83 -48.52 15.62
C ASP C 203 15.84 -47.71 16.45
N GLN C 204 15.77 -47.99 17.74
CA GLN C 204 14.85 -47.29 18.63
C GLN C 204 15.21 -45.82 18.76
N LEU C 205 16.51 -45.55 18.90
CA LEU C 205 16.98 -44.18 19.05
C LEU C 205 16.82 -43.36 17.76
N ALA C 206 17.08 -43.98 16.61
CA ALA C 206 16.96 -43.30 15.33
C ALA C 206 15.51 -42.94 15.04
N GLU C 207 14.60 -43.78 15.53
CA GLU C 207 13.17 -43.59 15.32
C GLU C 207 12.62 -42.30 15.90
N ILE C 208 13.25 -41.75 16.94
CA ILE C 208 12.76 -40.53 17.54
C ILE C 208 13.51 -39.27 17.08
N VAL C 209 14.48 -39.46 16.19
CA VAL C 209 15.23 -38.34 15.64
C VAL C 209 14.55 -37.98 14.33
N THR C 210 13.56 -37.10 14.43
CA THR C 210 12.77 -36.67 13.27
C THR C 210 13.49 -35.61 12.46
N ARG C 211 12.93 -35.30 11.29
CA ARG C 211 13.47 -34.29 10.40
C ARG C 211 13.59 -32.97 11.16
N ASP C 212 12.54 -32.63 11.91
CA ASP C 212 12.54 -31.38 12.67
C ASP C 212 13.66 -31.32 13.70
N CYS C 213 14.01 -32.47 14.27
CA CYS C 213 15.10 -32.53 15.25
C CYS C 213 16.43 -32.27 14.57
N LEU C 214 16.56 -32.74 13.33
CA LEU C 214 17.77 -32.58 12.56
C LEU C 214 17.94 -31.15 12.04
N ILE C 215 16.84 -30.40 12.03
CA ILE C 215 16.87 -29.01 11.60
C ILE C 215 17.12 -28.17 12.85
N GLY C 216 16.58 -28.62 13.98
CA GLY C 216 16.78 -27.92 15.23
C GLY C 216 15.55 -27.23 15.82
N VAL C 217 14.39 -27.37 15.16
CA VAL C 217 13.18 -26.73 15.68
C VAL C 217 12.42 -27.62 16.68
N ALA C 218 12.97 -28.80 16.93
CA ALA C 218 12.39 -29.75 17.88
C ALA C 218 13.52 -30.59 18.49
N VAL C 219 13.23 -31.26 19.60
CA VAL C 219 14.22 -32.12 20.24
C VAL C 219 13.60 -33.52 20.31
N PRO C 220 14.43 -34.56 20.22
CA PRO C 220 13.93 -35.93 20.27
C PRO C 220 13.25 -36.26 21.60
N LYS C 221 12.16 -37.00 21.53
CA LYS C 221 11.41 -37.39 22.72
C LYS C 221 10.91 -38.82 22.60
N PRO C 222 11.09 -39.63 23.66
CA PRO C 222 10.64 -41.02 23.62
C PRO C 222 9.15 -41.05 23.29
N GLY C 223 8.75 -41.93 22.38
CA GLY C 223 7.34 -42.01 22.02
C GLY C 223 6.92 -41.13 20.85
N ILE C 224 7.73 -40.13 20.51
CA ILE C 224 7.41 -39.26 19.38
C ILE C 224 8.26 -39.67 18.20
N THR C 225 7.61 -40.22 17.17
CA THR C 225 8.31 -40.71 16.00
C THR C 225 7.95 -40.01 14.70
N VAL C 226 7.24 -38.89 14.79
CA VAL C 226 6.86 -38.12 13.62
C VAL C 226 6.94 -36.64 13.94
N ASN C 227 7.17 -35.80 12.93
CA ASN C 227 7.25 -34.36 13.15
C ASN C 227 5.94 -33.90 13.76
N ALA C 228 5.98 -32.82 14.54
CA ALA C 228 4.76 -32.29 15.16
C ALA C 228 3.76 -31.99 14.04
N LYS C 229 2.50 -32.35 14.26
CA LYS C 229 1.48 -32.11 13.26
C LYS C 229 1.25 -30.61 13.09
N ARG C 230 1.15 -30.17 11.84
CA ARG C 230 0.88 -28.77 11.53
C ARG C 230 0.08 -28.72 10.24
N PRO C 231 -0.52 -27.57 9.91
CA PRO C 231 -1.31 -27.48 8.68
C PRO C 231 -0.55 -27.95 7.43
N VAL C 232 -1.27 -28.61 6.54
CA VAL C 232 -0.68 -29.09 5.29
C VAL C 232 -1.42 -28.46 4.11
N LEU C 233 -0.70 -27.66 3.33
CA LEU C 233 -1.29 -27.02 2.17
C LEU C 233 -1.25 -28.01 1.01
N LYS C 234 -2.41 -28.33 0.46
CA LYS C 234 -2.49 -29.28 -0.64
C LYS C 234 -2.05 -28.69 -1.98
N ALA C 235 -1.45 -29.54 -2.81
CA ALA C 235 -0.98 -29.14 -4.13
C ALA C 235 -2.13 -29.32 -5.11
N ASN C 236 -2.10 -28.57 -6.21
CA ASN C 236 -3.14 -28.68 -7.22
C ASN C 236 -3.03 -30.05 -7.88
N ARG C 237 -1.81 -30.52 -8.11
CA ARG C 237 -1.58 -31.83 -8.73
C ARG C 237 -0.32 -32.43 -8.12
N PRO C 238 -0.45 -33.09 -6.95
CA PRO C 238 0.66 -33.73 -6.22
C PRO C 238 1.33 -34.90 -6.90
N VAL C 239 2.61 -35.11 -6.57
CA VAL C 239 3.41 -36.18 -7.13
C VAL C 239 2.77 -37.56 -6.90
N PRO D 8 -31.61 20.93 24.11
CA PRO D 8 -31.30 19.71 24.91
C PRO D 8 -30.40 20.07 26.08
N VAL D 9 -30.72 19.53 27.25
CA VAL D 9 -29.93 19.79 28.46
C VAL D 9 -29.33 18.51 28.99
N TRP D 10 -28.03 18.55 29.28
CA TRP D 10 -27.34 17.37 29.81
C TRP D 10 -27.15 17.49 31.32
N ASP D 11 -27.53 16.44 32.03
CA ASP D 11 -27.40 16.42 33.49
C ASP D 11 -25.94 16.19 33.87
N ARG D 12 -25.26 17.24 34.30
CA ARG D 12 -23.86 17.13 34.68
C ARG D 12 -23.61 16.81 36.15
N THR D 13 -24.68 16.60 36.92
CA THR D 13 -24.53 16.30 38.34
C THR D 13 -24.95 14.88 38.70
N HIS D 14 -25.66 14.22 37.79
CA HIS D 14 -26.14 12.86 38.05
C HIS D 14 -25.09 11.87 38.54
N HIS D 15 -24.03 11.66 37.74
CA HIS D 15 -22.99 10.71 38.12
C HIS D 15 -22.37 10.98 39.49
N ALA D 16 -21.94 12.22 39.71
CA ALA D 16 -21.32 12.60 40.98
C ALA D 16 -22.28 12.35 42.13
N LYS D 17 -23.55 12.67 41.94
CA LYS D 17 -24.55 12.49 43.00
C LYS D 17 -24.71 11.04 43.43
N MET D 18 -24.69 10.10 42.48
CA MET D 18 -24.88 8.71 42.85
C MET D 18 -23.60 7.95 43.24
N ALA D 19 -22.45 8.39 42.75
CA ALA D 19 -21.20 7.70 43.04
C ALA D 19 -20.32 8.28 44.16
N THR D 20 -20.50 9.54 44.50
CA THR D 20 -19.68 10.14 45.54
C THR D 20 -19.78 9.38 46.86
N GLY D 21 -18.63 9.07 47.45
CA GLY D 21 -18.59 8.35 48.71
C GLY D 21 -18.92 6.88 48.59
N ILE D 22 -19.16 6.42 47.37
CA ILE D 22 -19.50 5.02 47.12
C ILE D 22 -18.57 4.42 46.08
N GLY D 23 -18.39 5.12 44.97
CA GLY D 23 -17.51 4.65 43.92
C GLY D 23 -18.22 3.98 42.76
N ASP D 24 -17.47 3.72 41.69
CA ASP D 24 -17.97 3.08 40.47
C ASP D 24 -17.07 1.85 40.29
N PRO D 25 -17.65 0.67 40.07
CA PRO D 25 -19.06 0.31 39.96
C PRO D 25 -19.85 0.00 41.24
N GLN D 26 -19.31 0.36 42.40
CA GLN D 26 -20.02 0.07 43.66
C GLN D 26 -21.42 0.69 43.68
N CYS D 27 -21.59 1.83 43.05
CA CYS D 27 -22.89 2.51 43.02
C CYS D 27 -23.99 1.74 42.30
N PHE D 28 -23.64 0.68 41.57
CA PHE D 28 -24.63 -0.11 40.85
C PHE D 28 -24.92 -1.44 41.53
N LYS D 29 -24.28 -1.68 42.67
CA LYS D 29 -24.46 -2.92 43.42
C LYS D 29 -25.92 -3.23 43.69
N GLY D 30 -26.30 -4.47 43.43
CA GLY D 30 -27.67 -4.91 43.66
C GLY D 30 -28.70 -4.56 42.60
N MET D 31 -28.31 -3.77 41.60
CA MET D 31 -29.24 -3.36 40.56
C MET D 31 -29.45 -4.38 39.43
N ALA D 32 -28.59 -5.39 39.36
CA ALA D 32 -28.71 -6.41 38.32
C ALA D 32 -29.63 -7.57 38.72
N GLY D 33 -29.93 -7.67 40.01
CA GLY D 33 -30.79 -8.75 40.47
C GLY D 33 -29.99 -10.04 40.57
N LYS D 34 -30.65 -11.18 40.43
CA LYS D 34 -29.99 -12.48 40.53
C LYS D 34 -29.11 -12.73 39.31
N SER D 35 -27.91 -13.26 39.55
CA SER D 35 -26.98 -13.54 38.46
C SER D 35 -27.46 -14.78 37.72
N LYS D 36 -27.30 -14.76 36.41
CA LYS D 36 -27.72 -15.89 35.58
C LYS D 36 -26.73 -17.05 35.66
N PHE D 37 -25.47 -16.74 35.95
CA PHE D 37 -24.44 -17.79 36.02
C PHE D 37 -23.69 -17.73 37.35
N ASN D 38 -22.98 -18.81 37.65
CA ASN D 38 -22.21 -18.89 38.90
C ASN D 38 -20.77 -19.31 38.65
N VAL D 39 -19.91 -19.03 39.62
CA VAL D 39 -18.50 -19.38 39.55
C VAL D 39 -18.39 -20.87 39.22
N GLY D 40 -17.50 -21.21 38.30
CA GLY D 40 -17.33 -22.60 37.92
C GLY D 40 -18.10 -23.00 36.67
N ASP D 41 -19.10 -22.22 36.29
CA ASP D 41 -19.88 -22.52 35.11
C ASP D 41 -19.05 -22.37 33.84
N ARG D 42 -19.32 -23.21 32.85
CA ARG D 42 -18.63 -23.14 31.57
C ARG D 42 -19.56 -22.36 30.66
N VAL D 43 -19.04 -21.32 30.03
CA VAL D 43 -19.86 -20.50 29.15
C VAL D 43 -19.19 -20.23 27.80
N ARG D 44 -20.01 -20.07 26.77
CA ARG D 44 -19.53 -19.78 25.43
C ARG D 44 -19.87 -18.32 25.13
N ILE D 45 -18.98 -17.63 24.43
CA ILE D 45 -19.21 -16.22 24.11
C ILE D 45 -19.99 -16.04 22.83
N LYS D 46 -21.17 -15.45 22.95
CA LYS D 46 -22.02 -15.21 21.80
C LYS D 46 -21.41 -14.10 20.93
N ASP D 47 -21.48 -14.29 19.62
CA ASP D 47 -20.93 -13.32 18.70
C ASP D 47 -22.00 -12.28 18.38
N LEU D 48 -22.27 -11.42 19.36
CA LEU D 48 -23.27 -10.38 19.19
C LEU D 48 -22.74 -9.29 18.26
N PRO D 49 -23.64 -8.60 17.55
CA PRO D 49 -23.25 -7.53 16.63
C PRO D 49 -22.33 -6.53 17.34
N ASP D 50 -21.27 -6.14 16.64
CA ASP D 50 -20.27 -5.20 17.18
C ASP D 50 -20.46 -3.78 16.69
N LEU D 51 -21.49 -3.54 15.87
CA LEU D 51 -21.70 -2.22 15.31
C LEU D 51 -21.57 -1.06 16.29
N PHE D 52 -20.76 -0.07 15.90
CA PHE D 52 -20.51 1.15 16.68
C PHE D 52 -19.70 0.99 17.95
N TYR D 53 -19.96 -0.05 18.74
CA TYR D 53 -19.20 -0.23 19.98
C TYR D 53 -19.38 -1.59 20.66
N THR D 54 -18.30 -2.03 21.29
CA THR D 54 -18.28 -3.28 22.04
C THR D 54 -16.97 -3.33 22.83
N ARG D 55 -17.01 -3.99 23.98
CA ARG D 55 -15.81 -4.14 24.78
C ARG D 55 -15.55 -5.63 25.02
N THR D 56 -16.20 -6.45 24.21
CA THR D 56 -16.02 -7.90 24.27
C THR D 56 -15.22 -8.20 23.00
N MET D 57 -13.90 -8.27 23.16
CA MET D 57 -12.98 -8.50 22.05
C MET D 57 -13.40 -9.58 21.05
N THR D 58 -13.14 -9.31 19.77
CA THR D 58 -13.48 -10.25 18.71
C THR D 58 -12.78 -11.59 18.92
N TYR D 59 -11.55 -11.57 19.44
CA TYR D 59 -10.81 -12.81 19.64
C TYR D 59 -11.45 -13.81 20.60
N THR D 60 -12.45 -13.36 21.36
CA THR D 60 -13.13 -14.24 22.31
C THR D 60 -14.42 -14.84 21.74
N ARG D 61 -14.97 -14.27 20.68
CA ARG D 61 -16.22 -14.73 20.10
C ARG D 61 -16.26 -16.23 19.74
N GLY D 62 -17.27 -16.92 20.25
CA GLY D 62 -17.43 -18.33 19.97
C GLY D 62 -16.58 -19.26 20.80
N ALA D 63 -15.70 -18.72 21.65
CA ALA D 63 -14.86 -19.56 22.48
C ALA D 63 -15.58 -19.89 23.78
N THR D 64 -15.16 -20.96 24.43
CA THR D 64 -15.76 -21.36 25.69
C THR D 64 -14.74 -21.21 26.81
N GLY D 65 -15.18 -20.67 27.93
CA GLY D 65 -14.29 -20.48 29.06
C GLY D 65 -14.96 -20.81 30.38
N THR D 66 -14.24 -20.62 31.47
CA THR D 66 -14.76 -20.91 32.80
C THR D 66 -14.90 -19.63 33.64
N ILE D 67 -16.07 -19.43 34.22
CA ILE D 67 -16.30 -18.27 35.07
C ILE D 67 -15.54 -18.50 36.37
N VAL D 68 -14.67 -17.56 36.74
CA VAL D 68 -13.92 -17.72 37.98
C VAL D 68 -14.31 -16.70 39.03
N ARG D 69 -15.16 -15.74 38.66
CA ARG D 69 -15.59 -14.73 39.61
C ARG D 69 -16.66 -13.79 39.07
N LEU D 70 -17.60 -13.43 39.93
CA LEU D 70 -18.64 -12.47 39.58
C LEU D 70 -18.01 -11.21 40.17
N VAL D 71 -17.40 -10.41 39.31
CA VAL D 71 -16.68 -9.22 39.71
C VAL D 71 -17.46 -8.02 40.26
N TYR D 72 -18.60 -7.73 39.66
CA TYR D 72 -19.42 -6.59 40.09
C TYR D 72 -20.61 -6.45 39.15
N GLU D 73 -21.45 -5.45 39.44
CA GLU D 73 -22.62 -5.16 38.64
C GLU D 73 -22.43 -3.79 38.03
N SER D 74 -22.88 -3.60 36.80
CA SER D 74 -22.71 -2.33 36.13
C SER D 74 -23.45 -2.28 34.80
N PRO D 75 -23.70 -1.06 34.30
CA PRO D 75 -24.40 -0.99 33.02
C PRO D 75 -23.39 -1.56 32.01
N ALA D 76 -23.87 -2.19 30.95
CA ALA D 76 -22.94 -2.71 29.95
C ALA D 76 -22.24 -1.51 29.32
N ALA D 77 -20.99 -1.69 28.91
CA ALA D 77 -20.24 -0.60 28.28
C ALA D 77 -20.98 -0.14 27.02
N GLU D 78 -21.60 -1.09 26.33
CA GLU D 78 -22.36 -0.81 25.12
C GLU D 78 -23.46 0.23 25.37
N ASP D 79 -23.93 0.32 26.60
CA ASP D 79 -24.97 1.30 26.94
C ASP D 79 -24.39 2.53 27.62
N GLU D 80 -23.47 2.30 28.55
CA GLU D 80 -22.86 3.40 29.29
C GLU D 80 -22.16 4.39 28.35
N ALA D 81 -21.53 3.88 27.30
CA ALA D 81 -20.80 4.72 26.35
C ALA D 81 -21.71 5.63 25.51
N PHE D 82 -23.02 5.43 25.60
CA PHE D 82 -23.96 6.26 24.88
C PHE D 82 -24.93 6.98 25.81
N GLY D 83 -24.56 7.02 27.10
CA GLY D 83 -25.37 7.70 28.09
C GLY D 83 -26.57 6.96 28.60
N ASN D 84 -26.62 5.65 28.38
CA ASN D 84 -27.75 4.85 28.81
C ASN D 84 -27.31 3.97 30.00
N GLU D 85 -27.72 4.36 31.21
CA GLU D 85 -27.33 3.60 32.40
C GLU D 85 -28.54 3.00 33.12
N GLU D 86 -29.68 3.03 32.46
CA GLU D 86 -30.93 2.52 33.02
C GLU D 86 -30.88 1.03 33.37
N ASN D 87 -30.11 0.26 32.60
CA ASN D 87 -30.01 -1.17 32.85
C ASN D 87 -28.65 -1.59 33.40
N VAL D 88 -28.68 -2.46 34.41
CA VAL D 88 -27.46 -2.95 35.04
C VAL D 88 -27.44 -4.46 34.98
N GLU D 89 -26.27 -5.03 34.69
CA GLU D 89 -26.14 -6.47 34.62
C GLU D 89 -24.84 -6.95 35.27
N TRP D 90 -24.78 -8.25 35.51
CA TRP D 90 -23.60 -8.85 36.12
C TRP D 90 -22.43 -9.00 35.15
N PHE D 91 -21.22 -8.76 35.66
CA PHE D 91 -20.00 -8.91 34.88
C PHE D 91 -19.26 -10.10 35.46
N TYR D 92 -18.71 -10.93 34.58
CA TYR D 92 -18.00 -12.14 35.01
C TYR D 92 -16.56 -12.14 34.51
N SER D 93 -15.65 -12.65 35.33
CA SER D 93 -14.26 -12.77 34.92
C SER D 93 -14.16 -14.20 34.40
N ILE D 94 -13.76 -14.34 33.15
CA ILE D 94 -13.69 -15.65 32.51
C ILE D 94 -12.29 -16.08 32.10
N VAL D 95 -11.95 -17.33 32.36
CA VAL D 95 -10.64 -17.86 32.00
C VAL D 95 -10.74 -18.80 30.80
N PHE D 96 -9.97 -18.50 29.77
CA PHE D 96 -9.92 -19.28 28.54
C PHE D 96 -8.58 -20.00 28.43
N ALA D 97 -8.60 -21.21 27.87
CA ALA D 97 -7.36 -21.93 27.64
C ALA D 97 -6.84 -21.32 26.34
N GLN D 98 -5.57 -20.93 26.31
CA GLN D 98 -5.01 -20.32 25.12
C GLN D 98 -5.21 -21.15 23.86
N LYS D 99 -5.12 -22.47 23.97
CA LYS D 99 -5.31 -23.33 22.81
C LYS D 99 -6.71 -23.22 22.21
N ASP D 100 -7.68 -22.75 23.01
CA ASP D 100 -9.05 -22.60 22.49
C ASP D 100 -9.22 -21.27 21.78
N LEU D 101 -8.23 -20.40 21.88
CA LEU D 101 -8.32 -19.10 21.23
C LEU D 101 -7.46 -19.05 19.97
N TRP D 102 -6.24 -19.58 20.10
CA TRP D 102 -5.28 -19.56 19.00
C TRP D 102 -4.96 -20.96 18.49
N PRO D 103 -5.39 -21.27 17.26
CA PRO D 103 -5.16 -22.58 16.65
C PRO D 103 -3.71 -23.05 16.70
N GLU D 104 -2.76 -22.11 16.56
CA GLU D 104 -1.35 -22.45 16.57
C GLU D 104 -0.68 -22.60 17.94
N TYR D 105 -1.41 -22.33 19.02
CA TYR D 105 -0.80 -22.43 20.35
C TYR D 105 -0.19 -23.81 20.58
N SER D 106 1.04 -23.84 21.08
CA SER D 106 1.77 -25.08 21.31
C SER D 106 1.34 -25.91 22.52
N ASP D 107 1.24 -27.22 22.31
CA ASP D 107 0.88 -28.14 23.38
C ASP D 107 1.96 -28.15 24.45
N THR D 108 3.14 -27.65 24.11
CA THR D 108 4.25 -27.59 25.06
C THR D 108 3.86 -26.67 26.22
N PHE D 109 3.05 -25.67 25.91
CA PHE D 109 2.58 -24.71 26.90
C PHE D 109 1.09 -24.96 27.09
N ALA D 110 0.77 -26.20 27.45
CA ALA D 110 -0.60 -26.65 27.62
C ALA D 110 -1.43 -26.00 28.72
N ASN D 111 -0.79 -25.36 29.69
CA ASN D 111 -1.53 -24.76 30.80
C ASN D 111 -1.78 -23.25 30.71
N ASP D 112 -1.25 -22.60 29.68
CA ASP D 112 -1.43 -21.15 29.52
C ASP D 112 -2.89 -20.74 29.33
N THR D 113 -3.24 -19.60 29.92
CA THR D 113 -4.60 -19.11 29.86
C THR D 113 -4.69 -17.59 29.64
N LEU D 114 -5.92 -17.13 29.43
CA LEU D 114 -6.21 -15.71 29.25
C LEU D 114 -7.47 -15.43 30.07
N GLU D 115 -7.41 -14.40 30.90
CA GLU D 115 -8.55 -14.04 31.74
C GLU D 115 -9.02 -12.63 31.37
N THR D 116 -10.32 -12.48 31.17
CA THR D 116 -10.87 -11.18 30.81
C THR D 116 -12.33 -11.09 31.31
N GLU D 117 -12.90 -9.89 31.33
CA GLU D 117 -14.27 -9.72 31.81
C GLU D 117 -15.29 -9.50 30.72
N ILE D 118 -16.45 -10.15 30.88
CA ILE D 118 -17.52 -10.05 29.89
C ILE D 118 -18.88 -9.92 30.59
N PRO D 119 -19.73 -8.99 30.14
CA PRO D 119 -21.03 -8.84 30.78
C PRO D 119 -21.95 -10.01 30.43
N GLU D 120 -22.90 -10.28 31.32
CA GLU D 120 -23.83 -11.40 31.16
C GLU D 120 -24.50 -11.56 29.78
N ARG D 121 -24.81 -10.45 29.12
CA ARG D 121 -25.46 -10.52 27.81
C ARG D 121 -24.74 -11.37 26.75
N TYR D 122 -23.42 -11.50 26.86
CA TYR D 122 -22.65 -12.28 25.89
C TYR D 122 -22.51 -13.76 26.23
N LEU D 123 -22.98 -14.16 27.41
CA LEU D 123 -22.82 -15.53 27.85
C LEU D 123 -23.98 -16.49 27.65
N GLU D 124 -23.65 -17.74 27.34
CA GLU D 124 -24.64 -18.78 27.17
C GLU D 124 -24.00 -20.07 27.70
N LYS D 125 -24.81 -20.89 28.37
CA LYS D 125 -24.34 -22.16 28.91
C LYS D 125 -23.59 -22.92 27.82
N ALA D 126 -22.42 -23.44 28.14
CA ALA D 126 -21.63 -24.17 27.16
C ALA D 126 -22.18 -25.58 26.93
N SER E 4 27.87 5.06 11.81
CA SER E 4 28.70 3.83 11.80
C SER E 4 28.09 2.78 10.86
N ILE E 5 28.84 1.71 10.64
CA ILE E 5 28.38 0.64 9.77
C ILE E 5 27.10 0.00 10.32
N ARG E 6 27.11 -0.34 11.60
CA ARG E 6 25.93 -0.96 12.21
C ARG E 6 24.71 -0.04 12.09
N GLU E 7 24.91 1.26 12.29
CA GLU E 7 23.80 2.19 12.18
C GLU E 7 23.19 2.12 10.78
N GLU E 8 24.04 2.08 9.76
CA GLU E 8 23.56 2.01 8.38
C GLU E 8 22.88 0.67 8.12
N VAL E 9 23.39 -0.38 8.74
CA VAL E 9 22.80 -1.72 8.59
C VAL E 9 21.37 -1.73 9.12
N HIS E 10 21.17 -1.15 10.30
CA HIS E 10 19.83 -1.13 10.89
C HIS E 10 18.89 -0.18 10.17
N ARG E 11 19.42 0.90 9.61
CA ARG E 11 18.58 1.84 8.88
C ARG E 11 18.11 1.12 7.62
N HIS E 12 18.99 0.29 7.06
CA HIS E 12 18.69 -0.47 5.85
C HIS E 12 17.58 -1.50 6.13
N LEU E 13 17.76 -2.30 7.17
CA LEU E 13 16.76 -3.31 7.51
C LEU E 13 15.39 -2.67 7.67
N GLY E 14 15.36 -1.46 8.20
CA GLY E 14 14.10 -0.77 8.38
C GLY E 14 13.55 -0.21 7.08
N THR E 15 14.42 0.31 6.24
CA THR E 15 14.01 0.90 4.97
C THR E 15 13.44 -0.07 3.95
N VAL E 16 14.06 -1.24 3.80
CA VAL E 16 13.58 -2.22 2.85
C VAL E 16 12.14 -2.64 3.13
N ALA E 17 11.69 -2.42 4.37
CA ALA E 17 10.32 -2.77 4.74
C ALA E 17 9.34 -1.94 3.90
N LEU E 18 9.75 -0.72 3.56
CA LEU E 18 8.92 0.18 2.76
C LEU E 18 8.68 -0.38 1.36
N MET E 19 9.62 -1.19 0.88
CA MET E 19 9.54 -1.74 -0.46
C MET E 19 8.93 -3.15 -0.53
N GLN E 20 8.39 -3.63 0.60
CA GLN E 20 7.76 -4.94 0.63
C GLN E 20 6.69 -5.00 -0.45
N PRO E 21 6.82 -5.91 -1.43
CA PRO E 21 5.83 -6.04 -2.51
C PRO E 21 4.43 -6.37 -2.00
N ALA E 22 3.42 -5.86 -2.68
CA ALA E 22 2.05 -6.13 -2.28
C ALA E 22 1.08 -5.88 -3.42
N LEU E 23 -0.12 -6.43 -3.29
CA LEU E 23 -1.18 -6.19 -4.26
C LEU E 23 -1.97 -5.10 -3.56
N HIS E 24 -1.71 -3.86 -3.98
CA HIS E 24 -2.32 -2.67 -3.41
C HIS E 24 -3.56 -2.25 -4.20
N GLN E 25 -4.73 -2.57 -3.66
CA GLN E 25 -5.99 -2.24 -4.31
C GLN E 25 -6.67 -1.03 -3.68
N GLN E 26 -6.54 0.12 -4.33
CA GLN E 26 -7.16 1.35 -3.83
C GLN E 26 -8.67 1.16 -3.84
N THR E 27 -9.35 1.70 -2.84
CA THR E 27 -10.80 1.59 -2.77
C THR E 27 -11.41 2.98 -2.92
N HIS E 28 -12.25 3.15 -3.95
CA HIS E 28 -12.90 4.41 -4.21
C HIS E 28 -14.42 4.25 -4.20
N ALA E 29 -14.99 4.10 -3.00
CA ALA E 29 -16.43 3.94 -2.85
C ALA E 29 -17.00 2.83 -3.73
N PRO E 30 -16.56 1.58 -3.52
CA PRO E 30 -17.01 0.42 -4.30
C PRO E 30 -18.52 0.24 -4.20
N ALA E 31 -19.10 -0.43 -5.19
CA ALA E 31 -20.52 -0.72 -5.19
C ALA E 31 -20.83 -1.75 -4.10
N PRO E 32 -22.10 -1.84 -3.66
CA PRO E 32 -22.48 -2.81 -2.63
C PRO E 32 -22.14 -4.25 -3.01
N THR E 33 -22.19 -4.55 -4.31
CA THR E 33 -21.89 -5.89 -4.79
C THR E 33 -20.41 -6.24 -4.67
N GLU E 34 -19.59 -5.28 -4.26
CA GLU E 34 -18.16 -5.52 -4.08
C GLU E 34 -17.81 -5.71 -2.60
N ILE E 35 -18.84 -5.64 -1.76
CA ILE E 35 -18.63 -5.80 -0.32
C ILE E 35 -19.13 -7.16 0.14
N THR E 36 -18.21 -8.01 0.56
CA THR E 36 -18.57 -9.34 1.06
C THR E 36 -18.89 -9.18 2.54
N HIS E 37 -19.44 -10.23 3.15
CA HIS E 37 -19.74 -10.15 4.58
C HIS E 37 -18.43 -9.93 5.31
N THR E 38 -17.38 -10.63 4.85
CA THR E 38 -16.07 -10.52 5.47
C THR E 38 -15.59 -9.08 5.48
N LEU E 39 -15.75 -8.39 4.34
CA LEU E 39 -15.34 -6.99 4.26
C LEU E 39 -16.26 -6.09 5.08
N PHE E 40 -17.55 -6.41 5.10
CA PHE E 40 -18.50 -5.61 5.86
C PHE E 40 -18.11 -5.61 7.33
N ARG E 41 -17.77 -6.79 7.84
CA ARG E 41 -17.37 -6.91 9.25
C ARG E 41 -16.06 -6.18 9.51
N ALA E 42 -15.12 -6.29 8.58
CA ALA E 42 -13.81 -5.63 8.72
C ALA E 42 -13.94 -4.10 8.70
N TYR E 43 -14.84 -3.58 7.87
CA TYR E 43 -15.03 -2.13 7.78
C TYR E 43 -15.83 -1.56 8.96
N THR E 44 -16.82 -2.30 9.44
CA THR E 44 -17.64 -1.83 10.54
C THR E 44 -17.13 -2.21 11.94
N ARG E 45 -15.95 -2.81 11.98
CA ARG E 45 -15.31 -3.23 13.24
C ARG E 45 -15.08 -1.98 14.09
N VAL E 46 -14.89 -2.16 15.39
CA VAL E 46 -14.56 -1.04 16.27
C VAL E 46 -13.02 -1.06 16.26
N PRO E 47 -12.40 0.01 15.77
CA PRO E 47 -10.95 0.18 15.65
C PRO E 47 -10.06 -0.25 16.82
N HIS E 48 -10.52 -0.01 18.05
CA HIS E 48 -9.71 -0.34 19.22
C HIS E 48 -9.52 -1.82 19.51
N ASP E 49 -10.31 -2.68 18.88
CA ASP E 49 -10.25 -4.12 19.12
C ASP E 49 -9.16 -4.80 18.27
N VAL E 50 -7.91 -4.66 18.71
CA VAL E 50 -6.76 -5.21 17.99
C VAL E 50 -6.14 -6.50 18.54
N GLY E 51 -6.60 -6.95 19.70
CA GLY E 51 -6.03 -8.16 20.29
C GLY E 51 -6.03 -9.36 19.34
N GLY E 52 -4.85 -9.97 19.17
CA GLY E 52 -4.76 -11.13 18.30
C GLY E 52 -4.28 -10.85 16.88
N GLU E 53 -4.23 -9.58 16.50
CA GLU E 53 -3.75 -9.22 15.16
C GLU E 53 -2.25 -9.46 15.10
N ALA E 54 -1.78 -9.98 13.98
CA ALA E 54 -0.36 -10.24 13.81
C ALA E 54 0.41 -8.93 13.74
N ASP E 55 1.59 -8.90 14.34
CA ASP E 55 2.43 -7.71 14.33
C ASP E 55 3.87 -8.20 14.53
N VAL E 56 4.84 -7.33 14.24
CA VAL E 56 6.24 -7.68 14.36
C VAL E 56 6.85 -7.34 15.71
N PRO E 57 8.09 -7.79 15.96
CA PRO E 57 8.71 -7.45 17.24
C PRO E 57 9.29 -6.06 17.09
N ILE E 58 9.15 -5.24 18.14
CA ILE E 58 9.71 -3.90 18.11
C ILE E 58 10.41 -3.70 19.43
N GLU E 59 11.50 -2.94 19.43
CA GLU E 59 12.22 -2.66 20.66
C GLU E 59 11.41 -1.60 21.39
N TYR E 60 10.62 -2.03 22.36
CA TYR E 60 9.78 -1.13 23.13
C TYR E 60 10.58 -0.01 23.79
N HIS E 61 9.99 1.17 23.83
CA HIS E 61 10.64 2.32 24.43
C HIS E 61 9.71 3.07 25.37
N GLU E 62 10.31 3.88 26.24
CA GLU E 62 9.56 4.71 27.17
C GLU E 62 9.48 6.03 26.41
N LYS E 63 8.53 6.89 26.76
CA LYS E 63 8.46 8.17 26.09
C LYS E 63 8.28 9.28 27.11
N GLU E 64 9.11 10.30 26.96
CA GLU E 64 9.08 11.46 27.82
C GLU E 64 7.72 12.12 27.60
N GLU E 65 7.09 12.56 28.68
CA GLU E 65 5.79 13.18 28.62
C GLU E 65 5.82 14.65 28.17
N GLU E 66 4.96 14.99 27.22
CA GLU E 66 4.86 16.36 26.71
C GLU E 66 3.99 17.13 27.69
N ILE E 67 4.24 18.43 27.81
CA ILE E 67 3.43 19.24 28.71
C ILE E 67 1.98 19.18 28.28
N TRP E 68 1.72 19.30 26.98
CA TRP E 68 0.35 19.27 26.51
C TRP E 68 -0.35 17.94 26.75
N GLU E 69 0.40 16.83 26.79
CA GLU E 69 -0.20 15.53 27.04
C GLU E 69 -0.67 15.50 28.49
N LEU E 70 0.17 16.03 29.37
CA LEU E 70 -0.15 16.08 30.79
C LEU E 70 -1.44 16.90 31.00
N ASN E 71 -1.54 18.02 30.29
CA ASN E 71 -2.71 18.89 30.39
C ASN E 71 -3.95 18.27 29.76
N THR E 72 -3.77 17.52 28.68
CA THR E 72 -4.88 16.85 28.00
C THR E 72 -5.49 15.80 28.92
N PHE E 73 -4.63 15.01 29.55
CA PHE E 73 -5.12 13.96 30.45
C PHE E 73 -5.93 14.58 31.58
N ALA E 74 -5.43 15.66 32.16
CA ALA E 74 -6.13 16.34 33.27
C ALA E 74 -7.46 16.90 32.79
N THR E 75 -7.46 17.50 31.60
CA THR E 75 -8.69 18.06 31.06
C THR E 75 -9.75 16.97 30.86
N CYS E 76 -9.33 15.82 30.35
CA CYS E 76 -10.27 14.73 30.12
C CYS E 76 -10.85 14.18 31.42
N GLU E 77 -10.03 14.02 32.45
CA GLU E 77 -10.55 13.52 33.72
C GLU E 77 -11.41 14.58 34.42
N CYS E 78 -11.05 15.87 34.24
CA CYS E 78 -11.82 16.94 34.85
C CYS E 78 -13.20 17.06 34.21
N LEU E 79 -13.27 16.86 32.90
CA LEU E 79 -14.53 16.91 32.19
C LEU E 79 -15.43 15.79 32.70
N ALA E 80 -14.84 14.64 33.00
CA ALA E 80 -15.61 13.50 33.51
C ALA E 80 -16.01 13.77 34.97
N TRP E 81 -15.04 14.24 35.75
CA TRP E 81 -15.26 14.56 37.16
C TRP E 81 -16.47 15.50 37.26
N ARG E 82 -16.54 16.46 36.36
CA ARG E 82 -17.62 17.43 36.37
C ARG E 82 -18.87 17.08 35.54
N GLY E 83 -19.00 15.81 35.18
CA GLY E 83 -20.17 15.36 34.46
C GLY E 83 -20.39 15.69 33.00
N VAL E 84 -19.36 16.12 32.28
CA VAL E 84 -19.55 16.40 30.86
C VAL E 84 -19.69 15.06 30.13
N TRP E 85 -19.01 14.05 30.65
CA TRP E 85 -19.08 12.70 30.10
C TRP E 85 -18.52 11.69 31.10
N THR E 86 -18.75 10.41 30.82
CA THR E 86 -18.22 9.34 31.66
C THR E 86 -17.01 8.82 30.88
N ALA E 87 -16.14 8.06 31.53
CA ALA E 87 -14.96 7.56 30.83
C ALA E 87 -15.34 6.67 29.65
N GLU E 88 -16.41 5.89 29.81
CA GLU E 88 -16.86 5.02 28.73
C GLU E 88 -17.28 5.81 27.50
N GLU E 89 -17.94 6.94 27.70
CA GLU E 89 -18.34 7.77 26.57
C GLU E 89 -17.06 8.25 25.88
N ARG E 90 -16.06 8.61 26.67
CA ARG E 90 -14.79 9.08 26.11
C ARG E 90 -14.13 7.99 25.28
N ARG E 91 -14.03 6.78 25.83
CA ARG E 91 -13.41 5.68 25.13
C ARG E 91 -14.06 5.41 23.78
N ARG E 92 -15.39 5.33 23.77
CA ARG E 92 -16.12 5.09 22.54
C ARG E 92 -15.85 6.17 21.49
N LYS E 93 -15.87 7.42 21.90
CA LYS E 93 -15.61 8.53 20.97
C LYS E 93 -14.14 8.60 20.56
N GLN E 94 -13.26 8.39 21.52
CA GLN E 94 -11.81 8.49 21.34
C GLN E 94 -11.11 7.33 20.63
N ASN E 95 -11.47 6.11 20.99
CA ASN E 95 -10.82 4.94 20.42
C ASN E 95 -11.60 4.20 19.35
N CYS E 96 -12.81 4.66 19.05
CA CYS E 96 -13.63 4.00 18.05
C CYS E 96 -14.18 4.99 17.02
N ASP E 97 -14.96 5.96 17.49
CA ASP E 97 -15.57 6.94 16.60
C ASP E 97 -14.57 7.64 15.69
N VAL E 98 -13.32 7.79 16.12
CA VAL E 98 -12.32 8.47 15.29
C VAL E 98 -12.07 7.77 13.96
N GLY E 99 -12.36 6.48 13.89
CA GLY E 99 -12.14 5.77 12.64
C GLY E 99 -10.75 5.18 12.49
N GLN E 100 -10.65 4.12 11.69
CA GLN E 100 -9.42 3.39 11.43
C GLN E 100 -8.18 4.24 11.11
N THR E 101 -8.28 5.13 10.13
CA THR E 101 -7.13 5.96 9.73
C THR E 101 -6.57 6.82 10.86
N VAL E 102 -7.40 7.65 11.48
CA VAL E 102 -6.92 8.50 12.55
C VAL E 102 -6.46 7.66 13.73
N TYR E 103 -7.19 6.58 14.00
CA TYR E 103 -6.86 5.70 15.12
C TYR E 103 -5.41 5.24 15.16
N LEU E 104 -4.84 4.92 14.00
CA LEU E 104 -3.45 4.45 13.95
C LEU E 104 -2.48 5.45 13.33
N GLY E 105 -3.00 6.48 12.68
CA GLY E 105 -2.13 7.48 12.05
C GLY E 105 -1.71 8.60 12.97
N MET E 106 -2.57 8.94 13.93
CA MET E 106 -2.30 10.01 14.88
C MET E 106 -1.76 9.45 16.20
N PRO E 107 -1.21 10.33 17.07
CA PRO E 107 -0.68 9.90 18.36
C PRO E 107 -1.75 9.63 19.40
N TYR E 108 -1.42 8.75 20.34
CA TYR E 108 -2.28 8.36 21.45
C TYR E 108 -2.97 9.61 22.03
N TYR E 109 -2.18 10.50 22.64
CA TYR E 109 -2.76 11.70 23.23
C TYR E 109 -3.39 12.66 22.22
N GLY E 110 -3.00 12.55 20.95
CA GLY E 110 -3.60 13.41 19.95
C GLY E 110 -5.08 13.08 19.85
N ARG E 111 -5.41 11.79 19.96
CA ARG E 111 -6.80 11.35 19.89
C ARG E 111 -7.55 11.80 21.15
N TRP E 112 -6.88 11.70 22.30
CA TRP E 112 -7.50 12.14 23.55
C TRP E 112 -7.90 13.61 23.41
N LEU E 113 -6.97 14.43 22.92
CA LEU E 113 -7.21 15.86 22.76
C LEU E 113 -8.30 16.18 21.74
N LEU E 114 -8.23 15.57 20.56
CA LEU E 114 -9.24 15.80 19.54
C LEU E 114 -10.63 15.47 20.08
N THR E 115 -10.71 14.39 20.85
CA THR E 115 -11.98 13.95 21.40
C THR E 115 -12.48 14.86 22.52
N ALA E 116 -11.57 15.51 23.25
CA ALA E 116 -11.97 16.42 24.31
C ALA E 116 -12.66 17.59 23.61
N ALA E 117 -12.08 18.03 22.49
CA ALA E 117 -12.65 19.12 21.70
C ALA E 117 -13.99 18.66 21.16
N ARG E 118 -14.04 17.41 20.74
CA ARG E 118 -15.24 16.82 20.16
C ARG E 118 -16.45 16.81 21.11
N ILE E 119 -16.24 16.38 22.35
CA ILE E 119 -17.35 16.33 23.30
C ILE E 119 -17.96 17.71 23.55
N LEU E 120 -17.12 18.74 23.63
CA LEU E 120 -17.61 20.10 23.84
C LEU E 120 -18.58 20.50 22.74
N VAL E 121 -18.25 20.12 21.50
CA VAL E 121 -19.07 20.45 20.36
C VAL E 121 -20.29 19.55 20.22
N ASP E 122 -20.09 18.25 20.38
CA ASP E 122 -21.20 17.31 20.25
C ASP E 122 -22.32 17.48 21.28
N LYS E 123 -21.97 17.88 22.50
CA LYS E 123 -23.00 18.09 23.52
C LYS E 123 -23.38 19.56 23.59
N GLN E 124 -22.97 20.29 22.55
CA GLN E 124 -23.28 21.70 22.41
C GLN E 124 -22.88 22.65 23.54
N PHE E 125 -21.77 22.35 24.22
CA PHE E 125 -21.30 23.23 25.28
C PHE E 125 -20.61 24.42 24.61
N VAL E 126 -20.16 24.19 23.39
CA VAL E 126 -19.53 25.23 22.56
C VAL E 126 -19.99 24.91 21.15
N THR E 127 -20.14 25.94 20.31
CA THR E 127 -20.52 25.74 18.92
C THR E 127 -19.23 25.47 18.18
N LEU E 128 -19.31 24.85 17.01
CA LEU E 128 -18.09 24.58 16.24
C LEU E 128 -17.43 25.91 15.91
N THR E 129 -18.24 26.95 15.74
CA THR E 129 -17.74 28.27 15.43
C THR E 129 -16.87 28.81 16.56
N GLU E 130 -17.34 28.62 17.80
CA GLU E 130 -16.58 29.08 18.95
C GLU E 130 -15.24 28.35 19.01
N LEU E 131 -15.22 27.08 18.65
CA LEU E 131 -13.98 26.31 18.66
C LEU E 131 -13.06 26.84 17.58
N HIS E 132 -13.58 27.00 16.36
CA HIS E 132 -12.77 27.52 15.25
C HIS E 132 -12.24 28.90 15.60
N ASN E 133 -13.10 29.75 16.16
CA ASN E 133 -12.69 31.10 16.55
C ASN E 133 -11.58 31.05 17.59
N LYS E 134 -11.72 30.14 18.56
CA LYS E 134 -10.73 30.01 19.62
C LYS E 134 -9.38 29.59 19.08
N ILE E 135 -9.38 28.71 18.10
CA ILE E 135 -8.14 28.22 17.49
C ILE E 135 -7.44 29.40 16.84
N VAL E 136 -8.20 30.25 16.15
CA VAL E 136 -7.65 31.42 15.49
C VAL E 136 -7.04 32.32 16.58
N GLU E 137 -7.76 32.47 17.69
CA GLU E 137 -7.30 33.28 18.81
C GLU E 137 -5.94 32.82 19.34
N MET E 138 -5.79 31.52 19.54
CA MET E 138 -4.55 30.98 20.05
C MET E 138 -3.40 31.27 19.09
N ARG E 139 -3.64 31.09 17.80
CA ARG E 139 -2.62 31.35 16.78
C ARG E 139 -2.18 32.81 16.78
N GLU E 140 -3.15 33.73 16.82
CA GLU E 140 -2.84 35.16 16.82
C GLU E 140 -2.10 35.54 18.10
N ARG E 141 -2.46 34.91 19.22
CA ARG E 141 -1.81 35.19 20.49
C ARG E 141 -0.31 34.90 20.35
N VAL E 142 0.00 33.76 19.72
CA VAL E 142 1.39 33.36 19.50
C VAL E 142 2.09 34.29 18.51
N ALA E 143 1.43 34.53 17.36
CA ALA E 143 2.00 35.38 16.33
C ALA E 143 2.29 36.80 16.82
N SER E 144 1.48 37.30 17.74
CA SER E 144 1.66 38.64 18.27
C SER E 144 2.67 38.66 19.42
N GLY E 145 3.17 37.49 19.78
CA GLY E 145 4.15 37.39 20.85
C GLY E 145 3.56 37.54 22.24
N GLN E 146 2.26 37.35 22.38
CA GLN E 146 1.62 37.46 23.69
C GLN E 146 1.83 36.19 24.50
N GLY E 147 2.53 35.22 23.91
CA GLY E 147 2.79 33.97 24.60
C GLY E 147 1.62 33.01 24.47
N LEU E 148 1.83 31.76 24.91
CA LEU E 148 0.78 30.75 24.83
C LEU E 148 0.89 29.82 26.04
N GLY E 149 0.15 30.16 27.09
CA GLY E 149 0.17 29.36 28.30
C GLY E 149 1.58 29.09 28.79
N GLU E 150 1.83 27.87 29.24
CA GLU E 150 3.15 27.49 29.74
C GLU E 150 4.02 26.92 28.62
N TYR E 151 3.51 26.93 27.39
CA TYR E 151 4.25 26.42 26.25
C TYR E 151 5.18 27.47 25.67
N LEU E 152 4.77 28.73 25.75
CA LEU E 152 5.55 29.82 25.20
C LEU E 152 5.36 31.11 25.99
N PRO E 153 6.43 31.65 26.58
CA PRO E 153 6.32 32.90 27.35
C PRO E 153 6.18 34.08 26.39
N PRO E 154 5.54 35.16 26.84
CA PRO E 154 5.36 36.34 25.98
C PRO E 154 6.70 36.87 25.47
N VAL F 24 5.35 26.59 18.63
CA VAL F 24 4.24 25.78 19.23
C VAL F 24 3.62 24.84 18.20
N SER F 25 3.21 23.66 18.65
CA SER F 25 2.61 22.66 17.76
C SER F 25 1.09 22.79 17.67
N ASP F 26 0.51 22.12 16.68
CA ASP F 26 -0.93 22.14 16.51
C ASP F 26 -1.61 21.56 17.75
N PHE F 27 -0.94 20.62 18.39
CA PHE F 27 -1.48 19.99 19.59
C PHE F 27 -1.53 20.96 20.76
N GLU F 28 -0.49 21.77 20.91
CA GLU F 28 -0.44 22.74 22.00
C GLU F 28 -1.47 23.84 21.77
N ILE F 29 -1.63 24.25 20.53
CA ILE F 29 -2.62 25.27 20.19
C ILE F 29 -4.02 24.75 20.57
N LEU F 30 -4.32 23.53 20.16
CA LEU F 30 -5.63 22.94 20.43
C LEU F 30 -5.86 22.69 21.92
N GLU F 31 -4.83 22.23 22.64
CA GLU F 31 -4.96 21.95 24.06
C GLU F 31 -5.35 23.24 24.78
N MET F 32 -4.73 24.35 24.41
CA MET F 32 -5.01 25.63 25.02
C MET F 32 -6.45 26.06 24.70
N ALA F 33 -6.84 25.91 23.44
CA ALA F 33 -8.18 26.27 22.99
C ALA F 33 -9.23 25.48 23.77
N VAL F 34 -9.03 24.17 23.90
CA VAL F 34 -9.97 23.32 24.61
C VAL F 34 -10.06 23.67 26.10
N ARG F 35 -8.90 23.84 26.73
CA ARG F 35 -8.87 24.16 28.16
C ARG F 35 -9.56 25.50 28.45
N GLU F 36 -9.25 26.54 27.67
CA GLU F 36 -9.87 27.84 27.89
C GLU F 36 -11.39 27.79 27.70
N LEU F 37 -11.84 27.15 26.63
CA LEU F 37 -13.27 27.02 26.36
C LEU F 37 -14.01 26.29 27.48
N ALA F 38 -13.42 25.21 27.96
CA ALA F 38 -14.03 24.43 29.02
C ALA F 38 -14.22 25.29 30.27
N ILE F 39 -13.17 26.03 30.63
CA ILE F 39 -13.22 26.89 31.81
C ILE F 39 -14.20 28.05 31.57
N GLU F 40 -14.15 28.65 30.39
CA GLU F 40 -15.04 29.75 30.07
C GLU F 40 -16.51 29.36 30.18
N LYS F 41 -16.83 28.13 29.78
CA LYS F 41 -18.20 27.63 29.82
C LYS F 41 -18.60 27.06 31.18
N GLY F 42 -17.67 27.07 32.13
CA GLY F 42 -17.96 26.57 33.46
C GLY F 42 -18.06 25.06 33.58
N LEU F 43 -17.42 24.34 32.67
CA LEU F 43 -17.46 22.87 32.69
C LEU F 43 -16.57 22.38 33.84
N PHE F 44 -15.42 23.03 34.00
CA PHE F 44 -14.52 22.74 35.10
C PHE F 44 -13.71 24.02 35.31
N SER F 45 -13.08 24.16 36.46
CA SER F 45 -12.31 25.37 36.74
C SER F 45 -10.82 25.18 36.62
N ALA F 46 -10.09 26.29 36.62
CA ALA F 46 -8.63 26.27 36.52
C ALA F 46 -8.12 25.52 37.76
N GLU F 47 -8.82 25.70 38.88
CA GLU F 47 -8.44 25.03 40.11
C GLU F 47 -8.60 23.53 39.96
N ASP F 48 -9.72 23.09 39.37
CA ASP F 48 -9.95 21.66 39.16
C ASP F 48 -8.79 21.07 38.37
N HIS F 49 -8.43 21.74 37.29
CA HIS F 49 -7.34 21.28 36.42
C HIS F 49 -6.04 21.17 37.20
N ARG F 50 -5.71 22.21 37.96
CA ARG F 50 -4.48 22.22 38.74
C ARG F 50 -4.50 21.08 39.76
N VAL F 51 -5.62 20.93 40.45
CA VAL F 51 -5.77 19.87 41.44
C VAL F 51 -5.57 18.50 40.80
N TRP F 52 -6.07 18.31 39.58
CA TRP F 52 -5.91 17.00 38.95
C TRP F 52 -4.47 16.75 38.55
N LYS F 53 -3.82 17.74 37.93
CA LYS F 53 -2.43 17.56 37.54
C LYS F 53 -1.60 17.23 38.79
N ASP F 54 -1.87 17.91 39.89
CA ASP F 54 -1.13 17.65 41.13
C ASP F 54 -1.34 16.23 41.64
N TYR F 55 -2.59 15.77 41.61
CA TYR F 55 -2.90 14.41 42.06
C TYR F 55 -2.14 13.38 41.25
N VAL F 56 -2.17 13.51 39.93
CA VAL F 56 -1.47 12.58 39.04
C VAL F 56 0.03 12.62 39.30
N HIS F 57 0.54 13.83 39.51
CA HIS F 57 1.97 14.03 39.76
C HIS F 57 2.45 13.24 40.99
N THR F 58 1.57 13.04 41.95
CA THR F 58 1.94 12.31 43.16
C THR F 58 1.87 10.78 42.98
N LEU F 59 1.19 10.34 41.93
CA LEU F 59 1.04 8.90 41.69
C LEU F 59 2.33 8.18 41.32
N GLY F 60 2.45 6.94 41.77
CA GLY F 60 3.64 6.15 41.48
C GLY F 60 3.44 4.70 41.90
N PRO F 61 4.39 3.80 41.58
CA PRO F 61 4.34 2.38 41.92
C PRO F 61 4.68 2.00 43.35
N LEU F 62 5.17 2.95 44.13
CA LEU F 62 5.56 2.69 45.51
C LEU F 62 4.45 2.03 46.34
N PRO F 63 3.23 2.57 46.29
CA PRO F 63 2.13 1.97 47.07
C PRO F 63 1.91 0.49 46.72
N ALA F 64 1.95 0.19 45.43
CA ALA F 64 1.73 -1.18 44.96
C ALA F 64 2.87 -2.10 45.38
N ALA F 65 4.09 -1.58 45.30
CA ALA F 65 5.26 -2.36 45.68
C ALA F 65 5.17 -2.75 47.15
N ARG F 66 4.69 -1.83 47.97
CA ARG F 66 4.54 -2.09 49.40
C ARG F 66 3.45 -3.12 49.68
N LEU F 67 2.40 -3.10 48.86
CA LEU F 67 1.32 -4.06 49.03
C LEU F 67 1.87 -5.47 48.81
N VAL F 68 2.74 -5.61 47.81
CA VAL F 68 3.33 -6.92 47.51
C VAL F 68 4.23 -7.35 48.67
N ALA F 69 5.13 -6.47 49.08
CA ALA F 69 6.04 -6.76 50.18
C ALA F 69 5.24 -7.17 51.42
N LYS F 70 4.18 -6.43 51.72
CA LYS F 70 3.34 -6.75 52.86
C LYS F 70 2.70 -8.12 52.74
N ALA F 71 2.23 -8.45 51.54
CA ALA F 71 1.60 -9.74 51.30
C ALA F 71 2.61 -10.85 51.52
N TRP F 72 3.85 -10.61 51.12
CA TRP F 72 4.91 -11.60 51.29
C TRP F 72 5.20 -11.93 52.75
N LEU F 73 4.97 -10.97 53.63
CA LEU F 73 5.25 -11.18 55.06
C LEU F 73 4.02 -11.41 55.93
N ASP F 74 2.83 -11.39 55.33
CA ASP F 74 1.61 -11.56 56.11
C ASP F 74 0.58 -12.42 55.37
N PRO F 75 0.53 -13.72 55.69
CA PRO F 75 -0.40 -14.67 55.07
C PRO F 75 -1.85 -14.18 55.04
N GLU F 76 -2.28 -13.54 56.11
CA GLU F 76 -3.65 -13.01 56.20
C GLU F 76 -3.87 -11.90 55.18
N TYR F 77 -2.92 -10.98 55.09
CA TYR F 77 -3.02 -9.87 54.15
C TYR F 77 -2.96 -10.37 52.70
N LYS F 78 -2.11 -11.35 52.44
CA LYS F 78 -2.00 -11.90 51.09
C LYS F 78 -3.38 -12.40 50.65
N LYS F 79 -4.05 -13.14 51.53
CA LYS F 79 -5.38 -13.66 51.22
C LYS F 79 -6.33 -12.51 50.89
N LEU F 80 -6.23 -11.42 51.66
CA LEU F 80 -7.07 -10.26 51.43
C LEU F 80 -6.81 -9.64 50.07
N CYS F 81 -5.53 -9.50 49.72
CA CYS F 81 -5.15 -8.93 48.43
C CYS F 81 -5.81 -9.70 47.29
N ILE F 82 -5.72 -11.02 47.36
CA ILE F 82 -6.27 -11.90 46.34
C ILE F 82 -7.79 -11.90 46.26
N GLU F 83 -8.45 -11.76 47.40
CA GLU F 83 -9.91 -11.77 47.44
C GLU F 83 -10.56 -10.40 47.27
N ASP F 84 -9.97 -9.38 47.85
CA ASP F 84 -10.53 -8.04 47.78
C ASP F 84 -9.45 -6.98 47.62
N GLY F 85 -8.97 -6.80 46.39
CA GLY F 85 -7.93 -5.83 46.12
C GLY F 85 -8.20 -4.41 46.61
N VAL F 86 -9.45 -3.96 46.50
CA VAL F 86 -9.80 -2.61 46.93
C VAL F 86 -9.58 -2.43 48.43
N GLU F 87 -9.96 -3.44 49.20
CA GLU F 87 -9.81 -3.38 50.66
C GLU F 87 -8.34 -3.42 51.03
N ALA F 88 -7.58 -4.29 50.38
CA ALA F 88 -6.15 -4.42 50.65
C ALA F 88 -5.37 -3.15 50.38
N SER F 89 -5.77 -2.45 49.32
CA SER F 89 -5.12 -1.19 48.91
C SER F 89 -5.11 -0.13 50.00
N LYS F 90 -6.16 -0.11 50.83
CA LYS F 90 -6.25 0.87 51.90
C LYS F 90 -5.06 0.76 52.84
N ALA F 91 -4.60 -0.47 53.05
CA ALA F 91 -3.48 -0.74 53.94
C ALA F 91 -2.21 -0.04 53.51
N VAL F 92 -2.13 0.36 52.25
CA VAL F 92 -0.94 1.05 51.78
C VAL F 92 -1.20 2.52 51.45
N GLY F 93 -2.28 3.06 52.00
CA GLY F 93 -2.60 4.46 51.80
C GLY F 93 -3.35 4.87 50.54
N VAL F 94 -3.70 3.91 49.68
CA VAL F 94 -4.41 4.25 48.46
C VAL F 94 -5.84 3.74 48.51
N ASN F 95 -6.78 4.65 48.70
CA ASN F 95 -8.20 4.31 48.77
C ASN F 95 -8.75 4.67 47.39
N TRP F 96 -9.14 3.63 46.64
CA TRP F 96 -9.64 3.83 45.28
C TRP F 96 -10.86 4.71 45.16
N VAL F 97 -11.63 4.83 46.24
CA VAL F 97 -12.82 5.68 46.20
C VAL F 97 -12.52 7.10 46.68
N THR F 98 -11.84 7.22 47.81
CA THR F 98 -11.55 8.53 48.41
C THR F 98 -10.22 9.22 48.13
N SER F 99 -9.20 8.50 47.69
CA SER F 99 -7.92 9.15 47.41
C SER F 99 -8.01 10.10 46.21
N PRO F 100 -8.72 9.70 45.14
CA PRO F 100 -8.83 10.59 43.98
C PRO F 100 -9.67 11.82 44.32
N PRO F 101 -9.39 12.96 43.68
CA PRO F 101 -10.10 14.23 43.90
C PRO F 101 -11.63 14.15 43.83
N THR F 102 -12.15 13.25 43.00
CA THR F 102 -13.58 13.08 42.82
C THR F 102 -14.34 12.60 44.06
N GLN F 103 -13.71 11.74 44.84
CA GLN F 103 -14.35 11.15 46.01
C GLN F 103 -15.27 10.02 45.57
N PHE F 104 -15.08 9.57 44.33
CA PHE F 104 -15.83 8.45 43.79
C PHE F 104 -14.94 7.68 42.81
N GLY F 105 -13.64 7.73 43.10
CA GLY F 105 -12.65 7.06 42.26
C GLY F 105 -12.37 7.90 41.02
N THR F 106 -11.24 7.66 40.36
CA THR F 106 -10.94 8.43 39.15
C THR F 106 -11.98 8.00 38.13
N PRO F 107 -12.38 8.92 37.24
CA PRO F 107 -13.38 8.58 36.22
C PRO F 107 -12.96 7.45 35.29
N SER F 108 -11.65 7.37 35.00
CA SER F 108 -11.15 6.35 34.08
C SER F 108 -10.57 5.07 34.66
N ASP F 109 -10.20 5.05 35.93
CA ASP F 109 -9.63 3.84 36.51
C ASP F 109 -10.63 3.05 37.35
N TYR F 110 -11.73 3.70 37.72
CA TYR F 110 -12.78 3.05 38.51
C TYR F 110 -12.33 2.58 39.89
N CYS F 111 -13.16 1.77 40.54
CA CYS F 111 -12.85 1.30 41.88
C CYS F 111 -12.92 -0.21 42.08
N ASN F 112 -12.34 -0.98 41.15
CA ASN F 112 -12.34 -2.42 41.30
C ASN F 112 -10.97 -3.01 41.00
N LEU F 113 -10.04 -2.76 41.90
CA LEU F 113 -8.69 -3.28 41.76
C LEU F 113 -8.66 -4.75 42.17
N ARG F 114 -8.00 -5.56 41.35
CA ARG F 114 -7.84 -6.97 41.65
C ARG F 114 -6.35 -7.25 41.65
N VAL F 115 -5.89 -8.05 42.60
CA VAL F 115 -4.49 -8.39 42.69
C VAL F 115 -4.34 -9.84 42.22
N LEU F 116 -3.43 -10.06 41.27
CA LEU F 116 -3.22 -11.40 40.73
C LEU F 116 -1.96 -11.97 41.36
N ALA F 117 -2.12 -13.05 42.13
CA ALA F 117 -0.98 -13.66 42.80
C ALA F 117 -0.31 -14.78 42.03
N ASP F 118 0.97 -14.58 41.69
CA ASP F 118 1.74 -15.60 40.99
C ASP F 118 2.00 -16.71 42.01
N SER F 119 2.44 -17.87 41.53
CA SER F 119 2.74 -19.00 42.39
C SER F 119 3.74 -19.86 41.63
N PRO F 120 4.18 -20.97 42.24
CA PRO F 120 5.15 -21.82 41.53
C PRO F 120 4.59 -22.40 40.23
N THR F 121 3.27 -22.34 40.07
CA THR F 121 2.63 -22.89 38.87
C THR F 121 1.79 -21.87 38.10
N LEU F 122 1.93 -20.59 38.45
CA LEU F 122 1.15 -19.55 37.80
C LEU F 122 1.86 -18.20 37.78
N LYS F 123 1.95 -17.60 36.60
CA LYS F 123 2.60 -16.30 36.45
C LYS F 123 1.72 -15.42 35.55
N HIS F 124 1.36 -14.24 36.06
CA HIS F 124 0.49 -13.30 35.34
C HIS F 124 1.20 -12.15 34.64
N VAL F 125 0.56 -11.64 33.59
CA VAL F 125 1.06 -10.49 32.86
C VAL F 125 -0.19 -9.75 32.39
N VAL F 126 -0.17 -8.42 32.50
CA VAL F 126 -1.35 -7.64 32.17
C VAL F 126 -1.27 -6.73 30.94
N VAL F 127 -2.43 -6.48 30.34
CA VAL F 127 -2.54 -5.63 29.16
C VAL F 127 -3.99 -5.19 29.00
N CYS F 128 -4.21 -4.14 28.20
CA CYS F 128 -5.54 -3.67 27.88
C CYS F 128 -5.53 -3.64 26.36
N THR F 129 -6.01 -4.71 25.73
CA THR F 129 -6.01 -4.76 24.27
C THR F 129 -6.84 -3.66 23.63
N LEU F 130 -7.90 -3.22 24.30
CA LEU F 130 -8.77 -2.19 23.74
C LEU F 130 -8.22 -0.77 23.88
N CSD F 131 -7.26 -0.59 24.78
CA CSD F 131 -6.65 0.71 25.01
CB CSD F 131 -7.65 1.84 25.28
SG CSD F 131 -8.79 1.47 26.67
C CSD F 131 -5.37 0.82 25.81
O CSD F 131 -4.28 0.57 25.30
OD1 CSD F 131 -9.57 0.32 26.36
OD2 CSD F 131 -9.70 2.64 26.86
N SER F 132 -5.51 1.21 27.08
CA SER F 132 -4.35 1.34 27.95
C SER F 132 -4.74 1.29 29.41
N CSO F 133 -5.93 0.75 29.67
CA CSO F 133 -6.42 0.61 31.03
CB CSO F 133 -7.71 -0.20 31.14
SG CSO F 133 -8.97 0.35 29.94
C CSO F 133 -5.31 0.18 31.99
O CSO F 133 -4.71 -0.88 31.80
OD CSO F 133 -8.96 1.82 30.23
N TYR F 134 -5.08 0.98 33.01
CA TYR F 134 -3.98 0.75 33.94
C TYR F 134 -4.44 1.17 35.36
N PRO F 135 -3.94 0.50 36.41
CA PRO F 135 -4.32 0.83 37.79
C PRO F 135 -3.61 2.10 38.27
N ARG F 136 -3.88 3.21 37.58
CA ARG F 136 -3.23 4.49 37.90
C ARG F 136 -3.16 4.90 39.37
N PRO F 137 -4.29 4.83 40.10
CA PRO F 137 -4.28 5.22 41.52
C PRO F 137 -3.17 4.62 42.37
N ILE F 138 -2.86 3.35 42.15
CA ILE F 138 -1.84 2.68 42.95
C ILE F 138 -0.53 2.41 42.22
N LEU F 139 -0.51 2.68 40.91
CA LEU F 139 0.70 2.41 40.14
C LEU F 139 1.28 3.58 39.36
N GLY F 140 0.47 4.62 39.13
CA GLY F 140 0.96 5.76 38.38
C GLY F 140 0.53 5.69 36.92
N GLN F 141 1.17 6.48 36.06
CA GLN F 141 0.81 6.50 34.64
C GLN F 141 1.44 5.33 33.88
N SER F 142 0.76 4.89 32.83
CA SER F 142 1.21 3.77 32.02
C SER F 142 2.42 4.05 31.16
N PRO F 143 3.24 3.02 30.90
CA PRO F 143 4.45 3.13 30.08
C PRO F 143 4.03 3.38 28.63
N GLU F 144 4.84 4.09 27.86
CA GLU F 144 4.52 4.34 26.47
C GLU F 144 4.25 3.05 25.70
N TRP F 145 5.10 2.04 25.92
CA TRP F 145 4.95 0.76 25.23
C TRP F 145 3.69 -0.02 25.61
N TYR F 146 3.22 0.19 26.83
CA TYR F 146 2.02 -0.50 27.31
C TYR F 146 0.80 -0.05 26.49
N ARG F 147 0.87 1.17 25.97
CA ARG F 147 -0.23 1.76 25.20
C ARG F 147 -0.11 1.51 23.70
N SER F 148 1.01 0.96 23.27
CA SER F 148 1.23 0.72 21.85
C SER F 148 0.35 -0.35 21.23
N PRO F 149 -0.04 -0.16 19.95
CA PRO F 149 -0.87 -1.14 19.26
C PRO F 149 -0.15 -2.49 19.23
N ASN F 150 1.18 -2.43 19.12
CA ASN F 150 2.02 -3.62 19.07
C ASN F 150 1.84 -4.53 20.29
N TYR F 151 2.03 -3.95 21.47
CA TYR F 151 1.88 -4.69 22.72
C TYR F 151 0.45 -5.21 22.85
N ARG F 152 -0.51 -4.37 22.52
CA ARG F 152 -1.92 -4.72 22.60
C ARG F 152 -2.36 -5.82 21.64
N ARG F 153 -1.66 -5.94 20.51
CA ARG F 153 -1.98 -6.97 19.53
C ARG F 153 -1.37 -8.31 19.89
N ARG F 154 -0.11 -8.27 20.29
CA ARG F 154 0.68 -9.48 20.57
C ARG F 154 0.63 -10.20 21.90
N LEU F 155 0.64 -9.48 23.02
CA LEU F 155 0.67 -10.13 24.33
C LEU F 155 -0.35 -11.24 24.56
N VAL F 156 -1.61 -11.00 24.19
CA VAL F 156 -2.65 -12.01 24.39
C VAL F 156 -2.50 -13.29 23.59
N ARG F 157 -1.81 -13.21 22.45
CA ARG F 157 -1.65 -14.38 21.58
C ARG F 157 -0.28 -15.07 21.67
N TRP F 158 0.77 -14.27 21.83
CA TRP F 158 2.12 -14.79 21.92
C TRP F 158 2.79 -14.28 23.21
N PRO F 159 2.18 -14.55 24.37
CA PRO F 159 2.78 -14.07 25.63
C PRO F 159 4.21 -14.56 25.90
N ARG F 160 4.45 -15.85 25.64
CA ARG F 160 5.77 -16.44 25.85
C ARG F 160 6.84 -15.69 25.04
N GLN F 161 6.53 -15.42 23.78
CA GLN F 161 7.48 -14.72 22.91
C GLN F 161 7.70 -13.27 23.33
N VAL F 162 6.61 -12.57 23.62
CA VAL F 162 6.72 -11.17 24.04
C VAL F 162 7.52 -11.03 25.33
N LEU F 163 7.23 -11.87 26.33
CA LEU F 163 7.95 -11.80 27.60
C LEU F 163 9.44 -12.11 27.40
N ALA F 164 9.74 -13.05 26.49
CA ALA F 164 11.12 -13.42 26.21
C ALA F 164 11.86 -12.18 25.70
N GLU F 165 11.17 -11.40 24.88
CA GLU F 165 11.75 -10.16 24.34
C GLU F 165 12.09 -9.23 25.51
N PHE F 166 11.23 -9.25 26.53
CA PHE F 166 11.42 -8.44 27.73
C PHE F 166 12.49 -9.06 28.64
N GLY F 167 12.93 -10.27 28.30
CA GLY F 167 13.95 -10.93 29.10
C GLY F 167 13.41 -11.86 30.17
N LEU F 168 12.13 -12.20 30.08
CA LEU F 168 11.49 -13.08 31.05
C LEU F 168 11.06 -14.40 30.44
N GLN F 169 11.42 -15.50 31.10
CA GLN F 169 11.05 -16.83 30.62
C GLN F 169 10.68 -17.70 31.81
N LEU F 170 9.60 -18.48 31.65
CA LEU F 170 9.13 -19.37 32.70
C LEU F 170 9.06 -20.80 32.20
N PRO F 171 9.07 -21.79 33.12
CA PRO F 171 9.00 -23.19 32.73
C PRO F 171 7.79 -23.43 31.83
N SER F 172 7.91 -24.37 30.90
CA SER F 172 6.82 -24.66 29.98
C SER F 172 5.56 -25.19 30.68
N GLU F 173 5.73 -25.87 31.81
CA GLU F 173 4.57 -26.41 32.53
C GLU F 173 3.88 -25.34 33.37
N VAL F 174 4.56 -24.23 33.62
CA VAL F 174 3.97 -23.16 34.40
C VAL F 174 2.87 -22.47 33.60
N GLN F 175 1.75 -22.19 34.26
CA GLN F 175 0.64 -21.53 33.59
C GLN F 175 0.88 -20.03 33.48
N ILE F 176 1.08 -19.55 32.26
CA ILE F 176 1.23 -18.11 32.08
C ILE F 176 -0.19 -17.64 31.80
N ARG F 177 -0.66 -16.67 32.59
CA ARG F 177 -2.00 -16.15 32.39
C ARG F 177 -1.96 -14.68 32.02
N VAL F 178 -2.53 -14.36 30.88
CA VAL F 178 -2.60 -12.97 30.44
C VAL F 178 -3.95 -12.43 30.88
N ALA F 179 -3.94 -11.27 31.53
CA ALA F 179 -5.18 -10.65 31.98
C ALA F 179 -5.43 -9.46 31.08
N ASP F 180 -6.58 -9.45 30.41
CA ASP F 180 -6.93 -8.35 29.51
C ASP F 180 -7.90 -7.44 30.26
N SER F 181 -7.41 -6.29 30.70
CA SER F 181 -8.23 -5.32 31.44
C SER F 181 -9.15 -4.57 30.49
N ASN F 182 -10.27 -5.19 30.14
CA ASN F 182 -11.20 -4.58 29.19
C ASN F 182 -12.45 -3.91 29.76
N GLN F 183 -12.79 -4.19 31.00
CA GLN F 183 -13.97 -3.56 31.59
C GLN F 183 -13.56 -2.62 32.73
N LYS F 184 -14.22 -2.69 33.88
CA LYS F 184 -13.90 -1.79 34.98
C LYS F 184 -12.85 -2.27 35.99
N THR F 185 -12.38 -3.50 35.85
CA THR F 185 -11.37 -4.01 36.76
C THR F 185 -9.97 -3.61 36.30
N ARG F 186 -9.10 -3.31 37.24
CA ARG F 186 -7.71 -2.96 36.95
C ARG F 186 -6.89 -3.97 37.76
N TYR F 187 -5.71 -4.35 37.25
CA TYR F 187 -4.88 -5.34 37.94
C TYR F 187 -3.46 -4.87 38.26
N ILE F 188 -2.88 -5.53 39.25
CA ILE F 188 -1.48 -5.35 39.62
C ILE F 188 -1.07 -6.79 39.90
N VAL F 189 0.14 -7.16 39.52
CA VAL F 189 0.62 -8.51 39.70
C VAL F 189 1.44 -8.66 40.97
N MET F 190 1.13 -9.68 41.77
CA MET F 190 1.88 -9.96 42.99
C MET F 190 2.81 -11.13 42.62
N PRO F 191 4.05 -10.83 42.23
CA PRO F 191 4.99 -11.89 41.86
C PRO F 191 5.42 -12.70 43.08
N VAL F 192 5.96 -13.89 42.85
CA VAL F 192 6.41 -14.72 43.95
C VAL F 192 7.68 -14.09 44.52
N ARG F 193 7.90 -14.28 45.82
CA ARG F 193 9.07 -13.74 46.49
C ARG F 193 10.30 -14.49 45.98
N PRO F 194 11.33 -13.76 45.52
CA PRO F 194 12.56 -14.38 45.00
C PRO F 194 13.52 -14.89 46.07
N GLU F 195 14.42 -15.78 45.64
CA GLU F 195 15.42 -16.35 46.54
C GLU F 195 16.41 -15.24 46.91
N GLY F 196 17.15 -15.45 47.99
CA GLY F 196 18.13 -14.46 48.41
C GLY F 196 17.55 -13.27 49.14
N THR F 197 16.37 -13.42 49.73
CA THR F 197 15.74 -12.33 50.45
C THR F 197 15.34 -12.74 51.86
N ASP F 198 15.83 -13.89 52.32
CA ASP F 198 15.50 -14.36 53.66
C ASP F 198 15.89 -13.32 54.70
N GLY F 199 14.97 -13.01 55.61
CA GLY F 199 15.26 -12.04 56.65
C GLY F 199 15.14 -10.58 56.23
N TRP F 200 14.77 -10.34 54.97
CA TRP F 200 14.62 -8.98 54.48
C TRP F 200 13.44 -8.27 55.13
N THR F 201 13.53 -6.95 55.24
CA THR F 201 12.47 -6.15 55.82
C THR F 201 11.48 -5.80 54.72
N GLU F 202 10.31 -5.28 55.11
CA GLU F 202 9.30 -4.92 54.13
C GLU F 202 9.85 -3.91 53.12
N ASP F 203 10.61 -2.95 53.62
CA ASP F 203 11.21 -1.93 52.76
C ASP F 203 12.16 -2.54 51.75
N GLN F 204 13.01 -3.45 52.22
CA GLN F 204 13.98 -4.11 51.35
C GLN F 204 13.26 -4.89 50.25
N LEU F 205 12.18 -5.56 50.62
CA LEU F 205 11.40 -6.35 49.69
C LEU F 205 10.64 -5.48 48.70
N ALA F 206 10.06 -4.38 49.18
CA ALA F 206 9.31 -3.47 48.32
C ALA F 206 10.20 -2.80 47.29
N GLU F 207 11.47 -2.60 47.66
CA GLU F 207 12.44 -1.94 46.79
C GLU F 207 12.71 -2.68 45.48
N ILE F 208 12.57 -4.00 45.47
CA ILE F 208 12.82 -4.76 44.24
C ILE F 208 11.56 -5.07 43.43
N VAL F 209 10.42 -4.58 43.90
CA VAL F 209 9.16 -4.78 43.19
C VAL F 209 8.93 -3.55 42.32
N THR F 210 9.51 -3.56 41.13
CA THR F 210 9.40 -2.44 40.20
C THR F 210 8.05 -2.39 39.48
N ARG F 211 7.84 -1.30 38.75
CA ARG F 211 6.62 -1.10 37.97
C ARG F 211 6.46 -2.27 37.00
N ASP F 212 7.56 -2.66 36.36
CA ASP F 212 7.53 -3.77 35.41
C ASP F 212 7.09 -5.08 36.04
N CYS F 213 7.46 -5.29 37.30
CA CYS F 213 7.06 -6.52 38.00
C CYS F 213 5.57 -6.47 38.28
N LEU F 214 5.05 -5.27 38.52
CA LEU F 214 3.63 -5.10 38.83
C LEU F 214 2.75 -5.20 37.58
N ILE F 215 3.37 -5.09 36.41
CA ILE F 215 2.65 -5.22 35.14
C ILE F 215 2.76 -6.68 34.76
N GLY F 216 3.91 -7.28 35.08
CA GLY F 216 4.13 -8.68 34.79
C GLY F 216 5.18 -8.98 33.72
N VAL F 217 5.82 -7.95 33.18
CA VAL F 217 6.83 -8.17 32.15
C VAL F 217 8.22 -8.46 32.72
N ALA F 218 8.32 -8.44 34.05
CA ALA F 218 9.57 -8.72 34.74
C ALA F 218 9.24 -9.30 36.11
N VAL F 219 10.21 -9.98 36.71
CA VAL F 219 10.03 -10.55 38.04
C VAL F 219 11.05 -9.89 38.96
N PRO F 220 10.73 -9.77 40.25
CA PRO F 220 11.65 -9.14 41.20
C PRO F 220 12.94 -9.94 41.40
N LYS F 221 14.05 -9.21 41.50
CA LYS F 221 15.35 -9.83 41.68
C LYS F 221 16.18 -9.01 42.66
N PRO F 222 16.79 -9.66 43.67
CA PRO F 222 17.60 -8.93 44.64
C PRO F 222 18.67 -8.12 43.91
N GLY F 223 18.85 -6.87 44.31
CA GLY F 223 19.86 -6.04 43.66
C GLY F 223 19.33 -5.18 42.53
N ILE F 224 18.16 -5.52 41.99
CA ILE F 224 17.56 -4.76 40.91
C ILE F 224 16.43 -3.92 41.51
N THR F 225 16.61 -2.61 41.51
CA THR F 225 15.62 -1.71 42.10
C THR F 225 14.98 -0.73 41.13
N VAL F 226 15.24 -0.92 39.84
CA VAL F 226 14.67 -0.05 38.81
C VAL F 226 14.32 -0.90 37.58
N ASN F 227 13.38 -0.42 36.78
CA ASN F 227 12.98 -1.15 35.58
C ASN F 227 14.17 -1.34 34.67
N ALA F 228 14.13 -2.38 33.85
CA ALA F 228 15.21 -2.64 32.91
C ALA F 228 15.34 -1.41 32.02
N LYS F 229 16.57 -1.04 31.74
CA LYS F 229 16.83 0.12 30.90
C LYS F 229 16.42 -0.17 29.46
N ARG F 230 15.67 0.76 28.87
CA ARG F 230 15.25 0.64 27.48
C ARG F 230 15.27 2.03 26.86
N PRO F 231 15.27 2.11 25.53
CA PRO F 231 15.30 3.41 24.85
C PRO F 231 14.25 4.38 25.36
N VAL F 232 14.59 5.66 25.40
CA VAL F 232 13.68 6.69 25.87
C VAL F 232 13.49 7.75 24.79
N LEU F 233 12.28 7.79 24.21
CA LEU F 233 11.98 8.78 23.18
C LEU F 233 11.71 10.11 23.88
N LYS F 234 12.44 11.14 23.50
CA LYS F 234 12.29 12.45 24.13
C LYS F 234 11.12 13.25 23.58
N ALA F 235 10.51 14.05 24.44
CA ALA F 235 9.38 14.88 24.04
C ALA F 235 9.89 16.17 23.41
N ASN F 236 9.01 16.86 22.67
CA ASN F 236 9.38 18.10 22.03
C ASN F 236 9.47 19.21 23.07
N ARG F 237 8.50 19.23 23.97
CA ARG F 237 8.44 20.24 25.02
C ARG F 237 7.98 19.58 26.31
N PRO F 238 8.90 18.93 27.03
CA PRO F 238 8.57 18.25 28.29
C PRO F 238 8.62 19.20 29.47
N VAL F 239 8.53 18.63 30.67
CA VAL F 239 8.59 19.33 31.95
C VAL F 239 7.76 18.59 33.00
N LYS G 7 -31.90 11.78 29.71
CA LYS G 7 -32.53 13.09 30.10
C LYS G 7 -32.72 14.02 28.91
N PRO G 8 -31.68 14.19 28.08
CA PRO G 8 -31.80 15.08 26.91
C PRO G 8 -33.03 14.81 26.06
N VAL G 9 -33.79 15.88 25.79
CA VAL G 9 -34.99 15.79 24.97
C VAL G 9 -34.75 16.60 23.70
N TRP G 10 -34.94 15.97 22.54
CA TRP G 10 -34.74 16.65 21.28
C TRP G 10 -36.06 17.15 20.71
N ASP G 11 -36.10 18.43 20.37
CA ASP G 11 -37.30 19.04 19.81
C ASP G 11 -37.39 18.61 18.34
N ARG G 12 -38.31 17.70 18.05
CA ARG G 12 -38.48 17.22 16.69
C ARG G 12 -39.48 18.01 15.86
N THR G 13 -40.05 19.08 16.41
CA THR G 13 -41.03 19.87 15.68
C THR G 13 -40.57 21.25 15.26
N HIS G 14 -39.49 21.74 15.86
CA HIS G 14 -38.99 23.08 15.56
C HIS G 14 -38.83 23.40 14.08
N HIS G 15 -38.06 22.59 13.35
CA HIS G 15 -37.84 22.85 11.94
C HIS G 15 -39.12 22.90 11.12
N ALA G 16 -39.98 21.89 11.29
CA ALA G 16 -41.24 21.82 10.55
C ALA G 16 -42.14 23.02 10.82
N LYS G 17 -42.33 23.36 12.08
CA LYS G 17 -43.18 24.49 12.45
C LYS G 17 -42.66 25.79 11.85
N MET G 18 -41.34 25.90 11.75
CA MET G 18 -40.70 27.08 11.22
C MET G 18 -40.68 27.18 9.70
N ALA G 19 -40.46 26.06 9.02
CA ALA G 19 -40.36 26.09 7.56
C ALA G 19 -41.60 25.69 6.75
N THR G 20 -42.60 25.13 7.40
CA THR G 20 -43.81 24.70 6.69
C THR G 20 -44.49 25.83 5.92
N GLY G 21 -44.76 25.58 4.65
CA GLY G 21 -45.40 26.57 3.81
C GLY G 21 -44.47 27.69 3.39
N ILE G 22 -43.23 27.64 3.88
CA ILE G 22 -42.23 28.67 3.58
C ILE G 22 -41.04 28.13 2.82
N GLY G 23 -40.45 27.06 3.35
CA GLY G 23 -39.29 26.46 2.71
C GLY G 23 -37.99 26.80 3.41
N ASP G 24 -36.93 26.12 2.99
CA ASP G 24 -35.58 26.29 3.52
C ASP G 24 -34.75 26.57 2.29
N PRO G 25 -33.92 27.64 2.29
CA PRO G 25 -33.65 28.63 3.34
C PRO G 25 -34.60 29.83 3.45
N GLN G 26 -35.73 29.81 2.77
CA GLN G 26 -36.67 30.92 2.86
C GLN G 26 -37.01 31.29 4.30
N CYS G 27 -37.15 30.28 5.15
CA CYS G 27 -37.50 30.50 6.55
C CYS G 27 -36.49 31.32 7.35
N PHE G 28 -35.33 31.58 6.78
CA PHE G 28 -34.29 32.35 7.47
C PHE G 28 -34.17 33.77 6.91
N LYS G 29 -34.98 34.10 5.92
CA LYS G 29 -34.94 35.42 5.29
C LYS G 29 -35.04 36.57 6.31
N GLY G 30 -34.18 37.56 6.13
CA GLY G 30 -34.19 38.73 7.01
C GLY G 30 -33.48 38.57 8.34
N MET G 31 -33.08 37.34 8.68
CA MET G 31 -32.41 37.09 9.95
C MET G 31 -30.92 37.42 9.99
N ALA G 32 -30.32 37.67 8.83
CA ALA G 32 -28.89 37.97 8.79
C ALA G 32 -28.59 39.46 8.93
N GLY G 33 -29.60 40.30 8.76
CA GLY G 33 -29.37 41.73 8.87
C GLY G 33 -28.77 42.23 7.56
N LYS G 34 -28.04 43.34 7.62
CA LYS G 34 -27.44 43.91 6.40
C LYS G 34 -26.26 43.06 5.93
N SER G 35 -26.15 42.88 4.62
CA SER G 35 -25.07 42.10 4.06
C SER G 35 -23.77 42.91 4.09
N LYS G 36 -22.67 42.24 4.39
CA LYS G 36 -21.37 42.88 4.48
C LYS G 36 -20.78 43.19 3.11
N PHE G 37 -21.15 42.41 2.11
CA PHE G 37 -20.63 42.60 0.75
C PHE G 37 -21.76 42.73 -0.27
N ASN G 38 -21.40 43.13 -1.48
CA ASN G 38 -22.40 43.27 -2.53
C ASN G 38 -21.90 42.70 -3.85
N VAL G 39 -22.83 42.48 -4.78
CA VAL G 39 -22.50 41.95 -6.09
C VAL G 39 -21.43 42.81 -6.75
N GLY G 40 -20.42 42.15 -7.32
CA GLY G 40 -19.34 42.87 -7.98
C GLY G 40 -18.11 42.99 -7.11
N ASP G 41 -18.26 42.83 -5.80
CA ASP G 41 -17.13 42.93 -4.87
C ASP G 41 -16.13 41.80 -5.08
N ARG G 42 -14.85 42.14 -4.91
CA ARG G 42 -13.76 41.18 -5.04
C ARG G 42 -13.44 40.72 -3.62
N VAL G 43 -13.52 39.41 -3.38
CA VAL G 43 -13.25 38.88 -2.05
C VAL G 43 -12.27 37.72 -2.06
N ARG G 44 -11.54 37.59 -0.96
CA ARG G 44 -10.56 36.52 -0.80
C ARG G 44 -11.13 35.59 0.27
N ILE G 45 -10.97 34.28 0.05
CA ILE G 45 -11.49 33.30 1.01
C ILE G 45 -10.51 33.09 2.15
N LYS G 46 -10.96 33.40 3.36
CA LYS G 46 -10.13 33.25 4.55
C LYS G 46 -9.96 31.77 4.86
N ASP G 47 -8.76 31.38 5.26
CA ASP G 47 -8.49 29.99 5.60
C ASP G 47 -8.78 29.73 7.07
N LEU G 48 -10.05 29.72 7.42
CA LEU G 48 -10.48 29.48 8.79
C LEU G 48 -10.28 28.02 9.18
N PRO G 49 -10.04 27.74 10.47
CA PRO G 49 -9.85 26.36 10.91
C PRO G 49 -11.01 25.52 10.40
N ASP G 50 -10.71 24.30 9.96
CA ASP G 50 -11.75 23.42 9.42
C ASP G 50 -11.89 22.13 10.23
N LEU G 51 -11.50 22.17 11.49
CA LEU G 51 -11.59 21.01 12.35
C LEU G 51 -13.04 20.49 12.44
N PHE G 52 -13.21 19.18 12.29
CA PHE G 52 -14.50 18.50 12.37
C PHE G 52 -15.50 18.72 11.23
N TYR G 53 -15.59 19.94 10.71
CA TYR G 53 -16.54 20.19 9.62
C TYR G 53 -16.43 21.56 8.96
N THR G 54 -16.71 21.57 7.65
CA THR G 54 -16.70 22.80 6.86
C THR G 54 -17.28 22.48 5.49
N ARG G 55 -17.91 23.47 4.86
CA ARG G 55 -18.44 23.26 3.51
C ARG G 55 -17.80 24.27 2.57
N THR G 56 -16.69 24.85 3.01
CA THR G 56 -15.92 25.78 2.19
C THR G 56 -14.68 24.99 1.78
N MET G 57 -14.74 24.41 0.59
CA MET G 57 -13.67 23.56 0.07
C MET G 57 -12.25 24.09 0.25
N THR G 58 -11.34 23.17 0.59
CA THR G 58 -9.94 23.51 0.78
C THR G 58 -9.36 24.15 -0.47
N TYR G 59 -9.78 23.67 -1.65
CA TYR G 59 -9.25 24.21 -2.88
C TYR G 59 -9.53 25.70 -3.12
N THR G 60 -10.45 26.28 -2.33
CA THR G 60 -10.77 27.70 -2.47
C THR G 60 -10.00 28.61 -1.50
N ARG G 61 -9.42 28.03 -0.46
CA ARG G 61 -8.71 28.83 0.55
C ARG G 61 -7.61 29.74 0.00
N GLY G 62 -7.67 31.01 0.38
CA GLY G 62 -6.67 31.97 -0.05
C GLY G 62 -6.86 32.51 -1.45
N ALA G 63 -7.86 31.99 -2.16
CA ALA G 63 -8.13 32.45 -3.51
C ALA G 63 -9.03 33.68 -3.50
N THR G 64 -8.99 34.44 -4.59
CA THR G 64 -9.80 35.64 -4.71
C THR G 64 -10.79 35.49 -5.86
N GLY G 65 -12.05 35.84 -5.61
CA GLY G 65 -13.06 35.72 -6.64
C GLY G 65 -13.97 36.93 -6.67
N THR G 66 -14.98 36.88 -7.54
CA THR G 66 -15.94 37.96 -7.66
C THR G 66 -17.33 37.52 -7.25
N ILE G 67 -17.96 38.28 -6.35
CA ILE G 67 -19.32 37.96 -5.92
C ILE G 67 -20.26 38.25 -7.08
N VAL G 68 -21.09 37.28 -7.46
CA VAL G 68 -22.01 37.49 -8.56
C VAL G 68 -23.47 37.45 -8.13
N ARG G 69 -23.72 37.09 -6.87
CA ARG G 69 -25.09 37.03 -6.37
C ARG G 69 -25.16 36.75 -4.88
N LEU G 70 -26.11 37.40 -4.22
CA LEU G 70 -26.37 37.19 -2.80
C LEU G 70 -27.54 36.21 -2.90
N VAL G 71 -27.24 34.92 -2.76
CA VAL G 71 -28.23 33.87 -2.92
C VAL G 71 -29.33 33.72 -1.89
N TYR G 72 -28.99 33.84 -0.61
CA TYR G 72 -29.98 33.70 0.46
C TYR G 72 -29.30 33.86 1.81
N GLU G 73 -30.10 33.75 2.87
CA GLU G 73 -29.61 33.86 4.24
C GLU G 73 -29.85 32.50 4.89
N SER G 74 -28.93 32.07 5.74
CA SER G 74 -29.08 30.79 6.41
C SER G 74 -28.00 30.58 7.45
N PRO G 75 -28.26 29.68 8.41
CA PRO G 75 -27.20 29.47 9.41
C PRO G 75 -26.05 28.83 8.63
N ALA G 76 -24.82 29.07 9.07
CA ALA G 76 -23.67 28.47 8.40
C ALA G 76 -23.80 26.96 8.62
N ALA G 77 -23.35 26.17 7.65
CA ALA G 77 -23.44 24.72 7.77
C ALA G 77 -22.62 24.25 8.96
N GLU G 78 -21.53 24.97 9.24
CA GLU G 78 -20.67 24.65 10.38
C GLU G 78 -21.44 24.66 11.69
N ASP G 79 -22.54 25.41 11.74
CA ASP G 79 -23.36 25.48 12.93
C ASP G 79 -24.60 24.59 12.80
N GLU G 80 -25.23 24.63 11.64
CA GLU G 80 -26.43 23.84 11.38
C GLU G 80 -26.18 22.34 11.53
N ALA G 81 -25.01 21.89 11.07
CA ALA G 81 -24.65 20.47 11.15
C ALA G 81 -24.48 19.97 12.58
N PHE G 82 -24.48 20.88 13.54
CA PHE G 82 -24.35 20.50 14.94
C PHE G 82 -25.55 20.96 15.76
N GLY G 83 -26.66 21.23 15.07
CA GLY G 83 -27.87 21.65 15.73
C GLY G 83 -27.92 23.07 16.27
N ASN G 84 -27.02 23.94 15.79
CA ASN G 84 -26.98 25.32 16.26
C ASN G 84 -27.46 26.25 15.15
N GLU G 85 -28.71 26.70 15.24
CA GLU G 85 -29.27 27.58 14.21
C GLU G 85 -29.60 28.99 14.69
N GLU G 86 -29.11 29.37 15.86
CA GLU G 86 -29.40 30.70 16.39
C GLU G 86 -28.79 31.84 15.57
N ASN G 87 -27.71 31.57 14.84
CA ASN G 87 -27.08 32.61 14.05
C ASN G 87 -27.27 32.40 12.55
N VAL G 88 -27.69 33.44 11.86
CA VAL G 88 -27.92 33.38 10.42
C VAL G 88 -27.05 34.41 9.71
N GLU G 89 -26.51 34.04 8.57
CA GLU G 89 -25.68 34.96 7.82
C GLU G 89 -25.91 34.88 6.33
N TRP G 90 -25.39 35.86 5.59
CA TRP G 90 -25.55 35.89 4.16
C TRP G 90 -24.65 34.89 3.43
N PHE G 91 -25.18 34.31 2.37
CA PHE G 91 -24.43 33.36 1.55
C PHE G 91 -24.22 34.04 0.20
N TYR G 92 -23.04 33.87 -0.37
CA TYR G 92 -22.71 34.51 -1.64
C TYR G 92 -22.24 33.53 -2.68
N SER G 93 -22.62 33.76 -3.93
CA SER G 93 -22.16 32.90 -5.01
C SER G 93 -20.95 33.65 -5.56
N ILE G 94 -19.81 32.97 -5.60
CA ILE G 94 -18.58 33.56 -6.05
C ILE G 94 -17.97 32.87 -7.26
N VAL G 95 -17.45 33.66 -8.19
CA VAL G 95 -16.84 33.13 -9.41
C VAL G 95 -15.32 33.32 -9.35
N PHE G 96 -14.60 32.21 -9.51
CA PHE G 96 -13.14 32.22 -9.50
C PHE G 96 -12.62 31.92 -10.89
N ALA G 97 -11.47 32.50 -11.23
CA ALA G 97 -10.85 32.23 -12.53
C ALA G 97 -10.11 30.92 -12.29
N GLN G 98 -10.25 29.95 -13.18
CA GLN G 98 -9.58 28.66 -12.99
C GLN G 98 -8.08 28.82 -12.79
N LYS G 99 -7.48 29.77 -13.50
CA LYS G 99 -6.05 30.00 -13.39
C LYS G 99 -5.64 30.39 -11.97
N ASP G 100 -6.58 30.96 -11.22
CA ASP G 100 -6.29 31.36 -9.85
C ASP G 100 -6.42 30.23 -8.83
N LEU G 101 -6.94 29.10 -9.26
CA LEU G 101 -7.10 27.95 -8.37
C LEU G 101 -6.04 26.90 -8.65
N TRP G 102 -5.83 26.62 -9.93
CA TRP G 102 -4.87 25.60 -10.36
C TRP G 102 -3.71 26.18 -11.14
N PRO G 103 -2.50 26.17 -10.54
CA PRO G 103 -1.29 26.70 -11.15
C PRO G 103 -1.01 26.20 -12.57
N GLU G 104 -1.40 24.97 -12.85
CA GLU G 104 -1.16 24.39 -14.17
C GLU G 104 -2.18 24.71 -15.26
N TYR G 105 -3.27 25.39 -14.91
CA TYR G 105 -4.30 25.68 -15.91
C TYR G 105 -3.70 26.37 -17.13
N SER G 106 -4.07 25.90 -18.31
CA SER G 106 -3.54 26.44 -19.57
C SER G 106 -4.09 27.81 -19.95
N ASP G 107 -3.21 28.67 -20.47
CA ASP G 107 -3.62 29.99 -20.89
C ASP G 107 -4.52 29.89 -22.11
N THR G 108 -4.51 28.73 -22.76
CA THR G 108 -5.35 28.50 -23.93
C THR G 108 -6.82 28.59 -23.54
N PHE G 109 -7.14 28.21 -22.31
CA PHE G 109 -8.51 28.25 -21.80
C PHE G 109 -8.59 29.32 -20.72
N ALA G 110 -8.13 30.52 -21.06
CA ALA G 110 -8.09 31.64 -20.13
C ALA G 110 -9.42 32.16 -19.59
N ASN G 111 -10.54 31.78 -20.21
CA ASN G 111 -11.82 32.27 -19.74
C ASN G 111 -12.57 31.33 -18.78
N ASP G 112 -12.05 30.12 -18.59
CA ASP G 112 -12.71 29.16 -17.72
C ASP G 112 -12.81 29.61 -16.26
N THR G 113 -13.93 29.29 -15.63
CA THR G 113 -14.17 29.69 -14.25
C THR G 113 -14.83 28.58 -13.43
N LEU G 114 -14.97 28.86 -12.14
CA LEU G 114 -15.61 27.94 -11.19
C LEU G 114 -16.47 28.81 -10.28
N GLU G 115 -17.74 28.44 -10.15
CA GLU G 115 -18.67 29.19 -9.30
C GLU G 115 -19.15 28.30 -8.17
N THR G 116 -19.12 28.84 -6.95
CA THR G 116 -19.55 28.07 -5.79
C THR G 116 -20.03 29.03 -4.71
N GLU G 117 -20.71 28.52 -3.70
CA GLU G 117 -21.24 29.39 -2.64
C GLU G 117 -20.47 29.35 -1.33
N ILE G 118 -20.35 30.53 -0.73
CA ILE G 118 -19.59 30.66 0.51
C ILE G 118 -20.27 31.64 1.47
N PRO G 119 -20.39 31.26 2.75
CA PRO G 119 -21.02 32.14 3.73
C PRO G 119 -20.09 33.29 4.10
N GLU G 120 -20.69 34.44 4.43
CA GLU G 120 -19.98 35.66 4.77
C GLU G 120 -18.75 35.54 5.68
N ARG G 121 -18.80 34.65 6.67
CA ARG G 121 -17.69 34.49 7.60
C ARG G 121 -16.34 34.18 6.94
N TYR G 122 -16.37 33.59 5.76
CA TYR G 122 -15.14 33.23 5.05
C TYR G 122 -14.61 34.32 4.11
N LEU G 123 -15.38 35.38 3.94
CA LEU G 123 -15.00 36.45 3.03
C LEU G 123 -14.36 37.69 3.64
N GLU G 124 -13.47 38.29 2.87
CA GLU G 124 -12.78 39.51 3.28
C GLU G 124 -12.49 40.26 1.99
N LYS G 125 -12.66 41.57 2.01
CA LYS G 125 -12.39 42.38 0.83
C LYS G 125 -10.99 42.08 0.30
N ALA G 126 -10.88 41.92 -1.01
CA ALA G 126 -9.60 41.62 -1.63
C ALA G 126 -8.86 42.91 -1.96
N SER H 2 -9.55 -10.58 -30.85
CA SER H 2 -10.87 -11.14 -30.45
C SER H 2 -11.33 -10.52 -29.13
N SER H 3 -12.62 -10.67 -28.84
CA SER H 3 -13.19 -10.12 -27.61
C SER H 3 -12.52 -10.75 -26.38
N SER H 4 -12.22 -12.04 -26.45
CA SER H 4 -11.59 -12.72 -25.33
C SER H 4 -10.18 -12.17 -25.09
N ILE H 5 -9.43 -11.96 -26.17
CA ILE H 5 -8.08 -11.43 -26.05
C ILE H 5 -8.13 -9.99 -25.51
N ARG H 6 -9.04 -9.19 -26.07
CA ARG H 6 -9.16 -7.81 -25.61
C ARG H 6 -9.56 -7.80 -24.14
N GLU H 7 -10.42 -8.72 -23.75
CA GLU H 7 -10.85 -8.81 -22.36
C GLU H 7 -9.67 -9.07 -21.43
N GLU H 8 -8.78 -9.97 -21.83
CA GLU H 8 -7.60 -10.28 -21.03
C GLU H 8 -6.64 -9.09 -21.00
N VAL H 9 -6.55 -8.37 -22.12
CA VAL H 9 -5.68 -7.20 -22.20
C VAL H 9 -6.11 -6.16 -21.17
N HIS H 10 -7.41 -5.84 -21.15
CA HIS H 10 -7.91 -4.86 -20.21
C HIS H 10 -7.84 -5.32 -18.76
N ARG H 11 -7.99 -6.62 -18.55
CA ARG H 11 -7.89 -7.17 -17.20
C ARG H 11 -6.44 -7.01 -16.75
N HIS H 12 -5.51 -7.19 -17.68
CA HIS H 12 -4.08 -7.04 -17.41
C HIS H 12 -3.73 -5.60 -17.03
N LEU H 13 -4.18 -4.65 -17.83
CA LEU H 13 -3.91 -3.23 -17.57
C LEU H 13 -4.43 -2.81 -16.19
N GLY H 14 -5.52 -3.43 -15.75
CA GLY H 14 -6.07 -3.09 -14.46
C GLY H 14 -5.31 -3.78 -13.34
N THR H 15 -4.88 -5.02 -13.60
CA THR H 15 -4.15 -5.80 -12.61
C THR H 15 -2.76 -5.27 -12.27
N VAL H 16 -2.01 -4.82 -13.28
CA VAL H 16 -0.67 -4.32 -13.01
C VAL H 16 -0.68 -3.10 -12.09
N ALA H 17 -1.81 -2.41 -12.04
CA ALA H 17 -1.94 -1.23 -11.17
C ALA H 17 -1.74 -1.67 -9.72
N LEU H 18 -2.12 -2.90 -9.41
CA LEU H 18 -1.98 -3.44 -8.06
C LEU H 18 -0.51 -3.58 -7.67
N MET H 19 0.35 -3.71 -8.67
CA MET H 19 1.79 -3.90 -8.45
C MET H 19 2.63 -2.62 -8.55
N GLN H 20 1.96 -1.48 -8.74
CA GLN H 20 2.66 -0.20 -8.83
C GLN H 20 3.56 -0.05 -7.59
N PRO H 21 4.88 0.08 -7.81
CA PRO H 21 5.81 0.23 -6.68
C PRO H 21 5.55 1.47 -5.85
N ALA H 22 5.82 1.36 -4.56
CA ALA H 22 5.60 2.48 -3.66
C ALA H 22 6.42 2.31 -2.39
N LEU H 23 6.60 3.41 -1.67
CA LEU H 23 7.28 3.40 -0.40
C LEU H 23 6.09 3.37 0.54
N HIS H 24 5.79 2.19 1.06
CA HIS H 24 4.64 1.98 1.95
C HIS H 24 5.04 2.04 3.41
N GLN H 25 4.71 3.16 4.06
CA GLN H 25 5.04 3.34 5.47
C GLN H 25 3.83 3.14 6.39
N GLN H 26 3.76 1.98 7.02
CA GLN H 26 2.66 1.69 7.93
C GLN H 26 2.75 2.66 9.10
N THR H 27 1.60 3.11 9.60
CA THR H 27 1.59 4.02 10.74
C THR H 27 0.97 3.32 11.94
N HIS H 28 1.77 3.19 13.00
CA HIS H 28 1.33 2.52 14.21
C HIS H 28 1.34 3.45 15.43
N ALA H 29 0.39 4.39 15.47
CA ALA H 29 0.28 5.35 16.57
C ALA H 29 1.60 6.05 16.84
N PRO H 30 2.11 6.80 15.85
CA PRO H 30 3.38 7.51 16.01
C PRO H 30 3.34 8.59 17.09
N ALA H 31 4.49 8.89 17.68
CA ALA H 31 4.60 9.91 18.72
C ALA H 31 4.32 11.28 18.11
N PRO H 32 3.89 12.26 18.93
CA PRO H 32 3.59 13.62 18.46
C PRO H 32 4.76 14.24 17.68
N THR H 33 5.97 13.84 18.02
CA THR H 33 7.17 14.36 17.37
C THR H 33 7.29 13.92 15.92
N GLU H 34 6.47 12.95 15.52
CA GLU H 34 6.48 12.44 14.14
C GLU H 34 5.36 13.06 13.32
N ILE H 35 4.57 13.93 13.94
CA ILE H 35 3.47 14.58 13.25
C ILE H 35 3.83 16.01 12.91
N THR H 36 3.97 16.28 11.62
CA THR H 36 4.30 17.61 11.13
C THR H 36 2.97 18.35 10.98
N HIS H 37 3.03 19.66 10.78
CA HIS H 37 1.80 20.43 10.60
C HIS H 37 1.06 19.93 9.37
N THR H 38 1.82 19.64 8.31
CA THR H 38 1.26 19.16 7.06
C THR H 38 0.46 17.87 7.29
N LEU H 39 1.02 16.98 8.09
CA LEU H 39 0.38 15.71 8.41
C LEU H 39 -0.83 15.95 9.31
N PHE H 40 -0.69 16.87 10.28
CA PHE H 40 -1.78 17.18 11.19
C PHE H 40 -3.00 17.65 10.40
N ARG H 41 -2.77 18.54 9.43
CA ARG H 41 -3.87 19.06 8.62
C ARG H 41 -4.47 17.93 7.78
N ALA H 42 -3.62 17.07 7.25
CA ALA H 42 -4.07 15.95 6.43
C ALA H 42 -4.92 14.98 7.25
N TYR H 43 -4.47 14.65 8.45
CA TYR H 43 -5.21 13.71 9.31
C TYR H 43 -6.53 14.27 9.85
N THR H 44 -6.54 15.56 10.20
CA THR H 44 -7.75 16.19 10.74
C THR H 44 -8.65 16.77 9.67
N ARG H 45 -8.34 16.47 8.41
CA ARG H 45 -9.11 16.94 7.27
C ARG H 45 -10.55 16.44 7.38
N VAL H 46 -11.46 17.10 6.67
CA VAL H 46 -12.85 16.68 6.61
C VAL H 46 -12.83 15.78 5.37
N PRO H 47 -13.06 14.47 5.55
CA PRO H 47 -13.05 13.48 4.46
C PRO H 47 -13.78 13.81 3.14
N HIS H 48 -14.93 14.45 3.21
CA HIS H 48 -15.71 14.75 2.00
C HIS H 48 -15.13 15.80 1.06
N ASP H 49 -14.14 16.55 1.54
CA ASP H 49 -13.51 17.63 0.76
C ASP H 49 -12.43 17.11 -0.17
N VAL H 50 -12.84 16.53 -1.30
CA VAL H 50 -11.89 15.95 -2.26
C VAL H 50 -11.62 16.73 -3.54
N GLY H 51 -12.33 17.84 -3.73
CA GLY H 51 -12.13 18.63 -4.93
C GLY H 51 -10.69 19.04 -5.19
N GLY H 52 -10.19 18.75 -6.39
CA GLY H 52 -8.82 19.10 -6.74
C GLY H 52 -7.80 18.00 -6.59
N GLU H 53 -8.17 16.92 -5.90
CA GLU H 53 -7.26 15.79 -5.72
C GLU H 53 -7.04 15.11 -7.06
N ALA H 54 -5.81 14.71 -7.32
CA ALA H 54 -5.48 14.03 -8.56
C ALA H 54 -6.13 12.64 -8.57
N ASP H 55 -6.65 12.25 -9.73
CA ASP H 55 -7.27 10.94 -9.87
C ASP H 55 -7.13 10.57 -11.35
N VAL H 56 -7.39 9.30 -11.68
CA VAL H 56 -7.26 8.82 -13.05
C VAL H 56 -8.59 8.82 -13.81
N PRO H 57 -8.53 8.61 -15.13
CA PRO H 57 -9.77 8.58 -15.90
C PRO H 57 -10.37 7.19 -15.70
N ILE H 58 -11.69 7.12 -15.55
CA ILE H 58 -12.33 5.81 -15.42
C ILE H 58 -13.55 5.85 -16.33
N GLU H 59 -13.93 4.70 -16.87
CA GLU H 59 -15.09 4.65 -17.74
C GLU H 59 -16.31 4.71 -16.82
N TYR H 60 -16.88 5.91 -16.70
CA TYR H 60 -18.05 6.13 -15.85
C TYR H 60 -19.19 5.19 -16.22
N HIS H 61 -19.86 4.67 -15.20
CA HIS H 61 -20.98 3.77 -15.44
C HIS H 61 -22.21 4.17 -14.63
N GLU H 62 -23.35 3.63 -15.05
CA GLU H 62 -24.60 3.86 -14.35
C GLU H 62 -24.69 2.61 -13.46
N LYS H 63 -25.51 2.67 -12.42
CA LYS H 63 -25.71 1.52 -11.55
C LYS H 63 -27.18 1.42 -11.20
N GLU H 64 -27.75 0.21 -11.33
CA GLU H 64 -29.15 0.01 -10.97
C GLU H 64 -29.30 0.25 -9.48
N GLU H 65 -30.47 0.73 -9.07
CA GLU H 65 -30.75 1.00 -7.67
C GLU H 65 -31.15 -0.29 -6.96
N GLU H 66 -30.55 -0.55 -5.79
CA GLU H 66 -30.88 -1.73 -5.00
C GLU H 66 -32.15 -1.36 -4.25
N ILE H 67 -32.99 -2.34 -3.95
CA ILE H 67 -34.20 -2.06 -3.19
C ILE H 67 -33.83 -1.44 -1.86
N TRP H 68 -32.79 -1.97 -1.22
CA TRP H 68 -32.38 -1.45 0.08
C TRP H 68 -31.85 -0.02 0.02
N GLU H 69 -31.34 0.40 -1.13
CA GLU H 69 -30.83 1.76 -1.29
C GLU H 69 -32.01 2.73 -1.35
N LEU H 70 -33.05 2.35 -2.08
CA LEU H 70 -34.24 3.19 -2.18
C LEU H 70 -34.88 3.34 -0.80
N ASN H 71 -34.96 2.24 -0.06
CA ASN H 71 -35.54 2.28 1.28
C ASN H 71 -34.68 3.12 2.23
N THR H 72 -33.36 3.04 2.07
CA THR H 72 -32.44 3.80 2.91
C THR H 72 -32.64 5.30 2.66
N PHE H 73 -32.69 5.69 1.38
CA PHE H 73 -32.87 7.09 1.04
C PHE H 73 -34.16 7.61 1.67
N ALA H 74 -35.25 6.85 1.51
CA ALA H 74 -36.54 7.25 2.07
C ALA H 74 -36.48 7.39 3.58
N THR H 75 -35.79 6.45 4.25
CA THR H 75 -35.65 6.48 5.70
C THR H 75 -34.91 7.74 6.14
N CYS H 76 -33.82 8.07 5.45
CA CYS H 76 -33.05 9.26 5.81
C CYS H 76 -33.86 10.55 5.63
N GLU H 77 -34.60 10.66 4.54
CA GLU H 77 -35.42 11.85 4.32
C GLU H 77 -36.60 11.90 5.30
N CYS H 78 -37.15 10.73 5.64
CA CYS H 78 -38.27 10.69 6.58
C CYS H 78 -37.82 11.08 7.98
N LEU H 79 -36.61 10.68 8.36
CA LEU H 79 -36.08 11.03 9.68
C LEU H 79 -35.90 12.54 9.76
N ALA H 80 -35.49 13.15 8.64
CA ALA H 80 -35.28 14.60 8.60
C ALA H 80 -36.64 15.29 8.57
N TRP H 81 -37.54 14.77 7.74
CA TRP H 81 -38.89 15.30 7.62
C TRP H 81 -39.50 15.41 9.01
N ARG H 82 -39.36 14.36 9.79
CA ARG H 82 -39.94 14.33 11.14
C ARG H 82 -39.05 14.86 12.27
N GLY H 83 -38.08 15.69 11.94
CA GLY H 83 -37.23 16.31 12.95
C GLY H 83 -36.17 15.55 13.74
N VAL H 84 -35.80 14.34 13.32
CA VAL H 84 -34.77 13.60 14.04
C VAL H 84 -33.43 14.29 13.79
N TRP H 85 -33.31 14.90 12.61
CA TRP H 85 -32.10 15.63 12.23
C TRP H 85 -32.38 16.47 10.98
N THR H 86 -31.46 17.36 10.67
CA THR H 86 -31.57 18.18 9.47
C THR H 86 -30.63 17.50 8.48
N ALA H 87 -30.74 17.82 7.20
CA ALA H 87 -29.86 17.19 6.21
C ALA H 87 -28.40 17.53 6.47
N GLU H 88 -28.13 18.74 6.97
CA GLU H 88 -26.76 19.12 7.26
C GLU H 88 -26.16 18.27 8.36
N GLU H 89 -26.99 17.92 9.36
CA GLU H 89 -26.50 17.07 10.43
C GLU H 89 -26.16 15.70 9.84
N ARG H 90 -26.99 15.24 8.91
CA ARG H 90 -26.76 13.95 8.26
C ARG H 90 -25.43 13.98 7.49
N ARG H 91 -25.25 15.00 6.66
CA ARG H 91 -24.02 15.11 5.86
C ARG H 91 -22.77 15.06 6.72
N ARG H 92 -22.76 15.83 7.79
CA ARG H 92 -21.62 15.87 8.70
C ARG H 92 -21.31 14.50 9.28
N LYS H 93 -22.34 13.79 9.73
CA LYS H 93 -22.13 12.47 10.33
C LYS H 93 -21.81 11.41 9.27
N GLN H 94 -22.50 11.51 8.14
CA GLN H 94 -22.38 10.56 7.04
C GLN H 94 -21.14 10.68 6.14
N ASN H 95 -20.77 11.91 5.79
CA ASN H 95 -19.65 12.11 4.89
C ASN H 95 -18.35 12.54 5.54
N CYS H 96 -18.40 12.84 6.84
CA CYS H 96 -17.21 13.27 7.54
C CYS H 96 -16.90 12.45 8.78
N ASP H 97 -17.85 12.35 9.71
CA ASP H 97 -17.63 11.59 10.93
C ASP H 97 -17.26 10.13 10.72
N VAL H 98 -17.64 9.53 9.59
CA VAL H 98 -17.30 8.13 9.37
C VAL H 98 -15.80 7.87 9.25
N GLY H 99 -15.03 8.91 8.99
CA GLY H 99 -13.59 8.73 8.89
C GLY H 99 -13.13 8.29 7.51
N GLN H 100 -11.88 8.62 7.18
CA GLN H 100 -11.26 8.32 5.90
C GLN H 100 -11.41 6.91 5.35
N THR H 101 -11.10 5.90 6.16
CA THR H 101 -11.19 4.51 5.71
C THR H 101 -12.59 4.10 5.26
N VAL H 102 -13.58 4.27 6.13
CA VAL H 102 -14.95 3.92 5.78
C VAL H 102 -15.49 4.83 4.68
N TYR H 103 -15.07 6.10 4.70
CA TYR H 103 -15.54 7.05 3.69
C TYR H 103 -15.29 6.57 2.26
N LEU H 104 -14.13 5.97 2.01
CA LEU H 104 -13.83 5.50 0.67
C LEU H 104 -13.84 3.99 0.49
N GLY H 105 -13.81 3.25 1.59
CA GLY H 105 -13.82 1.79 1.51
C GLY H 105 -15.20 1.17 1.36
N MET H 106 -16.21 1.84 1.89
CA MET H 106 -17.59 1.35 1.82
C MET H 106 -18.39 2.06 0.73
N PRO H 107 -19.55 1.48 0.35
CA PRO H 107 -20.40 2.07 -0.69
C PRO H 107 -21.14 3.32 -0.23
N TYR H 108 -21.43 4.18 -1.21
CA TYR H 108 -22.16 5.43 -1.02
C TYR H 108 -23.36 5.23 -0.09
N TYR H 109 -24.33 4.42 -0.51
CA TYR H 109 -25.50 4.19 0.31
C TYR H 109 -25.23 3.38 1.57
N GLY H 110 -24.08 2.71 1.63
CA GLY H 110 -23.75 1.96 2.83
C GLY H 110 -23.52 2.97 3.96
N ARG H 111 -22.92 4.10 3.62
CA ARG H 111 -22.65 5.14 4.60
C ARG H 111 -23.96 5.83 5.00
N TRP H 112 -24.87 5.98 4.06
CA TRP H 112 -26.16 6.59 4.36
C TRP H 112 -26.88 5.75 5.41
N LEU H 113 -26.91 4.44 5.16
CA LEU H 113 -27.59 3.49 6.04
C LEU H 113 -26.95 3.41 7.42
N LEU H 114 -25.63 3.25 7.46
CA LEU H 114 -24.92 3.18 8.74
C LEU H 114 -25.20 4.44 9.56
N THR H 115 -25.21 5.58 8.88
CA THR H 115 -25.42 6.85 9.57
C THR H 115 -26.86 7.02 10.04
N ALA H 116 -27.80 6.38 9.37
CA ALA H 116 -29.21 6.45 9.78
C ALA H 116 -29.30 5.69 11.11
N ALA H 117 -28.61 4.55 11.18
CA ALA H 117 -28.61 3.74 12.39
C ALA H 117 -27.91 4.55 13.49
N ARG H 118 -26.86 5.26 13.08
CA ARG H 118 -26.07 6.08 14.01
C ARG H 118 -26.87 7.18 14.70
N ILE H 119 -27.66 7.94 13.94
CA ILE H 119 -28.43 9.03 14.53
C ILE H 119 -29.45 8.50 15.56
N LEU H 120 -30.00 7.31 15.33
CA LEU H 120 -30.96 6.74 16.27
C LEU H 120 -30.29 6.49 17.62
N VAL H 121 -29.05 6.04 17.58
CA VAL H 121 -28.28 5.75 18.80
C VAL H 121 -27.70 7.01 19.45
N ASP H 122 -27.08 7.87 18.65
CA ASP H 122 -26.47 9.07 19.20
C ASP H 122 -27.47 10.00 19.88
N LYS H 123 -28.69 10.09 19.37
CA LYS H 123 -29.70 10.94 19.98
C LYS H 123 -30.59 10.13 20.93
N GLN H 124 -30.12 8.93 21.24
CA GLN H 124 -30.80 8.04 22.18
C GLN H 124 -32.27 7.70 21.91
N PHE H 125 -32.64 7.58 20.63
CA PHE H 125 -34.01 7.19 20.31
C PHE H 125 -34.08 5.68 20.46
N VAL H 126 -32.92 5.04 20.37
CA VAL H 126 -32.80 3.60 20.55
C VAL H 126 -31.46 3.39 21.26
N THR H 127 -31.37 2.39 22.13
CA THR H 127 -30.12 2.11 22.80
C THR H 127 -29.30 1.28 21.81
N LEU H 128 -27.99 1.23 21.97
CA LEU H 128 -27.18 0.43 21.05
C LEU H 128 -27.62 -1.03 21.24
N THR H 129 -28.04 -1.36 22.46
CA THR H 129 -28.50 -2.71 22.77
C THR H 129 -29.71 -3.08 21.91
N GLU H 130 -30.64 -2.14 21.76
CA GLU H 130 -31.83 -2.40 20.96
C GLU H 130 -31.45 -2.61 19.49
N LEU H 131 -30.42 -1.90 19.01
CA LEU H 131 -29.97 -2.05 17.64
C LEU H 131 -29.28 -3.40 17.44
N HIS H 132 -28.38 -3.75 18.34
CA HIS H 132 -27.67 -5.03 18.26
C HIS H 132 -28.71 -6.16 18.32
N ASN H 133 -29.65 -6.05 19.24
CA ASN H 133 -30.69 -7.07 19.41
C ASN H 133 -31.56 -7.21 18.16
N LYS H 134 -31.89 -6.09 17.53
CA LYS H 134 -32.71 -6.10 16.33
C LYS H 134 -31.97 -6.78 15.17
N ILE H 135 -30.68 -6.52 15.05
CA ILE H 135 -29.88 -7.14 13.99
C ILE H 135 -29.86 -8.65 14.17
N VAL H 136 -29.66 -9.09 15.41
CA VAL H 136 -29.61 -10.52 15.72
C VAL H 136 -30.94 -11.20 15.37
N GLU H 137 -32.05 -10.55 15.71
CA GLU H 137 -33.37 -11.09 15.44
C GLU H 137 -33.64 -11.14 13.94
N MET H 138 -33.22 -10.10 13.23
CA MET H 138 -33.40 -10.01 11.80
C MET H 138 -32.68 -11.17 11.11
N ARG H 139 -31.44 -11.41 11.52
CA ARG H 139 -30.63 -12.49 10.96
C ARG H 139 -31.32 -13.83 11.17
N GLU H 140 -31.89 -14.02 12.36
CA GLU H 140 -32.60 -15.26 12.67
C GLU H 140 -33.77 -15.42 11.72
N ARG H 141 -34.46 -14.32 11.46
CA ARG H 141 -35.61 -14.31 10.57
C ARG H 141 -35.20 -14.89 9.21
N VAL H 142 -34.06 -14.44 8.69
CA VAL H 142 -33.57 -14.92 7.41
C VAL H 142 -33.12 -16.37 7.48
N ALA H 143 -32.35 -16.70 8.50
CA ALA H 143 -31.83 -18.06 8.69
C ALA H 143 -32.92 -19.12 8.86
N SER H 144 -34.05 -18.72 9.44
CA SER H 144 -35.14 -19.66 9.70
C SER H 144 -35.98 -20.01 8.48
N GLY H 145 -36.00 -19.11 7.50
CA GLY H 145 -36.79 -19.36 6.30
C GLY H 145 -38.08 -18.57 6.33
N GLN H 146 -38.26 -17.77 7.37
CA GLN H 146 -39.45 -16.94 7.52
C GLN H 146 -39.55 -15.92 6.40
N GLY H 147 -38.41 -15.57 5.83
CA GLY H 147 -38.38 -14.58 4.76
C GLY H 147 -38.01 -13.23 5.35
N LEU H 148 -37.64 -12.28 4.50
CA LEU H 148 -37.27 -10.95 4.97
C LEU H 148 -37.93 -9.88 4.10
N GLY H 149 -39.17 -9.55 4.45
CA GLY H 149 -39.90 -8.53 3.70
C GLY H 149 -39.80 -8.72 2.20
N GLU H 150 -39.49 -7.63 1.50
CA GLU H 150 -39.37 -7.66 0.04
C GLU H 150 -38.00 -8.16 -0.42
N TYR H 151 -37.11 -8.47 0.52
CA TYR H 151 -35.78 -8.95 0.19
C TYR H 151 -35.70 -10.46 -0.02
N LEU H 152 -36.57 -11.19 0.67
CA LEU H 152 -36.57 -12.65 0.57
C LEU H 152 -37.92 -13.22 0.93
N PRO H 153 -38.53 -14.01 0.03
CA PRO H 153 -39.84 -14.59 0.32
C PRO H 153 -39.74 -15.74 1.31
N PRO H 154 -40.83 -16.04 2.02
CA PRO H 154 -40.83 -17.13 3.00
C PRO H 154 -40.61 -18.47 2.31
N LYS H 155 -40.43 -19.52 3.09
CA LYS H 155 -40.25 -20.87 2.57
C LYS H 155 -41.59 -21.44 2.11
N ALA H 156 -41.58 -22.10 0.96
CA ALA H 156 -42.80 -22.70 0.42
C ALA H 156 -42.84 -24.20 0.72
N LYS H 157 -43.04 -24.99 -0.33
CA LYS H 157 -43.10 -26.45 -0.19
C LYS H 157 -41.94 -27.14 -0.90
N GLU I 23 -29.91 -15.12 0.34
CA GLU I 23 -28.82 -14.32 -0.31
C GLU I 23 -28.87 -12.88 0.21
N VAL I 24 -29.48 -12.69 1.38
CA VAL I 24 -29.62 -11.38 1.99
C VAL I 24 -28.26 -10.83 2.43
N SER I 25 -27.99 -9.57 2.09
CA SER I 25 -26.72 -8.93 2.45
C SER I 25 -26.81 -8.24 3.81
N ASP I 26 -25.66 -7.86 4.34
CA ASP I 26 -25.62 -7.16 5.62
C ASP I 26 -26.35 -5.82 5.52
N PHE I 27 -26.37 -5.23 4.32
CA PHE I 27 -27.06 -3.94 4.13
C PHE I 27 -28.57 -4.12 4.21
N GLU I 28 -29.08 -5.19 3.62
CA GLU I 28 -30.52 -5.44 3.65
C GLU I 28 -30.98 -5.75 5.07
N ILE I 29 -30.16 -6.47 5.83
CA ILE I 29 -30.50 -6.79 7.20
C ILE I 29 -30.54 -5.49 8.03
N LEU I 30 -29.52 -4.66 7.84
CA LEU I 30 -29.43 -3.40 8.57
C LEU I 30 -30.54 -2.42 8.17
N GLU I 31 -30.87 -2.37 6.88
CA GLU I 31 -31.93 -1.47 6.41
C GLU I 31 -33.24 -1.82 7.13
N MET I 32 -33.57 -3.11 7.14
CA MET I 32 -34.79 -3.59 7.79
C MET I 32 -34.76 -3.24 9.27
N ALA I 33 -33.61 -3.46 9.90
CA ALA I 33 -33.44 -3.18 11.32
C ALA I 33 -33.70 -1.72 11.64
N VAL I 34 -33.06 -0.84 10.88
CA VAL I 34 -33.20 0.59 11.10
C VAL I 34 -34.64 1.07 10.88
N ARG I 35 -35.24 0.64 9.78
CA ARG I 35 -36.61 1.05 9.47
C ARG I 35 -37.62 0.56 10.51
N GLU I 36 -37.49 -0.69 10.94
CA GLU I 36 -38.42 -1.22 11.94
C GLU I 36 -38.26 -0.49 13.26
N LEU I 37 -37.02 -0.22 13.66
CA LEU I 37 -36.79 0.50 14.91
C LEU I 37 -37.33 1.93 14.86
N ALA I 38 -37.11 2.62 13.75
CA ALA I 38 -37.60 3.99 13.61
C ALA I 38 -39.12 4.05 13.70
N ILE I 39 -39.79 3.07 13.11
CA ILE I 39 -41.25 3.02 13.15
C ILE I 39 -41.73 2.62 14.54
N GLU I 40 -41.06 1.64 15.15
CA GLU I 40 -41.44 1.21 16.49
C GLU I 40 -41.31 2.35 17.50
N LYS I 41 -40.30 3.19 17.31
CA LYS I 41 -40.07 4.33 18.20
C LYS I 41 -40.88 5.56 17.81
N GLY I 42 -41.65 5.43 16.73
CA GLY I 42 -42.46 6.54 16.28
C GLY I 42 -41.71 7.74 15.74
N LEU I 43 -40.51 7.53 15.18
CA LEU I 43 -39.75 8.63 14.63
C LEU I 43 -40.40 9.08 13.32
N PHE I 44 -40.84 8.11 12.54
CA PHE I 44 -41.59 8.37 11.31
C PHE I 44 -42.51 7.17 11.16
N SER I 45 -43.61 7.34 10.45
CA SER I 45 -44.58 6.26 10.27
C SER I 45 -44.38 5.43 9.02
N ALA I 46 -45.06 4.29 8.96
CA ALA I 46 -44.98 3.41 7.79
C ALA I 46 -45.55 4.17 6.60
N GLU I 47 -46.57 4.99 6.84
CA GLU I 47 -47.20 5.78 5.79
C GLU I 47 -46.17 6.79 5.26
N ASP I 48 -45.45 7.44 6.17
CA ASP I 48 -44.42 8.41 5.77
C ASP I 48 -43.44 7.78 4.79
N HIS I 49 -42.94 6.60 5.14
CA HIS I 49 -41.96 5.90 4.33
C HIS I 49 -42.53 5.57 2.95
N ARG I 50 -43.75 5.05 2.92
CA ARG I 50 -44.39 4.73 1.64
C ARG I 50 -44.58 6.02 0.83
N VAL I 51 -45.01 7.07 1.49
CA VAL I 51 -45.24 8.34 0.83
C VAL I 51 -43.95 8.89 0.21
N TRP I 52 -42.83 8.79 0.91
CA TRP I 52 -41.59 9.28 0.35
C TRP I 52 -41.15 8.44 -0.84
N LYS I 53 -41.25 7.12 -0.68
CA LYS I 53 -40.88 6.23 -1.77
C LYS I 53 -41.72 6.53 -3.01
N ASP I 54 -43.03 6.71 -2.84
CA ASP I 54 -43.87 7.01 -3.97
C ASP I 54 -43.56 8.38 -4.57
N TYR I 55 -43.19 9.34 -3.73
CA TYR I 55 -42.83 10.67 -4.22
C TYR I 55 -41.59 10.55 -5.10
N VAL I 56 -40.57 9.84 -4.60
CA VAL I 56 -39.33 9.65 -5.34
C VAL I 56 -39.59 8.97 -6.69
N HIS I 57 -40.51 8.00 -6.72
CA HIS I 57 -40.82 7.30 -7.95
C HIS I 57 -41.42 8.21 -9.02
N THR I 58 -41.99 9.34 -8.61
CA THR I 58 -42.59 10.27 -9.56
C THR I 58 -41.56 11.24 -10.12
N LEU I 59 -40.37 11.27 -9.51
CA LEU I 59 -39.32 12.16 -9.96
C LEU I 59 -38.60 11.66 -11.21
N GLY I 60 -38.09 12.60 -11.99
CA GLY I 60 -37.40 12.28 -13.22
C GLY I 60 -36.91 13.56 -13.87
N PRO I 61 -36.26 13.47 -15.04
CA PRO I 61 -35.75 14.65 -15.76
C PRO I 61 -36.74 15.39 -16.66
N LEU I 62 -37.93 14.83 -16.85
CA LEU I 62 -38.91 15.46 -17.74
C LEU I 62 -39.29 16.91 -17.41
N PRO I 63 -39.56 17.23 -16.13
CA PRO I 63 -39.92 18.61 -15.80
C PRO I 63 -38.79 19.60 -16.14
N ALA I 64 -37.56 19.22 -15.83
CA ALA I 64 -36.40 20.07 -16.12
C ALA I 64 -36.24 20.24 -17.62
N ALA I 65 -36.44 19.15 -18.37
CA ALA I 65 -36.34 19.19 -19.82
C ALA I 65 -37.38 20.14 -20.37
N ARG I 66 -38.58 20.12 -19.79
CA ARG I 66 -39.67 20.99 -20.23
C ARG I 66 -39.36 22.45 -19.92
N LEU I 67 -38.74 22.70 -18.77
CA LEU I 67 -38.39 24.08 -18.41
C LEU I 67 -37.44 24.64 -19.45
N VAL I 68 -36.49 23.82 -19.89
CA VAL I 68 -35.53 24.27 -20.90
C VAL I 68 -36.21 24.53 -22.23
N ALA I 69 -37.10 23.62 -22.64
CA ALA I 69 -37.82 23.79 -23.89
C ALA I 69 -38.67 25.06 -23.86
N LYS I 70 -39.37 25.28 -22.75
CA LYS I 70 -40.21 26.46 -22.60
C LYS I 70 -39.38 27.74 -22.64
N ALA I 71 -38.21 27.71 -22.02
CA ALA I 71 -37.32 28.86 -22.00
C ALA I 71 -36.87 29.17 -23.43
N TRP I 72 -36.56 28.13 -24.19
CA TRP I 72 -36.12 28.30 -25.58
C TRP I 72 -37.23 28.92 -26.42
N LEU I 73 -38.47 28.56 -26.10
CA LEU I 73 -39.62 29.05 -26.84
C LEU I 73 -40.26 30.32 -26.30
N ASP I 74 -39.68 30.90 -25.26
CA ASP I 74 -40.23 32.12 -24.67
C ASP I 74 -39.15 32.89 -23.93
N PRO I 75 -38.52 33.87 -24.60
CA PRO I 75 -37.46 34.69 -24.01
C PRO I 75 -37.83 35.29 -22.65
N GLU I 76 -39.11 35.60 -22.45
CA GLU I 76 -39.55 36.20 -21.19
C GLU I 76 -39.45 35.17 -20.06
N TYR I 77 -39.81 33.92 -20.37
CA TYR I 77 -39.73 32.86 -19.39
C TYR I 77 -38.27 32.54 -19.10
N LYS I 78 -37.44 32.59 -20.15
CA LYS I 78 -36.02 32.31 -19.97
C LYS I 78 -35.43 33.30 -18.97
N LYS I 79 -35.82 34.57 -19.07
CA LYS I 79 -35.33 35.59 -18.15
C LYS I 79 -35.70 35.20 -16.73
N LEU I 80 -36.94 34.75 -16.54
CA LEU I 80 -37.40 34.34 -15.22
C LEU I 80 -36.58 33.16 -14.70
N CYS I 81 -36.30 32.19 -15.57
CA CYS I 81 -35.52 31.01 -15.19
C CYS I 81 -34.15 31.40 -14.65
N ILE I 82 -33.49 32.32 -15.34
CA ILE I 82 -32.15 32.75 -14.94
C ILE I 82 -32.10 33.53 -13.63
N GLU I 83 -33.14 34.33 -13.38
CA GLU I 83 -33.19 35.14 -12.17
C GLU I 83 -33.85 34.48 -10.98
N ASP I 84 -34.89 33.69 -11.24
CA ASP I 84 -35.65 33.05 -10.17
C ASP I 84 -36.04 31.61 -10.53
N GLY I 85 -35.08 30.69 -10.38
CA GLY I 85 -35.36 29.29 -10.71
C GLY I 85 -36.53 28.69 -9.96
N VAL I 86 -36.68 29.06 -8.70
CA VAL I 86 -37.77 28.53 -7.88
C VAL I 86 -39.13 28.90 -8.47
N GLU I 87 -39.30 30.17 -8.82
CA GLU I 87 -40.56 30.63 -9.40
C GLU I 87 -40.79 29.98 -10.76
N ALA I 88 -39.75 29.94 -11.59
CA ALA I 88 -39.86 29.35 -12.91
C ALA I 88 -40.25 27.87 -12.86
N SER I 89 -39.73 27.16 -11.86
CA SER I 89 -40.00 25.73 -11.72
C SER I 89 -41.50 25.42 -11.60
N LYS I 90 -42.25 26.34 -11.01
CA LYS I 90 -43.69 26.14 -10.84
C LYS I 90 -44.37 25.93 -12.18
N ALA I 91 -43.84 26.56 -13.24
CA ALA I 91 -44.43 26.45 -14.57
C ALA I 91 -44.40 25.03 -15.13
N VAL I 92 -43.52 24.18 -14.62
CA VAL I 92 -43.46 22.80 -15.10
C VAL I 92 -44.01 21.84 -14.05
N GLY I 93 -44.79 22.39 -13.11
CA GLY I 93 -45.41 21.57 -12.09
C GLY I 93 -44.56 21.16 -10.91
N VAL I 94 -43.37 21.72 -10.78
CA VAL I 94 -42.53 21.37 -9.65
C VAL I 94 -42.37 22.56 -8.71
N ASN I 95 -43.11 22.53 -7.61
CA ASN I 95 -43.05 23.58 -6.60
C ASN I 95 -42.09 23.04 -5.54
N TRP I 96 -40.90 23.64 -5.47
CA TRP I 96 -39.88 23.20 -4.53
C TRP I 96 -40.29 23.21 -3.06
N VAL I 97 -41.32 24.00 -2.73
CA VAL I 97 -41.76 24.06 -1.36
C VAL I 97 -42.93 23.11 -1.07
N THR I 98 -43.92 23.12 -1.95
CA THR I 98 -45.12 22.31 -1.76
C THR I 98 -45.22 20.97 -2.49
N SER I 99 -44.41 20.74 -3.52
CA SER I 99 -44.49 19.46 -4.23
C SER I 99 -44.03 18.29 -3.35
N PRO I 100 -42.96 18.47 -2.57
CA PRO I 100 -42.47 17.39 -1.70
C PRO I 100 -43.47 17.15 -0.56
N PRO I 101 -43.46 15.94 0.02
CA PRO I 101 -44.37 15.60 1.12
C PRO I 101 -44.29 16.46 2.40
N THR I 102 -43.14 17.09 2.62
CA THR I 102 -42.93 17.91 3.82
C THR I 102 -43.70 19.22 3.90
N GLN I 103 -43.94 19.82 2.74
CA GLN I 103 -44.59 21.11 2.65
C GLN I 103 -43.60 22.21 3.01
N PHE I 104 -42.32 21.85 3.03
CA PHE I 104 -41.23 22.81 3.28
C PHE I 104 -40.02 22.43 2.45
N GLY I 105 -40.28 21.75 1.33
CA GLY I 105 -39.23 21.31 0.44
C GLY I 105 -38.59 20.03 0.98
N THR I 106 -37.86 19.30 0.14
CA THR I 106 -37.22 18.09 0.62
C THR I 106 -36.15 18.52 1.62
N PRO I 107 -35.89 17.70 2.63
CA PRO I 107 -34.87 18.05 3.63
C PRO I 107 -33.46 18.19 3.05
N SER I 108 -33.15 17.39 2.04
CA SER I 108 -31.81 17.42 1.44
C SER I 108 -31.56 18.26 0.19
N ASP I 109 -32.62 18.60 -0.55
CA ASP I 109 -32.44 19.39 -1.77
C ASP I 109 -32.75 20.88 -1.56
N TYR I 110 -33.42 21.18 -0.45
CA TYR I 110 -33.78 22.57 -0.12
C TYR I 110 -34.69 23.24 -1.15
N CYS I 111 -34.79 24.56 -1.07
CA CYS I 111 -35.67 25.30 -1.98
C CYS I 111 -35.03 26.48 -2.69
N ASN I 112 -33.85 26.29 -3.25
CA ASN I 112 -33.18 27.36 -3.97
C ASN I 112 -32.54 26.86 -5.25
N LEU I 113 -33.39 26.56 -6.22
CA LEU I 113 -32.95 26.10 -7.53
C LEU I 113 -32.48 27.30 -8.35
N ARG I 114 -31.34 27.15 -9.02
CA ARG I 114 -30.84 28.19 -9.90
C ARG I 114 -30.63 27.55 -11.26
N VAL I 115 -31.03 28.24 -12.32
CA VAL I 115 -30.87 27.73 -13.67
C VAL I 115 -29.69 28.46 -14.30
N LEU I 116 -28.71 27.70 -14.79
CA LEU I 116 -27.52 28.25 -15.41
C LEU I 116 -27.71 28.22 -16.93
N ALA I 117 -27.77 29.40 -17.54
CA ALA I 117 -27.98 29.48 -18.98
C ALA I 117 -26.71 29.56 -19.81
N ASP I 118 -26.47 28.54 -20.62
CA ASP I 118 -25.30 28.53 -21.49
C ASP I 118 -25.54 29.59 -22.55
N SER I 119 -24.49 29.97 -23.26
CA SER I 119 -24.60 30.96 -24.33
C SER I 119 -23.44 30.66 -25.29
N PRO I 120 -23.38 31.38 -26.41
CA PRO I 120 -22.28 31.13 -27.36
C PRO I 120 -20.90 31.30 -26.74
N THR I 121 -20.83 31.96 -25.59
CA THR I 121 -19.55 32.19 -24.93
C THR I 121 -19.46 31.60 -23.52
N LEU I 122 -20.47 30.81 -23.14
CA LEU I 122 -20.50 30.22 -21.79
C LEU I 122 -21.19 28.86 -21.77
N LYS I 123 -20.52 27.88 -21.17
CA LYS I 123 -21.09 26.54 -21.06
C LYS I 123 -20.86 26.01 -19.64
N HIS I 124 -21.94 25.62 -18.97
CA HIS I 124 -21.88 25.14 -17.58
C HIS I 124 -21.91 23.63 -17.44
N VAL I 125 -21.34 23.15 -16.34
CA VAL I 125 -21.33 21.73 -15.98
C VAL I 125 -21.39 21.72 -14.45
N VAL I 126 -22.20 20.83 -13.89
CA VAL I 126 -22.41 20.77 -12.44
C VAL I 126 -21.85 19.56 -11.69
N VAL I 127 -21.48 19.80 -10.43
CA VAL I 127 -20.94 18.76 -9.56
C VAL I 127 -21.11 19.19 -8.11
N CYS I 128 -20.94 18.25 -7.19
CA CYS I 128 -20.99 18.52 -5.76
C CYS I 128 -19.76 17.80 -5.25
N THR I 129 -18.65 18.54 -5.13
CA THR I 129 -17.41 17.92 -4.69
C THR I 129 -17.47 17.33 -3.28
N LEU I 130 -18.32 17.91 -2.44
CA LEU I 130 -18.46 17.43 -1.06
C LEU I 130 -19.31 16.18 -0.92
N CSD I 131 -20.15 15.93 -1.92
CA CSD I 131 -21.03 14.77 -1.90
CB CSD I 131 -21.93 14.71 -0.66
SG CSD I 131 -22.91 16.24 -0.42
C CSD I 131 -21.76 14.38 -3.19
O CSD I 131 -21.19 13.77 -4.09
OD1 CSD I 131 -22.03 17.30 -0.09
OD2 CSD I 131 -23.87 16.03 0.70
N SER I 132 -23.04 14.73 -3.27
CA SER I 132 -23.81 14.40 -4.46
C SER I 132 -25.01 15.30 -4.65
N CSO I 133 -25.00 16.45 -3.98
CA CSO I 133 -26.08 17.41 -4.12
CB CSO I 133 -25.80 18.76 -3.45
SG CSO I 133 -25.11 18.53 -1.76
C CSO I 133 -26.61 17.50 -5.55
O CSO I 133 -25.84 17.72 -6.48
OD CSO I 133 -26.13 17.58 -1.19
N TYR I 134 -27.92 17.30 -5.70
CA TYR I 134 -28.56 17.24 -7.01
C TYR I 134 -29.98 17.82 -6.91
N PRO I 135 -30.47 18.47 -7.98
CA PRO I 135 -31.82 19.05 -7.99
C PRO I 135 -32.91 18.00 -8.14
N ARG I 136 -32.93 17.05 -7.21
CA ARG I 136 -33.89 15.94 -7.25
C ARG I 136 -35.35 16.27 -7.58
N PRO I 137 -35.94 17.27 -6.90
CA PRO I 137 -37.35 17.59 -7.19
C PRO I 137 -37.69 17.77 -8.66
N ILE I 138 -36.79 18.37 -9.43
CA ILE I 138 -37.05 18.62 -10.84
C ILE I 138 -36.26 17.76 -11.82
N LEU I 139 -35.28 17.01 -11.33
CA LEU I 139 -34.44 16.20 -12.22
C LEU I 139 -34.42 14.70 -11.92
N GLY I 140 -34.81 14.32 -10.71
CA GLY I 140 -34.79 12.90 -10.36
C GLY I 140 -33.57 12.55 -9.54
N GLN I 141 -33.22 11.27 -9.49
CA GLN I 141 -32.06 10.85 -8.72
C GLN I 141 -30.77 11.02 -9.49
N SER I 142 -29.67 11.25 -8.75
CA SER I 142 -28.36 11.46 -9.35
C SER I 142 -27.77 10.19 -9.95
N PRO I 143 -26.96 10.33 -11.00
CA PRO I 143 -26.30 9.21 -11.68
C PRO I 143 -25.23 8.63 -10.76
N GLU I 144 -24.95 7.33 -10.90
CA GLU I 144 -23.94 6.70 -10.07
C GLU I 144 -22.59 7.42 -10.21
N TRP I 145 -22.21 7.74 -11.44
CA TRP I 145 -20.94 8.41 -11.67
C TRP I 145 -20.86 9.84 -11.09
N TYR I 146 -22.01 10.49 -10.97
CA TYR I 146 -22.06 11.85 -10.41
C TYR I 146 -21.66 11.82 -8.93
N ARG I 147 -21.92 10.70 -8.28
CA ARG I 147 -21.63 10.49 -6.86
C ARG I 147 -20.19 10.01 -6.63
N SER I 148 -19.53 9.58 -7.70
CA SER I 148 -18.17 9.05 -7.56
C SER I 148 -17.11 10.02 -7.08
N PRO I 149 -16.19 9.54 -6.23
CA PRO I 149 -15.11 10.37 -5.71
C PRO I 149 -14.31 10.88 -6.91
N ASN I 150 -14.24 10.07 -7.96
CA ASN I 150 -13.49 10.42 -9.16
C ASN I 150 -14.02 11.68 -9.85
N TYR I 151 -15.32 11.70 -10.12
CA TYR I 151 -15.95 12.84 -10.76
C TYR I 151 -15.82 14.08 -9.86
N ARG I 152 -16.02 13.87 -8.57
CA ARG I 152 -15.93 14.94 -7.58
C ARG I 152 -14.53 15.50 -7.41
N ARG I 153 -13.52 14.66 -7.65
CA ARG I 153 -12.14 15.12 -7.53
C ARG I 153 -11.68 15.89 -8.78
N ARG I 154 -11.98 15.33 -9.94
CA ARG I 154 -11.51 15.90 -11.22
C ARG I 154 -12.24 17.01 -11.95
N LEU I 155 -13.57 16.99 -12.00
CA LEU I 155 -14.31 18.01 -12.74
C LEU I 155 -13.93 19.45 -12.45
N VAL I 156 -13.84 19.82 -11.18
CA VAL I 156 -13.51 21.20 -10.82
C VAL I 156 -12.13 21.64 -11.29
N ARG I 157 -11.21 20.70 -11.45
CA ARG I 157 -9.84 21.03 -11.86
C ARG I 157 -9.49 20.79 -13.33
N TRP I 158 -10.03 19.72 -13.91
CA TRP I 158 -9.76 19.39 -15.30
C TRP I 158 -11.08 19.20 -16.07
N PRO I 159 -11.95 20.22 -16.05
CA PRO I 159 -13.23 20.11 -16.75
C PRO I 159 -13.11 19.81 -18.24
N ARG I 160 -12.21 20.49 -18.93
CA ARG I 160 -12.02 20.26 -20.36
C ARG I 160 -11.73 18.78 -20.62
N GLN I 161 -10.87 18.20 -19.79
CA GLN I 161 -10.51 16.79 -19.95
C GLN I 161 -11.67 15.85 -19.63
N VAL I 162 -12.35 16.09 -18.51
CA VAL I 162 -13.49 15.25 -18.12
C VAL I 162 -14.60 15.33 -19.16
N LEU I 163 -14.91 16.54 -19.61
CA LEU I 163 -15.96 16.73 -20.62
C LEU I 163 -15.61 16.00 -21.92
N ALA I 164 -14.33 16.02 -22.29
CA ALA I 164 -13.87 15.35 -23.51
C ALA I 164 -14.13 13.85 -23.38
N GLU I 165 -13.89 13.31 -22.19
CA GLU I 165 -14.11 11.89 -21.94
C GLU I 165 -15.59 11.56 -22.16
N PHE I 166 -16.46 12.50 -21.77
CA PHE I 166 -17.90 12.34 -21.96
C PHE I 166 -18.29 12.57 -23.42
N GLY I 167 -17.32 13.02 -24.22
CA GLY I 167 -17.59 13.26 -25.63
C GLY I 167 -18.01 14.69 -25.94
N LEU I 168 -17.70 15.61 -25.04
CA LEU I 168 -18.06 17.01 -25.23
C LEU I 168 -16.84 17.93 -25.29
N GLN I 169 -16.77 18.74 -26.35
CA GLN I 169 -15.68 19.68 -26.53
C GLN I 169 -16.21 21.04 -26.97
N LEU I 170 -15.72 22.10 -26.35
CA LEU I 170 -16.13 23.47 -26.67
C LEU I 170 -14.92 24.27 -27.12
N PRO I 171 -15.14 25.36 -27.88
CA PRO I 171 -14.05 26.19 -28.36
C PRO I 171 -13.21 26.66 -27.18
N SER I 172 -11.90 26.81 -27.40
CA SER I 172 -10.98 27.24 -26.36
C SER I 172 -11.32 28.59 -25.75
N GLU I 173 -11.90 29.49 -26.54
CA GLU I 173 -12.25 30.83 -26.05
C GLU I 173 -13.53 30.84 -25.23
N VAL I 174 -14.36 29.83 -25.41
CA VAL I 174 -15.61 29.73 -24.67
C VAL I 174 -15.33 29.54 -23.18
N GLN I 175 -16.11 30.22 -22.35
CA GLN I 175 -15.94 30.10 -20.90
C GLN I 175 -16.62 28.86 -20.36
N ILE I 176 -15.83 27.89 -19.92
CA ILE I 176 -16.43 26.70 -19.32
C ILE I 176 -16.52 27.04 -17.85
N ARG I 177 -17.73 26.98 -17.30
CA ARG I 177 -17.92 27.27 -15.89
C ARG I 177 -18.41 26.05 -15.15
N VAL I 178 -17.62 25.62 -14.17
CA VAL I 178 -18.00 24.48 -13.35
C VAL I 178 -18.70 25.04 -12.12
N ALA I 179 -19.89 24.54 -11.84
CA ALA I 179 -20.63 24.99 -10.67
C ALA I 179 -20.56 23.89 -9.62
N ASP I 180 -20.02 24.22 -8.45
CA ASP I 180 -19.89 23.26 -7.34
C ASP I 180 -21.03 23.54 -6.35
N SER I 181 -22.02 22.65 -6.31
CA SER I 181 -23.17 22.78 -5.43
C SER I 181 -22.81 22.37 -4.01
N ASN I 182 -22.13 23.26 -3.28
CA ASN I 182 -21.69 22.94 -1.92
C ASN I 182 -22.59 23.41 -0.77
N GLN I 183 -23.50 24.34 -1.04
CA GLN I 183 -24.37 24.81 0.03
C GLN I 183 -25.83 24.41 -0.25
N LYS I 184 -26.78 25.32 -0.09
CA LYS I 184 -28.18 24.98 -0.30
C LYS I 184 -28.74 25.20 -1.72
N THR I 185 -27.90 25.66 -2.63
CA THR I 185 -28.36 25.86 -3.99
C THR I 185 -28.17 24.61 -4.84
N ARG I 186 -29.15 24.32 -5.70
CA ARG I 186 -29.10 23.17 -6.60
C ARG I 186 -29.22 23.78 -8.00
N TYR I 187 -28.51 23.20 -8.97
CA TYR I 187 -28.53 23.75 -10.34
C TYR I 187 -29.01 22.80 -11.41
N ILE I 188 -29.45 23.38 -12.52
CA ILE I 188 -29.81 22.65 -13.72
C ILE I 188 -29.22 23.55 -14.80
N VAL I 189 -28.70 22.94 -15.85
CA VAL I 189 -28.10 23.70 -16.94
C VAL I 189 -29.07 23.85 -18.10
N MET I 190 -29.20 25.08 -18.59
CA MET I 190 -30.05 25.35 -19.74
C MET I 190 -29.08 25.46 -20.91
N PRO I 191 -28.96 24.39 -21.72
CA PRO I 191 -28.04 24.43 -22.86
C PRO I 191 -28.54 25.35 -23.94
N VAL I 192 -27.62 25.73 -24.83
CA VAL I 192 -27.98 26.59 -25.95
C VAL I 192 -28.81 25.69 -26.86
N ARG I 193 -29.81 26.27 -27.50
CA ARG I 193 -30.65 25.50 -28.42
C ARG I 193 -29.83 25.12 -29.64
N PRO I 194 -29.81 23.83 -30.01
CA PRO I 194 -29.04 23.38 -31.16
C PRO I 194 -29.66 23.75 -32.51
N GLU I 195 -28.82 23.81 -33.53
CA GLU I 195 -29.28 24.13 -34.89
C GLU I 195 -30.08 22.93 -35.41
N GLY I 196 -30.91 23.17 -36.40
CA GLY I 196 -31.71 22.09 -36.97
C GLY I 196 -33.02 21.84 -36.23
N THR I 197 -33.46 22.82 -35.45
CA THR I 197 -34.69 22.69 -34.69
C THR I 197 -35.69 23.81 -35.00
N ASP I 198 -35.52 24.44 -36.16
CA ASP I 198 -36.41 25.52 -36.56
C ASP I 198 -37.85 25.04 -36.66
N GLY I 199 -38.76 25.79 -36.04
CA GLY I 199 -40.17 25.43 -36.07
C GLY I 199 -40.59 24.28 -35.17
N TRP I 200 -39.64 23.77 -34.39
CA TRP I 200 -39.93 22.66 -33.48
C TRP I 200 -40.90 23.06 -32.38
N THR I 201 -41.73 22.11 -31.97
CA THR I 201 -42.71 22.34 -30.92
C THR I 201 -42.04 22.14 -29.56
N GLU I 202 -42.74 22.47 -28.49
CA GLU I 202 -42.21 22.31 -27.14
C GLU I 202 -41.85 20.84 -26.88
N ASP I 203 -42.75 19.93 -27.22
CA ASP I 203 -42.51 18.51 -27.02
C ASP I 203 -41.26 18.02 -27.77
N GLN I 204 -41.11 18.45 -29.01
CA GLN I 204 -39.97 18.04 -29.81
C GLN I 204 -38.65 18.51 -29.18
N LEU I 205 -38.63 19.74 -28.68
CA LEU I 205 -37.42 20.27 -28.08
C LEU I 205 -37.11 19.62 -26.73
N ALA I 206 -38.14 19.47 -25.89
CA ALA I 206 -37.96 18.86 -24.57
C ALA I 206 -37.39 17.46 -24.71
N GLU I 207 -37.79 16.78 -25.79
CA GLU I 207 -37.37 15.42 -26.05
C GLU I 207 -35.85 15.25 -26.18
N ILE I 208 -35.15 16.26 -26.69
CA ILE I 208 -33.70 16.13 -26.84
C ILE I 208 -32.90 16.70 -25.68
N VAL I 209 -33.58 17.19 -24.66
CA VAL I 209 -32.89 17.71 -23.48
C VAL I 209 -32.86 16.59 -22.44
N THR I 210 -31.79 15.79 -22.50
CA THR I 210 -31.63 14.65 -21.60
C THR I 210 -31.09 15.03 -20.23
N ARG I 211 -31.09 14.05 -19.31
CA ARG I 211 -30.57 14.24 -17.96
C ARG I 211 -29.13 14.74 -18.05
N ASP I 212 -28.35 14.13 -18.93
CA ASP I 212 -26.96 14.51 -19.10
C ASP I 212 -26.79 15.97 -19.54
N CYS I 213 -27.72 16.45 -20.35
CA CYS I 213 -27.67 17.85 -20.80
C CYS I 213 -27.94 18.79 -19.63
N LEU I 214 -28.83 18.37 -18.74
CA LEU I 214 -29.20 19.17 -17.58
C LEU I 214 -28.11 19.19 -16.51
N ILE I 215 -27.19 18.23 -16.58
CA ILE I 215 -26.08 18.16 -15.65
C ILE I 215 -24.92 18.95 -16.27
N GLY I 216 -24.85 18.93 -17.61
CA GLY I 216 -23.81 19.67 -18.31
C GLY I 216 -22.72 18.83 -18.96
N VAL I 217 -22.81 17.50 -18.88
CA VAL I 217 -21.79 16.65 -19.47
C VAL I 217 -22.08 16.34 -20.94
N ALA I 218 -23.21 16.84 -21.43
CA ALA I 218 -23.58 16.66 -22.83
C ALA I 218 -24.42 17.85 -23.29
N VAL I 219 -24.54 18.01 -24.61
CA VAL I 219 -25.36 19.07 -25.17
C VAL I 219 -26.46 18.44 -25.99
N PRO I 220 -27.63 19.10 -26.06
CA PRO I 220 -28.76 18.57 -26.84
C PRO I 220 -28.46 18.50 -28.33
N LYS I 221 -28.92 17.41 -28.96
CA LYS I 221 -28.70 17.20 -30.39
C LYS I 221 -29.96 16.61 -31.02
N PRO I 222 -30.41 17.17 -32.15
CA PRO I 222 -31.61 16.63 -32.80
C PRO I 222 -31.40 15.14 -33.09
N GLY I 223 -32.42 14.33 -32.80
CA GLY I 223 -32.29 12.91 -33.06
C GLY I 223 -31.82 12.10 -31.86
N ILE I 224 -31.18 12.75 -30.91
CA ILE I 224 -30.70 12.07 -29.70
C ILE I 224 -31.67 12.35 -28.57
N THR I 225 -32.41 11.33 -28.15
CA THR I 225 -33.41 11.50 -27.11
C THR I 225 -33.16 10.68 -25.85
N VAL I 226 -31.95 10.16 -25.70
CA VAL I 226 -31.59 9.38 -24.52
C VAL I 226 -30.13 9.63 -24.18
N ASN I 227 -29.78 9.48 -22.91
CA ASN I 227 -28.39 9.69 -22.49
C ASN I 227 -27.50 8.78 -23.31
N ALA I 228 -26.26 9.19 -23.50
CA ALA I 228 -25.31 8.38 -24.25
C ALA I 228 -25.18 7.04 -23.52
N LYS I 229 -25.14 5.96 -24.27
CA LYS I 229 -25.03 4.63 -23.68
C LYS I 229 -23.66 4.48 -23.00
N ARG I 230 -23.68 3.90 -21.82
CA ARG I 230 -22.45 3.65 -21.06
C ARG I 230 -22.69 2.40 -20.23
N PRO I 231 -21.62 1.77 -19.72
CA PRO I 231 -21.79 0.56 -18.92
C PRO I 231 -22.81 0.73 -17.79
N VAL I 232 -23.54 -0.35 -17.50
CA VAL I 232 -24.54 -0.34 -16.43
C VAL I 232 -24.20 -1.46 -15.45
N LEU I 233 -23.86 -1.08 -14.23
CA LEU I 233 -23.56 -2.07 -13.19
C LEU I 233 -24.89 -2.52 -12.60
N LYS I 234 -25.15 -3.82 -12.62
CA LYS I 234 -26.40 -4.36 -12.11
C LYS I 234 -26.41 -4.47 -10.59
N ALA I 235 -27.62 -4.33 -10.03
CA ALA I 235 -27.81 -4.44 -8.60
C ALA I 235 -28.03 -5.91 -8.27
N ASN I 236 -27.78 -6.29 -7.03
CA ASN I 236 -27.98 -7.67 -6.61
C ASN I 236 -29.48 -7.92 -6.55
N ARG I 237 -30.24 -6.92 -6.12
CA ARG I 237 -31.69 -7.01 -6.02
C ARG I 237 -32.29 -5.65 -6.38
N PRO I 238 -32.37 -5.35 -7.69
CA PRO I 238 -32.90 -4.10 -8.26
C PRO I 238 -34.36 -3.74 -7.98
N VAL I 239 -34.66 -2.45 -8.13
CA VAL I 239 -36.00 -1.92 -7.90
C VAL I 239 -36.93 -2.23 -9.07
N LYS J 7 36.31 -20.15 -21.79
CA LYS J 7 35.60 -18.88 -21.46
C LYS J 7 35.10 -18.22 -22.74
N PRO J 8 33.81 -17.82 -22.77
CA PRO J 8 33.18 -17.19 -23.93
C PRO J 8 33.90 -15.95 -24.46
N VAL J 9 33.89 -15.79 -25.78
CA VAL J 9 34.51 -14.64 -26.43
C VAL J 9 33.42 -13.92 -27.20
N TRP J 10 33.33 -12.61 -27.02
CA TRP J 10 32.32 -11.82 -27.71
C TRP J 10 32.93 -11.07 -28.88
N ASP J 11 32.24 -11.15 -30.02
CA ASP J 11 32.68 -10.46 -31.23
C ASP J 11 32.19 -9.02 -31.16
N ARG J 12 33.13 -8.09 -30.93
CA ARG J 12 32.76 -6.70 -30.82
C ARG J 12 32.95 -5.92 -32.13
N THR J 13 33.27 -6.62 -33.21
CA THR J 13 33.47 -5.97 -34.50
C THR J 13 32.38 -6.27 -35.52
N HIS J 14 31.66 -7.36 -35.31
CA HIS J 14 30.61 -7.76 -36.24
C HIS J 14 29.63 -6.66 -36.66
N HIS J 15 28.99 -6.02 -35.69
CA HIS J 15 28.00 -4.99 -36.02
C HIS J 15 28.57 -3.82 -36.84
N ALA J 16 29.72 -3.30 -36.42
CA ALA J 16 30.35 -2.19 -37.13
C ALA J 16 30.74 -2.58 -38.55
N LYS J 17 31.35 -3.76 -38.69
CA LYS J 17 31.78 -4.22 -40.01
C LYS J 17 30.58 -4.37 -40.93
N MET J 18 29.45 -4.79 -40.36
CA MET J 18 28.23 -5.00 -41.14
C MET J 18 27.46 -3.74 -41.50
N ALA J 19 27.36 -2.79 -40.57
CA ALA J 19 26.57 -1.59 -40.80
C ALA J 19 27.29 -0.30 -41.20
N THR J 20 28.61 -0.25 -41.03
CA THR J 20 29.34 0.97 -41.36
C THR J 20 29.13 1.40 -42.81
N GLY J 21 28.70 2.66 -42.98
CA GLY J 21 28.48 3.19 -44.30
C GLY J 21 27.17 2.75 -44.92
N ILE J 22 26.41 1.94 -44.20
CA ILE J 22 25.12 1.45 -44.69
C ILE J 22 24.00 1.86 -43.76
N GLY J 23 24.17 1.58 -42.47
CA GLY J 23 23.16 1.93 -41.49
C GLY J 23 22.36 0.75 -40.99
N ASP J 24 21.56 0.99 -39.96
CA ASP J 24 20.69 0.00 -39.32
C ASP J 24 19.33 0.67 -39.34
N PRO J 25 18.28 -0.02 -39.83
CA PRO J 25 18.20 -1.36 -40.42
C PRO J 25 18.58 -1.57 -41.88
N GLN J 26 19.17 -0.56 -42.52
CA GLN J 26 19.54 -0.71 -43.92
C GLN J 26 20.41 -1.94 -44.19
N CYS J 27 21.26 -2.30 -43.24
CA CYS J 27 22.15 -3.45 -43.41
C CYS J 27 21.44 -4.80 -43.47
N PHE J 28 20.14 -4.82 -43.19
CA PHE J 28 19.36 -6.06 -43.22
C PHE J 28 18.45 -6.14 -44.45
N LYS J 29 18.48 -5.09 -45.27
CA LYS J 29 17.65 -5.03 -46.47
C LYS J 29 17.78 -6.27 -47.34
N GLY J 30 16.64 -6.82 -47.75
CA GLY J 30 16.64 -7.99 -48.60
C GLY J 30 16.78 -9.33 -47.90
N MET J 31 17.12 -9.34 -46.62
CA MET J 31 17.31 -10.58 -45.88
C MET J 31 16.02 -11.26 -45.41
N ALA J 32 14.90 -10.56 -45.47
CA ALA J 32 13.63 -11.13 -45.02
C ALA J 32 12.89 -11.88 -46.12
N GLY J 33 13.31 -11.70 -47.37
CA GLY J 33 12.63 -12.38 -48.46
C GLY J 33 11.33 -11.68 -48.78
N LYS J 34 10.38 -12.39 -49.38
CA LYS J 34 9.09 -11.80 -49.75
C LYS J 34 8.21 -11.54 -48.54
N SER J 35 7.62 -10.35 -48.49
CA SER J 35 6.74 -9.99 -47.39
C SER J 35 5.44 -10.78 -47.48
N LYS J 36 4.91 -11.16 -46.32
CA LYS J 36 3.68 -11.94 -46.25
C LYS J 36 2.44 -11.06 -46.46
N PHE J 37 2.57 -9.78 -46.12
CA PHE J 37 1.46 -8.85 -46.25
C PHE J 37 1.83 -7.64 -47.09
N ASN J 38 0.82 -6.87 -47.49
CA ASN J 38 1.05 -5.67 -48.28
C ASN J 38 0.26 -4.49 -47.75
N VAL J 39 0.67 -3.30 -48.17
CA VAL J 39 0.00 -2.08 -47.76
C VAL J 39 -1.49 -2.22 -48.08
N GLY J 40 -2.34 -1.81 -47.15
CA GLY J 40 -3.76 -1.91 -47.37
C GLY J 40 -4.40 -3.11 -46.69
N ASP J 41 -3.61 -4.15 -46.42
CA ASP J 41 -4.16 -5.34 -45.76
C ASP J 41 -4.61 -5.05 -44.33
N ARG J 42 -5.66 -5.74 -43.93
CA ARG J 42 -6.21 -5.62 -42.59
C ARG J 42 -5.60 -6.79 -41.82
N VAL J 43 -4.97 -6.50 -40.70
CA VAL J 43 -4.32 -7.54 -39.91
C VAL J 43 -4.69 -7.47 -38.43
N ARG J 44 -4.74 -8.65 -37.81
CA ARG J 44 -5.05 -8.77 -36.39
C ARG J 44 -3.74 -9.09 -35.67
N ILE J 45 -3.56 -8.54 -34.47
CA ILE J 45 -2.34 -8.77 -33.73
C ILE J 45 -2.44 -10.03 -32.86
N LYS J 46 -1.58 -11.01 -33.15
CA LYS J 46 -1.56 -12.26 -32.41
C LYS J 46 -1.01 -12.01 -31.01
N ASP J 47 -1.62 -12.63 -30.00
CA ASP J 47 -1.16 -12.47 -28.63
C ASP J 47 -0.12 -13.52 -28.30
N LEU J 48 1.06 -13.36 -28.91
CA LEU J 48 2.16 -14.28 -28.69
C LEU J 48 2.71 -14.13 -27.27
N PRO J 49 3.27 -15.21 -26.71
CA PRO J 49 3.81 -15.13 -25.35
C PRO J 49 4.81 -13.98 -25.29
N ASP J 50 4.84 -13.28 -24.16
CA ASP J 50 5.73 -12.14 -24.01
C ASP J 50 6.75 -12.30 -22.88
N LEU J 51 6.96 -13.55 -22.45
CA LEU J 51 7.91 -13.82 -21.38
C LEU J 51 9.29 -13.24 -21.70
N PHE J 52 9.86 -12.54 -20.71
CA PHE J 52 11.19 -11.93 -20.80
C PHE J 52 11.34 -10.68 -21.67
N TYR J 53 10.73 -10.67 -22.85
CA TYR J 53 10.84 -9.50 -23.72
C TYR J 53 9.91 -9.48 -24.92
N THR J 54 9.50 -8.28 -25.29
CA THR J 54 8.65 -8.04 -26.44
C THR J 54 8.55 -6.54 -26.67
N ARG J 55 8.36 -6.13 -27.92
CA ARG J 55 8.22 -4.71 -28.21
C ARG J 55 6.89 -4.49 -28.93
N THR J 56 5.99 -5.48 -28.78
CA THR J 56 4.65 -5.39 -29.35
C THR J 56 3.77 -5.19 -28.11
N MET J 57 3.46 -3.92 -27.84
CA MET J 57 2.68 -3.54 -26.67
C MET J 57 1.46 -4.40 -26.38
N THR J 58 1.21 -4.63 -25.10
CA THR J 58 0.06 -5.42 -24.68
C THR J 58 -1.23 -4.77 -25.18
N TYR J 59 -1.30 -3.44 -25.15
CA TYR J 59 -2.52 -2.75 -25.58
C TYR J 59 -2.95 -3.01 -27.01
N THR J 60 -2.07 -3.60 -27.83
CA THR J 60 -2.43 -3.90 -29.22
C THR J 60 -2.89 -5.34 -29.45
N ARG J 61 -2.62 -6.22 -28.49
CA ARG J 61 -2.97 -7.64 -28.65
C ARG J 61 -4.43 -7.91 -28.95
N GLY J 62 -4.66 -8.63 -30.05
CA GLY J 62 -6.02 -8.97 -30.43
C GLY J 62 -6.75 -7.88 -31.20
N ALA J 63 -6.14 -6.72 -31.34
CA ALA J 63 -6.79 -5.64 -32.08
C ALA J 63 -6.48 -5.76 -33.56
N THR J 64 -7.38 -5.21 -34.39
CA THR J 64 -7.22 -5.25 -35.83
C THR J 64 -6.86 -3.87 -36.36
N GLY J 65 -5.91 -3.81 -37.29
CA GLY J 65 -5.51 -2.53 -37.85
C GLY J 65 -5.23 -2.64 -39.34
N THR J 66 -4.82 -1.53 -39.95
CA THR J 66 -4.53 -1.52 -41.38
C THR J 66 -3.05 -1.24 -41.63
N ILE J 67 -2.41 -2.05 -42.47
CA ILE J 67 -1.00 -1.84 -42.80
C ILE J 67 -0.94 -0.61 -43.70
N VAL J 68 -0.12 0.37 -43.33
CA VAL J 68 0.00 1.57 -44.14
C VAL J 68 1.39 1.70 -44.78
N ARG J 69 2.31 0.84 -44.38
CA ARG J 69 3.65 0.90 -44.94
C ARG J 69 4.54 -0.24 -44.49
N LEU J 70 5.39 -0.73 -45.39
CA LEU J 70 6.36 -1.76 -45.07
C LEU J 70 7.58 -0.88 -44.84
N VAL J 71 7.89 -0.64 -43.57
CA VAL J 71 8.97 0.26 -43.20
C VAL J 71 10.41 -0.20 -43.45
N TYR J 72 10.70 -1.45 -43.15
CA TYR J 72 12.04 -1.98 -43.35
C TYR J 72 12.11 -3.44 -42.92
N GLU J 73 13.29 -4.02 -43.05
CA GLU J 73 13.53 -5.41 -42.67
C GLU J 73 14.54 -5.37 -41.54
N SER J 74 14.36 -6.26 -40.56
CA SER J 74 15.27 -6.29 -39.42
C SER J 74 15.01 -7.50 -38.55
N PRO J 75 16.00 -7.87 -37.73
CA PRO J 75 15.77 -9.02 -36.86
C PRO J 75 14.70 -8.53 -35.89
N ALA J 76 13.86 -9.42 -35.39
CA ALA J 76 12.84 -9.01 -34.43
C ALA J 76 13.59 -8.58 -33.17
N ALA J 77 13.06 -7.59 -32.46
CA ALA J 77 13.70 -7.12 -31.23
C ALA J 77 13.81 -8.28 -30.25
N GLU J 78 12.82 -9.17 -30.29
CA GLU J 78 12.81 -10.33 -29.41
C GLU J 78 14.07 -11.19 -29.60
N ASP J 79 14.67 -11.11 -30.78
CA ASP J 79 15.88 -11.87 -31.05
C ASP J 79 17.13 -11.01 -30.90
N GLU J 80 17.06 -9.79 -31.43
CA GLU J 80 18.17 -8.86 -31.38
C GLU J 80 18.58 -8.55 -29.93
N ALA J 81 17.60 -8.40 -29.05
CA ALA J 81 17.86 -8.09 -27.65
C ALA J 81 18.60 -9.19 -26.90
N PHE J 82 18.72 -10.36 -27.51
CA PHE J 82 19.44 -11.47 -26.87
C PHE J 82 20.64 -11.92 -27.70
N GLY J 83 21.04 -11.07 -28.64
CA GLY J 83 22.19 -11.37 -29.47
C GLY J 83 21.96 -12.31 -30.64
N ASN J 84 20.70 -12.52 -31.00
CA ASN J 84 20.36 -13.42 -32.10
C ASN J 84 19.86 -12.63 -33.30
N GLU J 85 20.72 -12.45 -34.30
CA GLU J 85 20.37 -11.69 -35.49
C GLU J 85 20.36 -12.52 -36.77
N GLU J 86 20.37 -13.84 -36.65
CA GLU J 86 20.39 -14.69 -37.83
C GLU J 86 19.11 -14.64 -38.65
N ASN J 87 17.98 -14.36 -38.02
CA ASN J 87 16.71 -14.30 -38.72
C ASN J 87 16.24 -12.85 -38.87
N VAL J 88 15.83 -12.50 -40.10
CA VAL J 88 15.36 -11.15 -40.38
C VAL J 88 13.94 -11.22 -40.95
N GLU J 89 13.09 -10.30 -40.52
CA GLU J 89 11.72 -10.31 -41.02
C GLU J 89 11.22 -8.90 -41.32
N TRP J 90 10.09 -8.80 -42.03
CA TRP J 90 9.52 -7.53 -42.40
C TRP J 90 8.79 -6.83 -41.25
N PHE J 91 8.97 -5.50 -41.16
CA PHE J 91 8.31 -4.70 -40.15
C PHE J 91 7.25 -3.86 -40.87
N TYR J 92 6.08 -3.75 -40.24
CA TYR J 92 4.98 -3.01 -40.82
C TYR J 92 4.49 -1.90 -39.91
N SER J 93 4.07 -0.77 -40.51
CA SER J 93 3.52 0.32 -39.74
C SER J 93 2.02 0.08 -39.83
N ILE J 94 1.37 -0.05 -38.67
CA ILE J 94 -0.07 -0.33 -38.63
C ILE J 94 -0.87 0.78 -37.96
N VAL J 95 -2.01 1.12 -38.57
CA VAL J 95 -2.89 2.14 -38.02
C VAL J 95 -4.13 1.50 -37.42
N PHE J 96 -4.38 1.82 -36.15
CA PHE J 96 -5.53 1.30 -35.41
C PHE J 96 -6.53 2.42 -35.13
N ALA J 97 -7.81 2.09 -35.18
CA ALA J 97 -8.83 3.09 -34.86
C ALA J 97 -8.84 3.09 -33.33
N GLN J 98 -8.78 4.26 -32.72
CA GLN J 98 -8.76 4.35 -31.25
C GLN J 98 -9.91 3.59 -30.60
N LYS J 99 -11.07 3.61 -31.25
CA LYS J 99 -12.24 2.92 -30.73
C LYS J 99 -12.00 1.42 -30.61
N ASP J 100 -11.09 0.87 -31.41
CA ASP J 100 -10.82 -0.56 -31.34
C ASP J 100 -9.81 -0.94 -30.27
N LEU J 101 -9.18 0.05 -29.65
CA LEU J 101 -8.21 -0.23 -28.60
C LEU J 101 -8.81 0.04 -27.23
N TRP J 102 -9.49 1.18 -27.12
CA TRP J 102 -10.09 1.61 -25.87
C TRP J 102 -11.61 1.60 -25.92
N PRO J 103 -12.24 0.70 -25.15
CA PRO J 103 -13.70 0.57 -25.09
C PRO J 103 -14.44 1.87 -24.83
N GLU J 104 -13.84 2.73 -24.00
CA GLU J 104 -14.46 4.00 -23.64
C GLU J 104 -14.24 5.17 -24.59
N TYR J 105 -13.46 4.97 -25.64
CA TYR J 105 -13.21 6.08 -26.57
C TYR J 105 -14.52 6.63 -27.12
N SER J 106 -14.64 7.96 -27.09
CA SER J 106 -15.86 8.62 -27.54
C SER J 106 -16.09 8.66 -29.05
N ASP J 107 -17.33 8.43 -29.47
CA ASP J 107 -17.68 8.48 -30.88
C ASP J 107 -17.57 9.91 -31.41
N THR J 108 -17.44 10.87 -30.49
CA THR J 108 -17.30 12.27 -30.88
C THR J 108 -15.98 12.44 -31.63
N PHE J 109 -14.98 11.68 -31.22
CA PHE J 109 -13.66 11.72 -31.85
C PHE J 109 -13.52 10.44 -32.65
N ALA J 110 -14.52 10.18 -33.49
CA ALA J 110 -14.59 8.99 -34.32
C ALA J 110 -13.44 8.74 -35.29
N ASN J 111 -12.67 9.78 -35.61
CA ASN J 111 -11.57 9.61 -36.56
C ASN J 111 -10.17 9.43 -35.96
N ASP J 112 -10.06 9.46 -34.64
CA ASP J 112 -8.74 9.32 -34.01
C ASP J 112 -8.12 7.95 -34.21
N THR J 113 -6.79 7.93 -34.36
CA THR J 113 -6.07 6.69 -34.59
C THR J 113 -4.74 6.62 -33.85
N LEU J 114 -4.12 5.45 -33.93
CA LEU J 114 -2.82 5.20 -33.31
C LEU J 114 -2.02 4.39 -34.33
N GLU J 115 -0.79 4.83 -34.59
CA GLU J 115 0.09 4.15 -35.53
C GLU J 115 1.33 3.64 -34.82
N THR J 116 1.70 2.40 -35.08
CA THR J 116 2.88 1.83 -34.45
C THR J 116 3.41 0.70 -35.33
N GLU J 117 4.64 0.26 -35.07
CA GLU J 117 5.25 -0.80 -35.88
C GLU J 117 5.29 -2.17 -35.22
N ILE J 118 5.03 -3.20 -36.01
CA ILE J 118 5.01 -4.58 -35.50
C ILE J 118 5.66 -5.53 -36.51
N PRO J 119 6.54 -6.43 -36.03
CA PRO J 119 7.18 -7.37 -36.96
C PRO J 119 6.16 -8.39 -37.48
N GLU J 120 6.42 -8.93 -38.66
CA GLU J 120 5.52 -9.88 -39.31
C GLU J 120 5.01 -11.06 -38.47
N ARG J 121 5.84 -11.55 -37.55
CA ARG J 121 5.45 -12.69 -36.72
C ARG J 121 4.17 -12.49 -35.90
N TYR J 122 3.82 -11.24 -35.62
CA TYR J 122 2.62 -10.92 -34.83
C TYR J 122 1.36 -10.72 -35.65
N LEU J 123 1.50 -10.70 -36.98
CA LEU J 123 0.36 -10.44 -37.83
C LEU J 123 -0.32 -11.65 -38.47
N GLU J 124 -1.65 -11.56 -38.59
CA GLU J 124 -2.44 -12.59 -39.24
C GLU J 124 -3.54 -11.85 -39.98
N LYS J 125 -3.88 -12.32 -41.17
CA LYS J 125 -4.92 -11.69 -41.97
C LYS J 125 -6.18 -11.54 -41.13
N ALA J 126 -6.82 -10.38 -41.23
CA ALA J 126 -8.03 -10.12 -40.47
C ALA J 126 -9.21 -10.86 -41.09
N SER K 3 -0.94 33.19 -1.49
CA SER K 3 0.34 32.60 -1.96
C SER K 3 0.81 31.55 -0.95
N SER K 4 1.09 31.99 0.28
CA SER K 4 1.52 31.04 1.30
C SER K 4 0.34 30.13 1.62
N ILE K 5 -0.86 30.67 1.53
CA ILE K 5 -2.06 29.87 1.78
C ILE K 5 -2.24 28.88 0.64
N ARG K 6 -2.10 29.37 -0.59
CA ARG K 6 -2.26 28.50 -1.75
C ARG K 6 -1.22 27.39 -1.74
N GLU K 7 0.00 27.73 -1.32
CA GLU K 7 1.06 26.73 -1.25
C GLU K 7 0.68 25.63 -0.26
N GLU K 8 0.11 26.01 0.88
CA GLU K 8 -0.30 25.03 1.86
C GLU K 8 -1.47 24.21 1.32
N VAL K 9 -2.35 24.85 0.57
CA VAL K 9 -3.49 24.17 -0.02
C VAL K 9 -3.00 23.07 -0.96
N HIS K 10 -2.07 23.42 -1.85
CA HIS K 10 -1.54 22.44 -2.78
C HIS K 10 -0.72 21.34 -2.13
N ARG K 11 -0.04 21.64 -1.02
CA ARG K 11 0.72 20.62 -0.33
C ARG K 11 -0.27 19.63 0.27
N HIS K 12 -1.40 20.17 0.73
CA HIS K 12 -2.44 19.35 1.34
C HIS K 12 -3.06 18.40 0.33
N LEU K 13 -3.39 18.91 -0.85
CA LEU K 13 -3.99 18.09 -1.90
C LEU K 13 -3.07 16.93 -2.26
N GLY K 14 -1.76 17.17 -2.18
CA GLY K 14 -0.80 16.13 -2.51
C GLY K 14 -0.58 15.18 -1.36
N THR K 15 -0.68 15.69 -0.13
CA THR K 15 -0.46 14.86 1.06
C THR K 15 -1.59 13.88 1.33
N VAL K 16 -2.83 14.29 1.14
CA VAL K 16 -3.95 13.40 1.39
C VAL K 16 -3.93 12.15 0.50
N ALA K 17 -3.23 12.24 -0.63
CA ALA K 17 -3.14 11.09 -1.54
C ALA K 17 -2.43 9.92 -0.85
N LEU K 18 -1.50 10.24 0.05
CA LEU K 18 -0.75 9.23 0.78
C LEU K 18 -1.68 8.40 1.68
N MET K 19 -2.79 9.02 2.08
CA MET K 19 -3.75 8.38 2.97
C MET K 19 -4.92 7.69 2.27
N GLN K 20 -4.90 7.65 0.93
CA GLN K 20 -5.94 7.00 0.16
C GLN K 20 -6.12 5.57 0.67
N PRO K 21 -7.33 5.23 1.14
CA PRO K 21 -7.59 3.88 1.66
C PRO K 21 -7.41 2.81 0.59
N ALA K 22 -7.00 1.63 1.01
CA ALA K 22 -6.79 0.52 0.10
C ALA K 22 -6.76 -0.79 0.85
N LEU K 23 -6.94 -1.88 0.12
CA LEU K 23 -6.85 -3.20 0.72
C LEU K 23 -5.44 -3.58 0.32
N HIS K 24 -4.51 -3.45 1.27
CA HIS K 24 -3.10 -3.71 1.03
C HIS K 24 -2.70 -5.12 1.42
N GLN K 25 -2.56 -5.98 0.43
CA GLN K 25 -2.19 -7.38 0.63
C GLN K 25 -0.71 -7.64 0.37
N GLN K 26 0.07 -7.73 1.44
CA GLN K 26 1.50 -8.00 1.30
C GLN K 26 1.66 -9.40 0.73
N THR K 27 2.63 -9.60 -0.15
CA THR K 27 2.86 -10.91 -0.74
C THR K 27 4.20 -11.46 -0.28
N HIS K 28 4.18 -12.63 0.34
CA HIS K 28 5.39 -13.26 0.84
C HIS K 28 5.56 -14.66 0.26
N ALA K 29 5.99 -14.72 -1.00
CA ALA K 29 6.21 -15.99 -1.69
C ALA K 29 5.00 -16.92 -1.57
N PRO K 30 3.84 -16.51 -2.09
CA PRO K 30 2.64 -17.34 -2.02
C PRO K 30 2.78 -18.66 -2.78
N ALA K 31 1.99 -19.66 -2.40
CA ALA K 31 2.01 -20.97 -3.03
C ALA K 31 1.50 -20.86 -4.46
N PRO K 32 1.88 -21.80 -5.34
CA PRO K 32 1.43 -21.78 -6.73
C PRO K 32 -0.09 -21.73 -6.85
N THR K 33 -0.77 -22.29 -5.86
CA THR K 33 -2.22 -22.31 -5.86
C THR K 33 -2.84 -20.92 -5.63
N GLU K 34 -2.01 -19.94 -5.30
CA GLU K 34 -2.49 -18.58 -5.08
C GLU K 34 -2.24 -17.70 -6.30
N ILE K 35 -1.65 -18.29 -7.33
CA ILE K 35 -1.35 -17.55 -8.54
C ILE K 35 -2.33 -17.92 -9.64
N THR K 36 -3.14 -16.96 -10.05
CA THR K 36 -4.11 -17.16 -11.12
C THR K 36 -3.38 -16.84 -12.42
N HIS K 37 -3.98 -17.17 -13.56
CA HIS K 37 -3.35 -16.86 -14.83
C HIS K 37 -3.20 -15.35 -14.93
N THR K 38 -4.20 -14.63 -14.42
CA THR K 38 -4.19 -13.19 -14.45
C THR K 38 -2.96 -12.64 -13.72
N LEU K 39 -2.71 -13.16 -12.51
CA LEU K 39 -1.54 -12.73 -11.75
C LEU K 39 -0.26 -13.18 -12.41
N PHE K 40 -0.24 -14.40 -12.95
CA PHE K 40 0.94 -14.91 -13.62
C PHE K 40 1.36 -13.96 -14.74
N ARG K 41 0.39 -13.56 -15.56
CA ARG K 41 0.70 -12.65 -16.67
C ARG K 41 1.17 -11.29 -16.18
N ALA K 42 0.56 -10.80 -15.11
CA ALA K 42 0.93 -9.51 -14.54
C ALA K 42 2.34 -9.54 -13.92
N TYR K 43 2.69 -10.65 -13.28
CA TYR K 43 4.02 -10.78 -12.66
C TYR K 43 5.13 -10.99 -13.67
N THR K 44 4.83 -11.73 -14.73
CA THR K 44 5.84 -12.01 -15.75
C THR K 44 5.83 -11.01 -16.91
N ARG K 45 5.06 -9.95 -16.74
CA ARG K 45 4.92 -8.87 -17.72
C ARG K 45 6.31 -8.28 -17.96
N VAL K 46 6.44 -7.51 -19.04
CA VAL K 46 7.69 -6.82 -19.34
C VAL K 46 7.41 -5.42 -18.77
N PRO K 47 8.14 -5.03 -17.70
CA PRO K 47 8.00 -3.73 -17.02
C PRO K 47 7.83 -2.46 -17.86
N HIS K 48 8.49 -2.40 -19.01
CA HIS K 48 8.44 -1.20 -19.84
C HIS K 48 7.14 -1.00 -20.63
N ASP K 49 6.31 -2.02 -20.68
CA ASP K 49 5.05 -1.97 -21.44
C ASP K 49 3.93 -1.35 -20.60
N VAL K 50 3.94 -0.02 -20.48
CA VAL K 50 2.96 0.69 -19.68
C VAL K 50 1.85 1.43 -20.44
N GLY K 51 1.92 1.45 -21.76
CA GLY K 51 0.91 2.13 -22.54
C GLY K 51 -0.52 1.70 -22.24
N GLY K 52 -1.39 2.67 -21.95
CA GLY K 52 -2.78 2.33 -21.67
C GLY K 52 -3.12 2.22 -20.19
N GLU K 53 -2.10 2.18 -19.34
CA GLU K 53 -2.32 2.10 -17.90
C GLU K 53 -2.86 3.44 -17.40
N ALA K 54 -3.85 3.38 -16.52
CA ALA K 54 -4.43 4.59 -15.97
C ALA K 54 -3.41 5.32 -15.10
N ASP K 55 -3.40 6.65 -15.20
CA ASP K 55 -2.50 7.48 -14.41
C ASP K 55 -3.21 8.83 -14.26
N VAL K 56 -2.69 9.67 -13.38
CA VAL K 56 -3.30 10.97 -13.12
C VAL K 56 -2.66 12.10 -13.90
N PRO K 57 -3.29 13.29 -13.90
CA PRO K 57 -2.71 14.41 -14.62
C PRO K 57 -1.58 14.98 -13.77
N ILE K 58 -0.46 15.31 -14.38
CA ILE K 58 0.63 15.90 -13.63
C ILE K 58 1.15 17.09 -14.41
N GLU K 59 1.60 18.11 -13.69
CA GLU K 59 2.14 19.29 -14.36
C GLU K 59 3.54 18.92 -14.84
N TYR K 60 3.65 18.59 -16.12
CA TYR K 60 4.92 18.19 -16.70
C TYR K 60 6.00 19.25 -16.56
N HIS K 61 7.21 18.82 -16.26
CA HIS K 61 8.32 19.74 -16.10
C HIS K 61 9.52 19.32 -16.93
N GLU K 62 10.43 20.26 -17.13
CA GLU K 62 11.67 20.00 -17.84
C GLU K 62 12.63 19.71 -16.69
N LYS K 63 13.73 19.03 -16.97
CA LYS K 63 14.71 18.78 -15.91
C LYS K 63 16.10 19.04 -16.43
N GLU K 64 16.84 19.83 -15.64
CA GLU K 64 18.21 20.18 -15.94
C GLU K 64 19.03 18.88 -15.93
N GLU K 65 19.93 18.73 -16.89
CA GLU K 65 20.76 17.54 -17.01
C GLU K 65 21.92 17.50 -15.99
N GLU K 66 22.10 16.35 -15.34
CA GLU K 66 23.20 16.17 -14.38
C GLU K 66 24.43 15.80 -15.19
N ILE K 67 25.61 16.21 -14.73
CA ILE K 67 26.83 15.88 -15.45
C ILE K 67 26.93 14.34 -15.57
N TRP K 68 26.62 13.63 -14.49
CA TRP K 68 26.72 12.18 -14.54
C TRP K 68 25.74 11.55 -15.53
N GLU K 69 24.61 12.22 -15.79
CA GLU K 69 23.64 11.67 -16.73
C GLU K 69 24.20 11.79 -18.16
N LEU K 70 24.81 12.93 -18.46
CA LEU K 70 25.41 13.13 -19.77
C LEU K 70 26.51 12.10 -19.98
N ASN K 71 27.32 11.86 -18.94
CA ASN K 71 28.40 10.88 -19.04
C ASN K 71 27.90 9.46 -19.19
N THR K 72 26.78 9.15 -18.53
CA THR K 72 26.18 7.81 -18.59
C THR K 72 25.66 7.54 -20.00
N PHE K 73 25.01 8.54 -20.57
CA PHE K 73 24.46 8.42 -21.92
C PHE K 73 25.59 8.16 -22.90
N ALA K 74 26.66 8.93 -22.78
CA ALA K 74 27.82 8.77 -23.66
C ALA K 74 28.44 7.39 -23.48
N THR K 75 28.53 6.94 -22.23
CA THR K 75 29.10 5.61 -21.97
C THR K 75 28.28 4.52 -22.63
N CYS K 76 26.96 4.59 -22.50
CA CYS K 76 26.10 3.58 -23.09
C CYS K 76 26.17 3.56 -24.62
N GLU K 77 26.20 4.73 -25.25
CA GLU K 77 26.29 4.77 -26.71
C GLU K 77 27.69 4.34 -27.16
N CYS K 78 28.71 4.69 -26.38
CA CYS K 78 30.07 4.29 -26.73
C CYS K 78 30.23 2.77 -26.63
N LEU K 79 29.62 2.16 -25.62
CA LEU K 79 29.69 0.72 -25.45
C LEU K 79 29.01 0.03 -26.64
N ALA K 80 27.95 0.64 -27.15
CA ALA K 80 27.23 0.06 -28.30
C ALA K 80 28.04 0.31 -29.58
N TRP K 81 28.54 1.53 -29.71
CA TRP K 81 29.35 1.92 -30.85
C TRP K 81 30.52 0.95 -30.98
N ARG K 82 31.17 0.65 -29.86
CA ARG K 82 32.31 -0.25 -29.89
C ARG K 82 32.01 -1.74 -29.79
N GLY K 83 30.74 -2.10 -29.98
CA GLY K 83 30.38 -3.51 -29.99
C GLY K 83 30.17 -4.33 -28.73
N VAL K 84 30.12 -3.68 -27.57
CA VAL K 84 29.89 -4.42 -26.33
C VAL K 84 28.45 -4.93 -26.31
N TRP K 85 27.56 -4.18 -26.94
CA TRP K 85 26.14 -4.54 -27.06
C TRP K 85 25.45 -3.70 -28.13
N THR K 86 24.25 -4.10 -28.52
CA THR K 86 23.46 -3.34 -29.47
C THR K 86 22.47 -2.61 -28.57
N ALA K 87 21.83 -1.57 -29.08
CA ALA K 87 20.88 -0.80 -28.28
C ALA K 87 19.72 -1.67 -27.77
N GLU K 88 19.28 -2.62 -28.58
CA GLU K 88 18.19 -3.49 -28.16
C GLU K 88 18.56 -4.33 -26.94
N GLU K 89 19.80 -4.80 -26.88
CA GLU K 89 20.25 -5.57 -25.73
C GLU K 89 20.19 -4.65 -24.52
N ARG K 90 20.56 -3.39 -24.70
CA ARG K 90 20.53 -2.42 -23.60
C ARG K 90 19.10 -2.21 -23.11
N ARG K 91 18.18 -1.97 -24.03
CA ARG K 91 16.78 -1.77 -23.66
C ARG K 91 16.23 -2.94 -22.86
N ARG K 92 16.46 -4.15 -23.36
CA ARG K 92 15.99 -5.34 -22.68
C ARG K 92 16.54 -5.44 -21.26
N LYS K 93 17.83 -5.19 -21.10
CA LYS K 93 18.46 -5.26 -19.78
C LYS K 93 18.06 -4.10 -18.88
N GLN K 94 18.03 -2.91 -19.45
CA GLN K 94 17.74 -1.66 -18.75
C GLN K 94 16.28 -1.39 -18.39
N ASN K 95 15.37 -1.62 -19.34
CA ASN K 95 13.96 -1.35 -19.13
C ASN K 95 13.09 -2.54 -18.76
N CYS K 96 13.66 -3.74 -18.77
CA CYS K 96 12.87 -4.92 -18.44
C CYS K 96 13.51 -5.78 -17.37
N ASP K 97 14.74 -6.24 -17.61
CA ASP K 97 15.43 -7.10 -16.66
C ASP K 97 15.57 -6.53 -15.25
N VAL K 98 15.58 -5.20 -15.12
CA VAL K 98 15.71 -4.58 -13.79
C VAL K 98 14.54 -4.93 -12.85
N GLY K 99 13.42 -5.34 -13.43
CA GLY K 99 12.28 -5.70 -12.60
C GLY K 99 11.39 -4.52 -12.23
N GLN K 100 10.13 -4.83 -11.92
CA GLN K 100 9.12 -3.83 -11.57
C GLN K 100 9.52 -2.77 -10.54
N THR K 101 10.05 -3.19 -9.39
CA THR K 101 10.40 -2.24 -8.33
C THR K 101 11.44 -1.20 -8.72
N VAL K 102 12.59 -1.64 -9.22
CA VAL K 102 13.64 -0.72 -9.62
C VAL K 102 13.18 0.10 -10.84
N TYR K 103 12.41 -0.53 -11.72
CA TYR K 103 11.95 0.14 -12.92
C TYR K 103 11.23 1.46 -12.66
N LEU K 104 10.42 1.50 -11.59
CA LEU K 104 9.69 2.72 -11.28
C LEU K 104 10.17 3.44 -10.01
N GLY K 105 10.98 2.76 -9.20
CA GLY K 105 11.47 3.38 -7.98
C GLY K 105 12.75 4.19 -8.16
N MET K 106 13.56 3.82 -9.14
CA MET K 106 14.82 4.54 -9.40
C MET K 106 14.68 5.52 -10.56
N PRO K 107 15.65 6.43 -10.70
CA PRO K 107 15.59 7.42 -11.77
C PRO K 107 15.91 6.81 -13.14
N TYR K 108 15.36 7.45 -14.18
CA TYR K 108 15.56 7.06 -15.56
C TYR K 108 17.04 6.74 -15.82
N TYR K 109 17.91 7.74 -15.69
CA TYR K 109 19.33 7.52 -15.93
C TYR K 109 20.01 6.63 -14.91
N GLY K 110 19.38 6.44 -13.74
CA GLY K 110 19.97 5.57 -12.75
C GLY K 110 19.95 4.16 -13.32
N ARG K 111 18.89 3.83 -14.04
CA ARG K 111 18.76 2.51 -14.65
C ARG K 111 19.73 2.35 -15.81
N TRP K 112 19.94 3.43 -16.57
CA TRP K 112 20.90 3.39 -17.68
C TRP K 112 22.28 3.05 -17.12
N LEU K 113 22.65 3.72 -16.03
CA LEU K 113 23.94 3.53 -15.39
C LEU K 113 24.11 2.16 -14.76
N LEU K 114 23.12 1.71 -14.01
CA LEU K 114 23.18 0.40 -13.38
C LEU K 114 23.37 -0.67 -14.46
N THR K 115 22.65 -0.51 -15.56
CA THR K 115 22.70 -1.47 -16.65
C THR K 115 24.04 -1.44 -17.39
N ALA K 116 24.66 -0.26 -17.48
CA ALA K 116 25.96 -0.14 -18.13
C ALA K 116 26.96 -0.96 -17.31
N ALA K 117 26.83 -0.87 -15.98
CA ALA K 117 27.72 -1.63 -15.10
C ALA K 117 27.41 -3.11 -15.26
N ARG K 118 26.13 -3.40 -15.44
CA ARG K 118 25.67 -4.77 -15.58
C ARG K 118 26.23 -5.49 -16.81
N ILE K 119 26.23 -4.83 -17.96
CA ILE K 119 26.73 -5.47 -19.17
C ILE K 119 28.22 -5.83 -19.02
N LEU K 120 28.99 -4.99 -18.33
CA LEU K 120 30.41 -5.26 -18.13
C LEU K 120 30.60 -6.58 -17.39
N VAL K 121 29.75 -6.84 -16.40
CA VAL K 121 29.84 -8.05 -15.60
C VAL K 121 29.22 -9.27 -16.28
N ASP K 122 28.03 -9.11 -16.85
CA ASP K 122 27.36 -10.23 -17.50
C ASP K 122 28.12 -10.80 -18.68
N LYS K 123 28.85 -9.96 -19.41
CA LYS K 123 29.63 -10.44 -20.55
C LYS K 123 31.07 -10.69 -20.16
N GLN K 124 31.32 -10.69 -18.85
CA GLN K 124 32.64 -10.96 -18.29
C GLN K 124 33.81 -10.08 -18.76
N PHE K 125 33.56 -8.81 -19.02
CA PHE K 125 34.63 -7.91 -19.43
C PHE K 125 35.33 -7.45 -18.15
N VAL K 126 34.61 -7.54 -17.04
CA VAL K 126 35.13 -7.23 -15.72
C VAL K 126 34.45 -8.22 -14.79
N THR K 127 35.12 -8.59 -13.70
CA THR K 127 34.52 -9.51 -12.74
C THR K 127 33.73 -8.64 -11.77
N LEU K 128 32.78 -9.23 -11.04
CA LEU K 128 32.01 -8.45 -10.09
C LEU K 128 32.98 -7.91 -9.04
N THR K 129 34.00 -8.70 -8.73
CA THR K 129 35.01 -8.31 -7.75
C THR K 129 35.70 -7.02 -8.21
N GLU K 130 36.03 -6.95 -9.49
CA GLU K 130 36.69 -5.77 -10.03
C GLU K 130 35.77 -4.55 -9.90
N LEU K 131 34.48 -4.75 -10.13
CA LEU K 131 33.53 -3.65 -10.02
C LEU K 131 33.41 -3.20 -8.56
N HIS K 132 33.32 -4.16 -7.64
CA HIS K 132 33.22 -3.85 -6.22
C HIS K 132 34.47 -3.12 -5.74
N ASN K 133 35.64 -3.60 -6.16
CA ASN K 133 36.89 -2.96 -5.77
C ASN K 133 36.97 -1.55 -6.35
N LYS K 134 36.48 -1.39 -7.57
CA LYS K 134 36.51 -0.08 -8.22
C LYS K 134 35.64 0.93 -7.47
N ILE K 135 34.48 0.48 -7.01
CA ILE K 135 33.59 1.36 -6.25
C ILE K 135 34.29 1.80 -4.97
N VAL K 136 35.00 0.87 -4.34
CA VAL K 136 35.74 1.17 -3.12
C VAL K 136 36.81 2.21 -3.43
N GLU K 137 37.50 2.02 -4.57
CA GLU K 137 38.56 2.95 -4.99
C GLU K 137 38.02 4.36 -5.17
N MET K 138 36.88 4.48 -5.85
CA MET K 138 36.28 5.79 -6.10
C MET K 138 35.94 6.49 -4.79
N ARG K 139 35.38 5.74 -3.84
CA ARG K 139 35.02 6.32 -2.55
C ARG K 139 36.26 6.79 -1.79
N GLU K 140 37.31 5.99 -1.81
CA GLU K 140 38.55 6.35 -1.11
C GLU K 140 39.18 7.58 -1.75
N ARG K 141 39.03 7.70 -3.07
CA ARG K 141 39.59 8.84 -3.79
C ARG K 141 38.90 10.12 -3.32
N VAL K 142 37.60 10.04 -3.05
CA VAL K 142 36.85 11.18 -2.57
C VAL K 142 37.21 11.45 -1.11
N ALA K 143 37.29 10.39 -0.31
CA ALA K 143 37.62 10.52 1.11
C ALA K 143 39.04 11.05 1.32
N SER K 144 39.97 10.65 0.46
CA SER K 144 41.35 11.10 0.58
C SER K 144 41.57 12.53 0.08
N GLY K 145 40.54 13.11 -0.50
CA GLY K 145 40.65 14.47 -1.00
C GLY K 145 41.30 14.59 -2.37
N GLN K 146 41.45 13.45 -3.06
CA GLN K 146 42.05 13.43 -4.38
C GLN K 146 41.04 13.85 -5.46
N GLY K 147 39.81 14.10 -5.05
CA GLY K 147 38.78 14.50 -6.00
C GLY K 147 38.20 13.35 -6.79
N LEU K 148 37.20 13.66 -7.62
CA LEU K 148 36.55 12.63 -8.44
C LEU K 148 36.14 13.23 -9.77
N GLY K 149 36.99 13.05 -10.79
CA GLY K 149 36.70 13.58 -12.10
C GLY K 149 36.24 15.02 -12.06
N GLU K 150 35.23 15.34 -12.88
CA GLU K 150 34.70 16.69 -12.95
C GLU K 150 33.60 16.93 -11.90
N TYR K 151 33.35 15.93 -11.07
CA TYR K 151 32.33 16.04 -10.04
C TYR K 151 32.86 16.74 -8.79
N LEU K 152 34.14 16.49 -8.48
CA LEU K 152 34.74 17.08 -7.28
C LEU K 152 36.23 17.29 -7.46
N PRO K 153 36.69 18.55 -7.36
CA PRO K 153 38.12 18.80 -7.52
C PRO K 153 38.87 18.36 -6.27
N PRO K 154 40.17 18.03 -6.41
CA PRO K 154 40.94 17.60 -5.25
C PRO K 154 41.18 18.75 -4.26
N VAL L 24 29.46 14.17 -3.31
CA VAL L 24 29.28 13.24 -4.47
C VAL L 24 28.21 12.19 -4.16
N SER L 25 27.35 11.90 -5.15
CA SER L 25 26.27 10.93 -4.97
C SER L 25 26.69 9.52 -5.36
N ASP L 26 25.85 8.54 -5.02
CA ASP L 26 26.14 7.16 -5.37
C ASP L 26 26.17 6.99 -6.88
N PHE L 27 25.41 7.83 -7.58
CA PHE L 27 25.37 7.78 -9.04
C PHE L 27 26.68 8.25 -9.66
N GLU L 28 27.27 9.29 -9.07
CA GLU L 28 28.52 9.82 -9.58
C GLU L 28 29.67 8.87 -9.28
N ILE L 29 29.61 8.19 -8.14
CA ILE L 29 30.63 7.22 -7.78
C ILE L 29 30.59 6.08 -8.79
N LEU L 30 29.39 5.56 -9.05
CA LEU L 30 29.22 4.46 -9.99
C LEU L 30 29.58 4.85 -11.42
N GLU L 31 29.22 6.07 -11.82
CA GLU L 31 29.53 6.51 -13.17
C GLU L 31 31.04 6.49 -13.38
N MET L 32 31.80 7.05 -12.43
CA MET L 32 33.26 7.06 -12.54
C MET L 32 33.80 5.65 -12.65
N ALA L 33 33.30 4.77 -11.78
CA ALA L 33 33.75 3.37 -11.77
C ALA L 33 33.53 2.69 -13.12
N VAL L 34 32.31 2.78 -13.63
CA VAL L 34 31.98 2.14 -14.91
C VAL L 34 32.83 2.70 -16.05
N ARG L 35 32.97 4.02 -16.10
CA ARG L 35 33.76 4.64 -17.16
C ARG L 35 35.23 4.23 -17.11
N GLU L 36 35.83 4.25 -15.91
CA GLU L 36 37.23 3.88 -15.80
C GLU L 36 37.46 2.41 -16.14
N LEU L 37 36.54 1.54 -15.72
CA LEU L 37 36.67 0.12 -16.00
C LEU L 37 36.54 -0.16 -17.51
N ALA L 38 35.58 0.49 -18.15
CA ALA L 38 35.37 0.29 -19.59
C ALA L 38 36.62 0.69 -20.37
N ILE L 39 37.22 1.82 -19.99
CA ILE L 39 38.41 2.31 -20.66
C ILE L 39 39.61 1.43 -20.31
N GLU L 40 39.74 1.06 -19.04
CA GLU L 40 40.85 0.21 -18.62
C GLU L 40 40.83 -1.12 -19.38
N LYS L 41 39.64 -1.63 -19.63
CA LYS L 41 39.48 -2.90 -20.34
C LYS L 41 39.50 -2.77 -21.87
N GLY L 42 39.66 -1.56 -22.35
CA GLY L 42 39.70 -1.34 -23.79
C GLY L 42 38.38 -1.47 -24.53
N LEU L 43 37.26 -1.34 -23.82
CA LEU L 43 35.94 -1.44 -24.47
C LEU L 43 35.75 -0.19 -25.33
N PHE L 44 36.10 0.96 -24.78
CA PHE L 44 36.07 2.22 -25.51
C PHE L 44 37.15 3.10 -24.88
N SER L 45 37.60 4.12 -25.61
CA SER L 45 38.66 4.98 -25.10
C SER L 45 38.16 6.27 -24.49
N ALA L 46 39.05 6.98 -23.81
CA ALA L 46 38.71 8.25 -23.21
C ALA L 46 38.33 9.19 -24.35
N GLU L 47 39.02 9.04 -25.47
CA GLU L 47 38.75 9.85 -26.66
C GLU L 47 37.36 9.57 -27.20
N ASP L 48 36.98 8.29 -27.26
CA ASP L 48 35.65 7.92 -27.75
C ASP L 48 34.56 8.63 -26.93
N HIS L 49 34.72 8.58 -25.62
CA HIS L 49 33.75 9.19 -24.72
C HIS L 49 33.63 10.69 -24.99
N ARG L 50 34.77 11.37 -25.14
CA ARG L 50 34.75 12.81 -25.42
C ARG L 50 34.12 13.05 -26.78
N VAL L 51 34.41 12.18 -27.74
CA VAL L 51 33.85 12.31 -29.08
C VAL L 51 32.33 12.26 -29.03
N TRP L 52 31.78 11.35 -28.25
CA TRP L 52 30.33 11.24 -28.16
C TRP L 52 29.68 12.43 -27.49
N LYS L 53 30.26 12.90 -26.38
CA LYS L 53 29.69 14.05 -25.69
C LYS L 53 29.74 15.27 -26.62
N ASP L 54 30.81 15.39 -27.39
CA ASP L 54 30.93 16.51 -28.31
C ASP L 54 29.84 16.41 -29.39
N TYR L 55 29.58 15.20 -29.86
CA TYR L 55 28.55 15.00 -30.87
C TYR L 55 27.20 15.43 -30.29
N VAL L 56 26.90 14.94 -29.08
CA VAL L 56 25.64 15.27 -28.44
C VAL L 56 25.48 16.79 -28.31
N HIS L 57 26.57 17.48 -28.00
CA HIS L 57 26.54 18.93 -27.83
C HIS L 57 26.25 19.68 -29.13
N THR L 58 26.42 19.01 -30.28
CA THR L 58 26.16 19.64 -31.57
C THR L 58 24.69 19.47 -31.96
N LEU L 59 23.98 18.62 -31.21
CA LEU L 59 22.59 18.32 -31.51
C LEU L 59 21.60 19.37 -30.98
N GLY L 60 20.47 19.48 -31.66
CA GLY L 60 19.44 20.42 -31.27
C GLY L 60 18.23 20.32 -32.18
N PRO L 61 17.15 21.08 -31.90
CA PRO L 61 15.93 21.04 -32.71
C PRO L 61 15.95 21.83 -34.03
N LEU L 62 16.96 22.68 -34.22
CA LEU L 62 17.03 23.51 -35.43
C LEU L 62 16.95 22.79 -36.78
N PRO L 63 17.71 21.70 -36.97
CA PRO L 63 17.67 20.99 -38.25
C PRO L 63 16.26 20.54 -38.61
N ALA L 64 15.54 19.99 -37.63
CA ALA L 64 14.19 19.51 -37.84
C ALA L 64 13.25 20.67 -38.19
N ALA L 65 13.44 21.80 -37.51
CA ALA L 65 12.61 22.97 -37.77
C ALA L 65 12.85 23.47 -39.20
N ARG L 66 14.11 23.40 -39.63
CA ARG L 66 14.48 23.82 -40.98
C ARG L 66 13.85 22.90 -42.02
N LEU L 67 13.77 21.62 -41.71
CA LEU L 67 13.17 20.66 -42.63
C LEU L 67 11.72 21.05 -42.85
N VAL L 68 11.04 21.41 -41.77
CA VAL L 68 9.63 21.79 -41.84
C VAL L 68 9.48 23.07 -42.66
N ALA L 69 10.30 24.07 -42.38
CA ALA L 69 10.23 25.33 -43.11
C ALA L 69 10.46 25.09 -44.61
N LYS L 70 11.45 24.28 -44.94
CA LYS L 70 11.75 23.97 -46.34
C LYS L 70 10.57 23.27 -47.03
N ALA L 71 9.91 22.37 -46.30
CA ALA L 71 8.77 21.64 -46.86
C ALA L 71 7.60 22.57 -47.13
N TRP L 72 7.41 23.56 -46.26
CA TRP L 72 6.33 24.52 -46.43
C TRP L 72 6.57 25.37 -47.67
N LEU L 73 7.84 25.58 -48.01
CA LEU L 73 8.18 26.41 -49.16
C LEU L 73 8.47 25.65 -50.46
N ASP L 74 8.54 24.33 -50.39
CA ASP L 74 8.81 23.53 -51.58
C ASP L 74 8.00 22.23 -51.55
N PRO L 75 6.90 22.18 -52.33
CA PRO L 75 6.02 21.01 -52.41
C PRO L 75 6.73 19.73 -52.80
N GLU L 76 7.74 19.85 -53.66
CA GLU L 76 8.49 18.68 -54.10
C GLU L 76 9.27 18.12 -52.91
N TYR L 77 9.86 19.00 -52.12
CA TYR L 77 10.61 18.59 -50.95
C TYR L 77 9.67 18.01 -49.88
N LYS L 78 8.48 18.59 -49.76
CA LYS L 78 7.52 18.09 -48.77
C LYS L 78 7.15 16.65 -49.10
N LYS L 79 6.95 16.37 -50.38
CA LYS L 79 6.60 15.01 -50.81
C LYS L 79 7.73 14.06 -50.43
N LEU L 80 8.97 14.52 -50.57
CA LEU L 80 10.13 13.69 -50.24
C LEU L 80 10.16 13.44 -48.73
N CYS L 81 9.89 14.46 -47.94
CA CYS L 81 9.88 14.31 -46.48
C CYS L 81 8.91 13.22 -46.05
N ILE L 82 7.71 13.25 -46.62
CA ILE L 82 6.66 12.30 -46.29
C ILE L 82 6.96 10.86 -46.71
N GLU L 83 7.59 10.71 -47.88
CA GLU L 83 7.91 9.39 -48.40
C GLU L 83 9.22 8.79 -47.92
N ASP L 84 10.25 9.64 -47.79
CA ASP L 84 11.58 9.16 -47.41
C ASP L 84 12.26 10.16 -46.48
N GLY L 85 11.91 10.09 -45.19
CA GLY L 85 12.48 11.00 -44.22
C GLY L 85 14.01 11.01 -44.15
N VAL L 86 14.61 9.83 -44.31
CA VAL L 86 16.05 9.71 -44.26
C VAL L 86 16.71 10.55 -45.37
N GLU L 87 16.18 10.48 -46.58
CA GLU L 87 16.73 11.25 -47.69
C GLU L 87 16.47 12.75 -47.47
N ALA L 88 15.27 13.09 -47.02
CA ALA L 88 14.91 14.48 -46.79
C ALA L 88 15.84 15.14 -45.76
N SER L 89 16.21 14.39 -44.73
CA SER L 89 17.09 14.89 -43.67
C SER L 89 18.45 15.40 -44.17
N LYS L 90 18.96 14.81 -45.25
CA LYS L 90 20.25 15.23 -45.78
C LYS L 90 20.23 16.70 -46.17
N ALA L 91 19.05 17.19 -46.57
CA ALA L 91 18.88 18.57 -46.98
C ALA L 91 19.20 19.57 -45.88
N VAL L 92 19.05 19.15 -44.63
CA VAL L 92 19.35 20.04 -43.53
C VAL L 92 20.68 19.68 -42.87
N GLY L 93 21.48 18.90 -43.58
CA GLY L 93 22.79 18.53 -43.09
C GLY L 93 22.89 17.38 -42.10
N VAL L 94 21.79 16.68 -41.87
CA VAL L 94 21.81 15.56 -40.94
C VAL L 94 21.61 14.24 -41.70
N ASN L 95 22.72 13.56 -41.96
CA ASN L 95 22.69 12.28 -42.65
C ASN L 95 22.63 11.26 -41.51
N TRP L 96 21.48 10.61 -41.37
CA TRP L 96 21.29 9.65 -40.29
C TRP L 96 22.32 8.53 -40.23
N VAL L 97 22.94 8.22 -41.36
CA VAL L 97 23.94 7.17 -41.36
C VAL L 97 25.35 7.70 -41.09
N THR L 98 25.75 8.73 -41.84
CA THR L 98 27.10 9.29 -41.72
C THR L 98 27.37 10.48 -40.80
N SER L 99 26.35 11.15 -40.29
CA SER L 99 26.60 12.29 -39.40
C SER L 99 27.10 11.84 -38.02
N PRO L 100 26.54 10.74 -37.48
CA PRO L 100 26.98 10.25 -36.16
C PRO L 100 28.39 9.68 -36.23
N PRO L 101 29.15 9.77 -35.12
CA PRO L 101 30.52 9.26 -35.05
C PRO L 101 30.70 7.82 -35.51
N THR L 102 29.66 7.00 -35.34
CA THR L 102 29.69 5.59 -35.72
C THR L 102 29.80 5.33 -37.22
N GLN L 103 29.20 6.20 -38.02
CA GLN L 103 29.15 6.05 -39.46
C GLN L 103 28.17 4.96 -39.85
N PHE L 104 27.31 4.59 -38.91
CA PHE L 104 26.25 3.62 -39.17
C PHE L 104 25.03 4.00 -38.37
N GLY L 105 24.87 5.31 -38.17
CA GLY L 105 23.77 5.85 -37.39
C GLY L 105 24.07 5.68 -35.92
N THR L 106 23.40 6.45 -35.06
CA THR L 106 23.66 6.28 -33.63
C THR L 106 23.15 4.89 -33.28
N PRO L 107 23.76 4.25 -32.28
CA PRO L 107 23.31 2.90 -31.90
C PRO L 107 21.85 2.84 -31.44
N SER L 108 21.42 3.89 -30.73
CA SER L 108 20.07 3.91 -30.18
C SER L 108 18.96 4.60 -30.99
N ASP L 109 19.33 5.46 -31.94
CA ASP L 109 18.32 6.16 -32.73
C ASP L 109 18.09 5.53 -34.11
N TYR L 110 19.06 4.72 -34.55
CA TYR L 110 18.98 4.03 -35.83
C TYR L 110 18.92 4.96 -37.05
N CYS L 111 18.59 4.41 -38.21
CA CYS L 111 18.55 5.20 -39.44
C CYS L 111 17.25 5.14 -40.22
N ASN L 112 16.12 5.32 -39.54
CA ASN L 112 14.86 5.29 -40.26
C ASN L 112 13.89 6.36 -39.77
N LEU L 113 14.20 7.60 -40.14
CA LEU L 113 13.36 8.73 -39.75
C LEU L 113 12.15 8.83 -40.67
N ARG L 114 10.98 9.02 -40.07
CA ARG L 114 9.77 9.21 -40.86
C ARG L 114 9.22 10.56 -40.42
N VAL L 115 8.76 11.34 -41.37
CA VAL L 115 8.19 12.65 -41.08
C VAL L 115 6.67 12.52 -41.23
N LEU L 116 5.94 12.89 -40.18
CA LEU L 116 4.48 12.81 -40.18
C LEU L 116 3.88 14.15 -40.55
N ALA L 117 3.20 14.20 -41.69
CA ALA L 117 2.62 15.45 -42.16
C ALA L 117 1.19 15.73 -41.70
N ASP L 118 1.04 16.79 -40.90
CA ASP L 118 -0.28 17.18 -40.44
C ASP L 118 -0.99 17.80 -41.65
N SER L 119 -2.30 17.90 -41.56
CA SER L 119 -3.11 18.49 -42.64
C SER L 119 -4.35 19.04 -41.97
N PRO L 120 -5.24 19.68 -42.74
CA PRO L 120 -6.46 20.23 -42.15
C PRO L 120 -7.32 19.14 -41.49
N THR L 121 -7.08 17.88 -41.83
CA THR L 121 -7.86 16.77 -41.27
C THR L 121 -7.03 15.75 -40.48
N LEU L 122 -5.76 16.06 -40.23
CA LEU L 122 -4.88 15.14 -39.51
C LEU L 122 -3.82 15.86 -38.69
N LYS L 123 -3.69 15.48 -37.42
CA LYS L 123 -2.70 16.08 -36.52
C LYS L 123 -2.01 14.98 -35.72
N HIS L 124 -0.69 14.91 -35.82
CA HIS L 124 0.08 13.89 -35.14
C HIS L 124 0.73 14.34 -33.83
N VAL L 125 0.95 13.38 -32.94
CA VAL L 125 1.65 13.61 -31.68
C VAL L 125 2.43 12.31 -31.44
N VAL L 126 3.66 12.44 -30.99
CA VAL L 126 4.53 11.28 -30.81
C VAL L 126 4.92 10.91 -29.38
N VAL L 127 5.12 9.60 -29.17
CA VAL L 127 5.52 9.08 -27.87
C VAL L 127 6.22 7.73 -28.06
N CYS L 128 6.90 7.28 -27.01
CA CYS L 128 7.55 5.97 -27.01
C CYS L 128 7.06 5.36 -25.71
N THR L 129 5.98 4.59 -25.79
CA THR L 129 5.41 3.99 -24.58
C THR L 129 6.37 3.03 -23.88
N LEU L 130 7.23 2.37 -24.67
CA LEU L 130 8.17 1.41 -24.10
C LEU L 130 9.37 2.07 -23.42
N CSD L 131 9.66 3.32 -23.80
CA CSD L 131 10.77 4.03 -23.22
CB CSD L 131 12.10 3.31 -23.39
SG CSD L 131 12.42 2.84 -25.13
C CSD L 131 10.89 5.53 -23.43
O CSD L 131 10.22 6.32 -22.78
OD1 CSD L 131 11.60 1.73 -25.49
OD2 CSD L 131 13.86 2.45 -25.28
N SER L 132 11.78 5.93 -24.34
CA SER L 132 11.97 7.35 -24.61
C SER L 132 12.50 7.56 -26.02
N CSO L 133 12.30 6.57 -26.88
CA CSO L 133 12.75 6.68 -28.26
CB CSO L 133 12.36 5.48 -29.14
SG CSO L 133 12.78 3.89 -28.34
C CSO L 133 12.44 8.04 -28.87
O CSO L 133 11.30 8.49 -28.86
OD CSO L 133 14.25 4.10 -28.11
N TYR L 134 13.47 8.69 -29.40
CA TYR L 134 13.36 10.06 -29.90
C TYR L 134 14.32 10.25 -31.08
N PRO L 135 13.99 11.14 -32.01
CA PRO L 135 14.85 11.39 -33.18
C PRO L 135 16.04 12.31 -32.85
N ARG L 136 16.87 11.88 -31.92
CA ARG L 136 18.01 12.68 -31.46
C ARG L 136 18.89 13.33 -32.53
N PRO L 137 19.32 12.56 -33.55
CA PRO L 137 20.18 13.14 -34.60
C PRO L 137 19.68 14.44 -35.21
N ILE L 138 18.37 14.56 -35.39
CA ILE L 138 17.81 15.75 -36.01
C ILE L 138 17.05 16.67 -35.04
N LEU L 139 16.75 16.16 -33.84
CA LEU L 139 15.98 16.95 -32.88
C LEU L 139 16.66 17.26 -31.54
N GLY L 140 17.73 16.54 -31.22
CA GLY L 140 18.40 16.78 -29.96
C GLY L 140 17.94 15.80 -28.88
N GLN L 141 18.18 16.14 -27.61
CA GLN L 141 17.80 15.26 -26.51
C GLN L 141 16.32 15.37 -26.14
N SER L 142 15.77 14.29 -25.61
CA SER L 142 14.36 14.23 -25.23
C SER L 142 14.04 15.00 -23.95
N PRO L 143 12.81 15.57 -23.88
CA PRO L 143 12.39 16.33 -22.70
C PRO L 143 12.19 15.38 -21.54
N GLU L 144 12.37 15.86 -20.32
CA GLU L 144 12.19 15.02 -19.13
C GLU L 144 10.80 14.40 -19.10
N TRP L 145 9.78 15.19 -19.38
CA TRP L 145 8.40 14.70 -19.36
C TRP L 145 8.09 13.67 -20.44
N TYR L 146 8.82 13.72 -21.55
CA TYR L 146 8.62 12.77 -22.64
C TYR L 146 9.02 11.36 -22.19
N ARG L 147 9.96 11.31 -21.25
CA ARG L 147 10.47 10.05 -20.70
C ARG L 147 9.64 9.53 -19.54
N SER L 148 8.73 10.34 -19.03
CA SER L 148 7.93 9.95 -17.88
C SER L 148 6.93 8.83 -18.07
N PRO L 149 6.81 7.95 -17.06
CA PRO L 149 5.85 6.84 -17.13
C PRO L 149 4.46 7.42 -17.40
N ASN L 150 4.20 8.59 -16.82
CA ASN L 150 2.91 9.26 -16.96
C ASN L 150 2.53 9.57 -18.40
N TYR L 151 3.43 10.23 -19.13
CA TYR L 151 3.19 10.59 -20.52
C TYR L 151 3.08 9.31 -21.38
N ARG L 152 3.93 8.34 -21.08
CA ARG L 152 3.97 7.07 -21.80
C ARG L 152 2.73 6.21 -21.56
N ARG L 153 2.11 6.36 -20.39
CA ARG L 153 0.90 5.62 -20.06
C ARG L 153 -0.33 6.26 -20.69
N ARG L 154 -0.45 7.57 -20.52
CA ARG L 154 -1.63 8.31 -20.97
C ARG L 154 -1.83 8.75 -22.42
N LEU L 155 -0.80 9.28 -23.07
CA LEU L 155 -0.96 9.78 -24.43
C LEU L 155 -1.65 8.86 -25.44
N VAL L 156 -1.26 7.60 -25.50
CA VAL L 156 -1.88 6.70 -26.47
C VAL L 156 -3.36 6.45 -26.25
N ARG L 157 -3.82 6.61 -25.01
CA ARG L 157 -5.21 6.34 -24.67
C ARG L 157 -6.11 7.56 -24.50
N TRP L 158 -5.55 8.64 -23.97
CA TRP L 158 -6.31 9.87 -23.76
C TRP L 158 -5.56 11.04 -24.41
N PRO L 159 -5.27 10.95 -25.72
CA PRO L 159 -4.54 12.02 -26.40
C PRO L 159 -5.20 13.39 -26.36
N ARG L 160 -6.51 13.44 -26.56
CA ARG L 160 -7.25 14.69 -26.53
C ARG L 160 -7.08 15.37 -25.16
N GLN L 161 -7.19 14.57 -24.11
CA GLN L 161 -7.05 15.09 -22.76
C GLN L 161 -5.63 15.55 -22.45
N VAL L 162 -4.64 14.75 -22.80
CA VAL L 162 -3.26 15.13 -22.54
C VAL L 162 -2.87 16.38 -23.34
N LEU L 163 -3.30 16.45 -24.60
CA LEU L 163 -2.98 17.61 -25.42
C LEU L 163 -3.62 18.88 -24.86
N ALA L 164 -4.83 18.75 -24.31
CA ALA L 164 -5.51 19.90 -23.73
C ALA L 164 -4.70 20.41 -22.54
N GLU L 165 -4.11 19.48 -21.79
CA GLU L 165 -3.30 19.85 -20.64
C GLU L 165 -2.11 20.68 -21.14
N PHE L 166 -1.62 20.33 -22.32
CA PHE L 166 -0.50 21.05 -22.94
C PHE L 166 -0.99 22.36 -23.58
N GLY L 167 -2.31 22.55 -23.60
CA GLY L 167 -2.87 23.76 -24.18
C GLY L 167 -3.18 23.67 -25.66
N LEU L 168 -3.30 22.45 -26.19
CA LEU L 168 -3.60 22.24 -27.59
C LEU L 168 -4.92 21.51 -27.77
N GLN L 169 -5.79 22.05 -28.60
CA GLN L 169 -7.08 21.43 -28.88
C GLN L 169 -7.38 21.52 -30.38
N LEU L 170 -7.91 20.42 -30.92
CA LEU L 170 -8.26 20.38 -32.34
C LEU L 170 -9.72 20.02 -32.51
N PRO L 171 -10.32 20.37 -33.67
CA PRO L 171 -11.73 20.05 -33.91
C PRO L 171 -11.97 18.56 -33.68
N SER L 172 -13.15 18.22 -33.17
CA SER L 172 -13.49 16.84 -32.88
C SER L 172 -13.46 15.95 -34.13
N GLU L 173 -13.75 16.53 -35.30
CA GLU L 173 -13.74 15.74 -36.53
C GLU L 173 -12.34 15.51 -37.08
N VAL L 174 -11.38 16.31 -36.65
CA VAL L 174 -10.00 16.16 -37.11
C VAL L 174 -9.44 14.86 -36.55
N GLN L 175 -8.66 14.15 -37.36
CA GLN L 175 -8.06 12.90 -36.92
C GLN L 175 -6.79 13.13 -36.13
N ILE L 176 -6.82 12.83 -34.84
CA ILE L 176 -5.63 12.97 -34.03
C ILE L 176 -4.97 11.59 -34.13
N ARG L 177 -3.72 11.55 -34.56
CA ARG L 177 -3.03 10.27 -34.67
C ARG L 177 -1.83 10.26 -33.74
N VAL L 178 -1.82 9.29 -32.83
CA VAL L 178 -0.70 9.15 -31.91
C VAL L 178 0.25 8.14 -32.54
N ALA L 179 1.52 8.50 -32.64
CA ALA L 179 2.53 7.60 -33.22
C ALA L 179 3.35 7.05 -32.06
N ASP L 180 3.37 5.74 -31.91
CA ASP L 180 4.15 5.11 -30.85
C ASP L 180 5.44 4.56 -31.46
N SER L 181 6.56 5.21 -31.16
CA SER L 181 7.88 4.82 -31.69
C SER L 181 8.41 3.62 -30.92
N ASN L 182 7.92 2.43 -31.23
CA ASN L 182 8.32 1.23 -30.51
C ASN L 182 9.40 0.36 -31.16
N GLN L 183 9.70 0.58 -32.44
CA GLN L 183 10.73 -0.21 -33.09
C GLN L 183 11.89 0.70 -33.54
N LYS L 184 12.38 0.52 -34.76
CA LYS L 184 13.52 1.33 -35.21
C LYS L 184 13.20 2.65 -35.91
N THR L 185 11.92 2.96 -36.06
CA THR L 185 11.54 4.22 -36.69
C THR L 185 11.43 5.32 -35.64
N ARG L 186 11.90 6.51 -35.99
CA ARG L 186 11.84 7.68 -35.13
C ARG L 186 11.04 8.70 -35.95
N TYR L 187 10.23 9.51 -35.29
CA TYR L 187 9.39 10.48 -36.01
C TYR L 187 9.57 11.94 -35.62
N ILE L 188 9.24 12.83 -36.55
CA ILE L 188 9.19 14.25 -36.27
C ILE L 188 7.88 14.66 -36.92
N VAL L 189 7.19 15.62 -36.32
CA VAL L 189 5.92 16.07 -36.85
C VAL L 189 6.08 17.32 -37.70
N MET L 190 5.47 17.31 -38.88
CA MET L 190 5.52 18.48 -39.75
C MET L 190 4.14 19.10 -39.57
N PRO L 191 4.05 20.16 -38.75
CA PRO L 191 2.76 20.83 -38.53
C PRO L 191 2.30 21.56 -39.78
N VAL L 192 1.02 21.92 -39.82
CA VAL L 192 0.51 22.68 -40.95
C VAL L 192 1.05 24.09 -40.77
N ARG L 193 1.29 24.78 -41.88
CA ARG L 193 1.80 26.15 -41.81
C ARG L 193 0.69 27.04 -41.25
N PRO L 194 0.98 27.80 -40.19
CA PRO L 194 -0.03 28.68 -39.59
C PRO L 194 -0.35 29.95 -40.38
N GLU L 195 -1.52 30.51 -40.10
CA GLU L 195 -1.98 31.73 -40.74
C GLU L 195 -1.10 32.89 -40.30
N GLY L 196 -0.99 33.91 -41.14
CA GLY L 196 -0.19 35.07 -40.81
C GLY L 196 1.30 34.91 -41.05
N THR L 197 1.67 34.10 -42.02
CA THR L 197 3.10 33.90 -42.32
C THR L 197 3.36 34.12 -43.81
N ASP L 198 2.44 34.80 -44.47
CA ASP L 198 2.57 35.09 -45.89
C ASP L 198 3.86 35.85 -46.19
N GLY L 199 4.64 35.34 -47.14
CA GLY L 199 5.88 35.99 -47.51
C GLY L 199 7.05 35.75 -46.57
N TRP L 200 6.83 34.96 -45.52
CA TRP L 200 7.90 34.68 -44.56
C TRP L 200 9.05 33.91 -45.20
N THR L 201 10.26 34.18 -44.72
CA THR L 201 11.45 33.51 -45.23
C THR L 201 11.59 32.16 -44.51
N GLU L 202 12.52 31.35 -44.97
CA GLU L 202 12.75 30.04 -44.38
C GLU L 202 13.14 30.19 -42.91
N ASP L 203 14.00 31.17 -42.61
CA ASP L 203 14.43 31.39 -41.23
C ASP L 203 13.27 31.81 -40.34
N GLN L 204 12.41 32.68 -40.86
CA GLN L 204 11.25 33.14 -40.12
C GLN L 204 10.31 31.99 -39.79
N LEU L 205 10.08 31.14 -40.78
CA LEU L 205 9.20 29.98 -40.61
C LEU L 205 9.79 28.96 -39.65
N ALA L 206 11.08 28.66 -39.82
CA ALA L 206 11.75 27.70 -38.97
C ALA L 206 11.77 28.13 -37.51
N GLU L 207 11.84 29.45 -37.30
CA GLU L 207 11.89 30.00 -35.95
C GLU L 207 10.68 29.69 -35.06
N ILE L 208 9.51 29.53 -35.65
CA ILE L 208 8.32 29.22 -34.84
C ILE L 208 8.04 27.71 -34.72
N VAL L 209 8.85 26.89 -35.37
CA VAL L 209 8.68 25.45 -35.28
C VAL L 209 9.56 24.98 -34.14
N THR L 210 9.00 25.01 -32.94
CA THR L 210 9.73 24.64 -31.73
C THR L 210 9.83 23.13 -31.57
N ARG L 211 10.62 22.71 -30.58
CA ARG L 211 10.80 21.30 -30.28
C ARG L 211 9.41 20.70 -29.99
N ASP L 212 8.61 21.40 -29.20
CA ASP L 212 7.27 20.91 -28.85
C ASP L 212 6.39 20.71 -30.09
N CYS L 213 6.57 21.56 -31.10
CA CYS L 213 5.80 21.43 -32.33
C CYS L 213 6.23 20.17 -33.08
N LEU L 214 7.52 19.85 -32.98
CA LEU L 214 8.07 18.68 -33.65
C LEU L 214 7.72 17.38 -32.93
N ILE L 215 7.32 17.48 -31.66
CA ILE L 215 6.90 16.30 -30.89
C ILE L 215 5.40 16.18 -31.13
N GLY L 216 4.74 17.32 -31.29
CA GLY L 216 3.30 17.32 -31.53
C GLY L 216 2.42 17.81 -30.40
N VAL L 217 3.02 18.23 -29.28
CA VAL L 217 2.24 18.71 -28.15
C VAL L 217 1.91 20.19 -28.27
N ALA L 218 2.35 20.81 -29.36
CA ALA L 218 2.08 22.22 -29.62
C ALA L 218 2.06 22.43 -31.13
N VAL L 219 1.49 23.55 -31.56
CA VAL L 219 1.46 23.87 -32.97
C VAL L 219 2.16 25.22 -33.15
N PRO L 220 2.83 25.42 -34.29
CA PRO L 220 3.53 26.68 -34.53
C PRO L 220 2.61 27.90 -34.55
N LYS L 221 3.07 28.99 -33.95
CA LYS L 221 2.32 30.24 -33.89
C LYS L 221 3.24 31.44 -34.13
N PRO L 222 2.82 32.36 -35.00
CA PRO L 222 3.67 33.54 -35.27
C PRO L 222 3.95 34.25 -33.96
N GLY L 223 5.20 34.67 -33.75
CA GLY L 223 5.54 35.36 -32.52
C GLY L 223 5.97 34.47 -31.37
N ILE L 224 5.68 33.17 -31.47
CA ILE L 224 6.07 32.21 -30.43
C ILE L 224 7.28 31.47 -30.97
N THR L 225 8.44 31.72 -30.40
CA THR L 225 9.66 31.08 -30.87
C THR L 225 10.38 30.19 -29.86
N VAL L 226 9.74 29.92 -28.73
CA VAL L 226 10.31 29.05 -27.71
C VAL L 226 9.21 28.17 -27.16
N ASN L 227 9.59 27.01 -26.60
CA ASN L 227 8.61 26.10 -26.03
C ASN L 227 7.87 26.84 -24.92
N ALA L 228 6.63 26.45 -24.66
CA ALA L 228 5.86 27.08 -23.60
C ALA L 228 6.62 26.90 -22.30
N LYS L 229 6.61 27.94 -21.47
CA LYS L 229 7.31 27.90 -20.18
C LYS L 229 6.67 26.86 -19.28
N ARG L 230 7.50 25.99 -18.71
CA ARG L 230 7.04 24.95 -17.79
C ARG L 230 7.98 24.92 -16.61
N PRO L 231 7.59 24.23 -15.53
CA PRO L 231 8.47 24.17 -14.37
C PRO L 231 9.76 23.47 -14.77
N VAL L 232 10.88 23.89 -14.18
CA VAL L 232 12.17 23.28 -14.48
C VAL L 232 12.79 22.75 -13.21
N LEU L 233 12.91 21.43 -13.11
CA LEU L 233 13.52 20.82 -11.92
C LEU L 233 15.04 20.94 -12.07
N LYS L 234 15.66 21.57 -11.08
CA LYS L 234 17.10 21.78 -11.08
C LYS L 234 17.90 20.52 -10.79
N ALA L 235 19.06 20.39 -11.41
CA ALA L 235 19.93 19.25 -11.20
C ALA L 235 20.81 19.53 -9.98
N ASN L 236 21.33 18.48 -9.37
CA ASN L 236 22.20 18.64 -8.22
C ASN L 236 23.56 19.20 -8.66
N ARG L 237 24.05 18.72 -9.80
CA ARG L 237 25.33 19.17 -10.35
C ARG L 237 25.20 19.16 -11.87
N PRO L 238 24.61 20.23 -12.45
CA PRO L 238 24.37 20.40 -13.89
C PRO L 238 25.60 20.57 -14.77
N VAL L 239 25.45 20.19 -16.04
CA VAL L 239 26.52 20.27 -17.02
C VAL L 239 26.92 21.72 -17.27
CO 3CO M . 19.42 -21.74 0.44
O1 TLA N . 19.28 -25.68 -3.90
O11 TLA N . 20.54 -24.97 -2.20
C1 TLA N . 19.70 -24.77 -3.06
C2 TLA N . 19.23 -23.29 -3.09
O2 TLA N . 19.19 -22.79 -1.71
C3 TLA N . 17.88 -23.23 -3.75
O3 TLA N . 16.92 -23.99 -3.03
C4 TLA N . 17.44 -21.80 -3.89
O4 TLA N . 18.03 -21.08 -4.77
O41 TLA N . 16.49 -21.39 -3.18
O1 TLA O . -7.57 6.24 30.71
O11 TLA O . -8.44 4.22 31.10
C1 TLA O . -8.18 5.14 30.35
C2 TLA O . -8.77 4.89 28.95
O2 TLA O . -8.69 3.45 28.67
C3 TLA O . -7.98 5.68 27.92
O3 TLA O . -6.61 5.33 27.91
C4 TLA O . -8.60 5.50 26.56
O4 TLA O . -9.69 6.09 26.32
O41 TLA O . -8.00 4.79 25.74
CO 3CO P . -7.27 0.81 28.28
CO 3CO Q . -23.85 16.51 -2.42
O1 TLA R . -28.59 13.75 -0.12
O11 TLA R . -27.84 15.24 -1.62
C1 TLA R . -27.67 14.46 -0.69
C2 TLA R . -26.19 14.49 -0.18
O2 TLA R . -25.32 14.80 -1.35
C3 TLA R . -25.85 13.14 0.42
O3 TLA R . -25.92 12.12 -0.56
C4 TLA R . -24.49 13.19 1.04
O4 TLA R . -24.37 13.85 2.12
O41 TLA R . -23.55 12.60 0.47
CO 3CO S . 12.22 4.78 -26.16
O1 TLA T . 18.21 5.57 -26.14
O11 TLA T . 16.41 5.63 -27.48
C1 TLA T . 16.97 5.29 -26.45
C2 TLA T . 16.07 4.38 -25.58
O2 TLA T . 14.67 4.86 -25.71
C3 TLA T . 16.55 4.45 -24.15
O3 TLA T . 16.45 5.78 -23.66
C4 TLA T . 15.76 3.52 -23.28
O4 TLA T . 15.97 2.25 -23.42
O41 TLA T . 14.92 4.00 -22.49
#